data_2ANO
# 
_entry.id   2ANO 
# 
_audit_conform.dict_name       mmcif_pdbx.dic 
_audit_conform.dict_version    5.387 
_audit_conform.dict_location   http://mmcif.pdb.org/dictionaries/ascii/mmcif_pdbx.dic 
# 
loop_
_database_2.database_id 
_database_2.database_code 
_database_2.pdbx_database_accession 
_database_2.pdbx_DOI 
PDB   2ANO         pdb_00002ano 10.2210/pdb2ano/pdb 
RCSB  RCSB034104   ?            ?                   
WWPDB D_1000034104 ?            ?                   
# 
loop_
_pdbx_audit_revision_history.ordinal 
_pdbx_audit_revision_history.data_content_type 
_pdbx_audit_revision_history.major_revision 
_pdbx_audit_revision_history.minor_revision 
_pdbx_audit_revision_history.revision_date 
1 'Structure model' 1 0 2006-07-25 
2 'Structure model' 1 1 2008-04-30 
3 'Structure model' 1 2 2011-07-13 
4 'Structure model' 1 3 2021-10-20 
5 'Structure model' 1 4 2024-02-14 
# 
_pdbx_audit_revision_details.ordinal             1 
_pdbx_audit_revision_details.revision_ordinal    1 
_pdbx_audit_revision_details.data_content_type   'Structure model' 
_pdbx_audit_revision_details.provider            repository 
_pdbx_audit_revision_details.type                'Initial release' 
_pdbx_audit_revision_details.description         ? 
_pdbx_audit_revision_details.details             ? 
# 
loop_
_pdbx_audit_revision_group.ordinal 
_pdbx_audit_revision_group.revision_ordinal 
_pdbx_audit_revision_group.data_content_type 
_pdbx_audit_revision_group.group 
1 2 'Structure model' 'Version format compliance' 
2 3 'Structure model' 'Version format compliance' 
3 4 'Structure model' 'Database references'       
4 4 'Structure model' 'Derived calculations'      
5 5 'Structure model' 'Data collection'           
# 
loop_
_pdbx_audit_revision_category.ordinal 
_pdbx_audit_revision_category.revision_ordinal 
_pdbx_audit_revision_category.data_content_type 
_pdbx_audit_revision_category.category 
1 4 'Structure model' database_2             
2 4 'Structure model' pdbx_struct_conn_angle 
3 4 'Structure model' struct_conn            
4 4 'Structure model' struct_ref_seq_dif     
5 4 'Structure model' struct_site            
6 5 'Structure model' chem_comp_atom         
7 5 'Structure model' chem_comp_bond         
# 
loop_
_pdbx_audit_revision_item.ordinal 
_pdbx_audit_revision_item.revision_ordinal 
_pdbx_audit_revision_item.data_content_type 
_pdbx_audit_revision_item.item 
1  4 'Structure model' '_database_2.pdbx_DOI'                        
2  4 'Structure model' '_database_2.pdbx_database_accession'         
3  4 'Structure model' '_pdbx_struct_conn_angle.ptnr1_auth_comp_id'  
4  4 'Structure model' '_pdbx_struct_conn_angle.ptnr1_auth_seq_id'   
5  4 'Structure model' '_pdbx_struct_conn_angle.ptnr1_label_asym_id' 
6  4 'Structure model' '_pdbx_struct_conn_angle.ptnr1_label_atom_id' 
7  4 'Structure model' '_pdbx_struct_conn_angle.ptnr1_label_comp_id' 
8  4 'Structure model' '_pdbx_struct_conn_angle.ptnr1_label_seq_id'  
9  4 'Structure model' '_pdbx_struct_conn_angle.ptnr1_symmetry'      
10 4 'Structure model' '_pdbx_struct_conn_angle.ptnr3_auth_comp_id'  
11 4 'Structure model' '_pdbx_struct_conn_angle.ptnr3_auth_seq_id'   
12 4 'Structure model' '_pdbx_struct_conn_angle.ptnr3_label_asym_id' 
13 4 'Structure model' '_pdbx_struct_conn_angle.ptnr3_label_atom_id' 
14 4 'Structure model' '_pdbx_struct_conn_angle.ptnr3_label_comp_id' 
15 4 'Structure model' '_pdbx_struct_conn_angle.ptnr3_label_seq_id'  
16 4 'Structure model' '_pdbx_struct_conn_angle.ptnr3_symmetry'      
17 4 'Structure model' '_pdbx_struct_conn_angle.value'               
18 4 'Structure model' '_struct_conn.pdbx_dist_value'                
19 4 'Structure model' '_struct_conn.ptnr1_auth_comp_id'             
20 4 'Structure model' '_struct_conn.ptnr1_auth_seq_id'              
21 4 'Structure model' '_struct_conn.ptnr1_label_asym_id'            
22 4 'Structure model' '_struct_conn.ptnr1_label_atom_id'            
23 4 'Structure model' '_struct_conn.ptnr1_label_comp_id'            
24 4 'Structure model' '_struct_conn.ptnr1_label_seq_id'             
25 4 'Structure model' '_struct_conn.ptnr1_symmetry'                 
26 4 'Structure model' '_struct_conn.ptnr2_auth_comp_id'             
27 4 'Structure model' '_struct_conn.ptnr2_auth_seq_id'              
28 4 'Structure model' '_struct_conn.ptnr2_label_asym_id'            
29 4 'Structure model' '_struct_conn.ptnr2_label_atom_id'            
30 4 'Structure model' '_struct_conn.ptnr2_label_comp_id'            
31 4 'Structure model' '_struct_conn.ptnr2_label_seq_id'             
32 4 'Structure model' '_struct_conn.ptnr2_symmetry'                 
33 4 'Structure model' '_struct_ref_seq_dif.details'                 
34 4 'Structure model' '_struct_site.pdbx_auth_asym_id'              
35 4 'Structure model' '_struct_site.pdbx_auth_comp_id'              
36 4 'Structure model' '_struct_site.pdbx_auth_seq_id'               
# 
_pdbx_database_status.entry_id                        2ANO 
_pdbx_database_status.deposit_site                    RCSB 
_pdbx_database_status.process_site                    RCSB 
_pdbx_database_status.recvd_initial_deposition_date   2005-08-11 
_pdbx_database_status.status_code                     REL 
_pdbx_database_status.status_code_sf                  REL 
_pdbx_database_status.status_code_mr                  ? 
_pdbx_database_status.SG_entry                        ? 
_pdbx_database_status.status_code_cs                  ? 
_pdbx_database_status.methods_development_category    ? 
_pdbx_database_status.pdb_format_compatible           Y 
_pdbx_database_status.status_code_nmr_data            ? 
# 
loop_
_audit_author.name 
_audit_author.pdbx_ordinal 
'Summerfield, R.L.' 1 
'Daigle, D.M.'      2 
'Mayer, S.'         3 
'Jackson, S.G.'     4 
'Organ, M.'         5 
'Hughes, D.W.'      6 
'Brown, E.D.'       7 
'Junop, M.S.'       8 
# 
_citation.id                        primary 
_citation.title                     
;A 2.13 A Structure of E. coli Dihydrofolate Reductase Bound to a Novel Competitive Inhibitor Reveals a New Binding Surface Involving the M20 Loop Region
;
_citation.journal_abbrev            J.Med.Chem. 
_citation.journal_volume            49 
_citation.page_first                6977 
_citation.page_last                 6986 
_citation.year                      2006 
_citation.journal_id_ASTM           JMCMAR 
_citation.country                   US 
_citation.journal_id_ISSN           0022-2623 
_citation.journal_id_CSD            0151 
_citation.book_publisher            ? 
_citation.pdbx_database_id_PubMed   17125251 
_citation.pdbx_database_id_DOI      10.1021/jm060570v 
# 
loop_
_citation_author.citation_id 
_citation_author.name 
_citation_author.ordinal 
_citation_author.identifier_ORCID 
primary 'Summerfield, R.L.' 1  ? 
primary 'Daigle, D.M.'      2  ? 
primary 'Mayer, S.'         3  ? 
primary 'Mallik, D.'        4  ? 
primary 'Hughes, D.W.'      5  ? 
primary 'Jackson, S.G.'     6  ? 
primary 'Sulek, M.'         7  ? 
primary 'Organ, M.G.'       8  ? 
primary 'Brown, E.D.'       9  ? 
primary 'Junop, M.S.'       10 ? 
# 
loop_
_entity.id 
_entity.type 
_entity.src_method 
_entity.pdbx_description 
_entity.formula_weight 
_entity.pdbx_number_of_molecules 
_entity.pdbx_ec 
_entity.pdbx_mutation 
_entity.pdbx_fragment 
_entity.details 
1 polymer     man 'Dihydrofolate reductase'                                                    18020.326 1   1.5.1.3 ? ? ? 
2 non-polymer syn 'MANGANESE (II) ION'                                                         54.938    1   ?       ? ? ? 
3 non-polymer syn 'NADPH DIHYDRO-NICOTINAMIDE-ADENINE-DINUCLEOTIDE PHOSPHATE'                  745.421   1   ?       ? ? ? 
4 non-polymer syn '1-{[N-(1-IMINO-GUANIDINO-METHYL)]SULFANYLMETHYL}-3-TRIFLUOROMETHYL-BENZENE' 276.281   1   ?       ? ? ? 
5 water       nat water                                                                        18.015    118 ?       ? ? ? 
# 
_entity_poly.entity_id                      1 
_entity_poly.type                           'polypeptide(L)' 
_entity_poly.nstd_linkage                   no 
_entity_poly.nstd_monomer                   no 
_entity_poly.pdbx_seq_one_letter_code       
;MISLIAALAVDRVIGMENAMPWNLPADLAWFKRNTLDKPVIMGRHTWESIGRPLPGRKNIILSSQPGTDDRVTWVKSVDE
AIAACGDVPEIMVIGGGRVYEQFLPKAQKLYLTHIDAEVEGDTHFPDYEPDDWESVFSEFHDADAQNSHSYCFEILERR
;
_entity_poly.pdbx_seq_one_letter_code_can   
;MISLIAALAVDRVIGMENAMPWNLPADLAWFKRNTLDKPVIMGRHTWESIGRPLPGRKNIILSSQPGTDDRVTWVKSVDE
AIAACGDVPEIMVIGGGRVYEQFLPKAQKLYLTHIDAEVEGDTHFPDYEPDDWESVFSEFHDADAQNSHSYCFEILERR
;
_entity_poly.pdbx_strand_id                 A 
_entity_poly.pdbx_target_identifier         ? 
# 
loop_
_pdbx_entity_nonpoly.entity_id 
_pdbx_entity_nonpoly.name 
_pdbx_entity_nonpoly.comp_id 
2 'MANGANESE (II) ION'                                                         MN  
3 'NADPH DIHYDRO-NICOTINAMIDE-ADENINE-DINUCLEOTIDE PHOSPHATE'                  NDP 
4 '1-{[N-(1-IMINO-GUANIDINO-METHYL)]SULFANYLMETHYL}-3-TRIFLUOROMETHYL-BENZENE' 817 
5 water                                                                        HOH 
# 
loop_
_entity_poly_seq.entity_id 
_entity_poly_seq.num 
_entity_poly_seq.mon_id 
_entity_poly_seq.hetero 
1 1   MET n 
1 2   ILE n 
1 3   SER n 
1 4   LEU n 
1 5   ILE n 
1 6   ALA n 
1 7   ALA n 
1 8   LEU n 
1 9   ALA n 
1 10  VAL n 
1 11  ASP n 
1 12  ARG n 
1 13  VAL n 
1 14  ILE n 
1 15  GLY n 
1 16  MET n 
1 17  GLU n 
1 18  ASN n 
1 19  ALA n 
1 20  MET n 
1 21  PRO n 
1 22  TRP n 
1 23  ASN n 
1 24  LEU n 
1 25  PRO n 
1 26  ALA n 
1 27  ASP n 
1 28  LEU n 
1 29  ALA n 
1 30  TRP n 
1 31  PHE n 
1 32  LYS n 
1 33  ARG n 
1 34  ASN n 
1 35  THR n 
1 36  LEU n 
1 37  ASP n 
1 38  LYS n 
1 39  PRO n 
1 40  VAL n 
1 41  ILE n 
1 42  MET n 
1 43  GLY n 
1 44  ARG n 
1 45  HIS n 
1 46  THR n 
1 47  TRP n 
1 48  GLU n 
1 49  SER n 
1 50  ILE n 
1 51  GLY n 
1 52  ARG n 
1 53  PRO n 
1 54  LEU n 
1 55  PRO n 
1 56  GLY n 
1 57  ARG n 
1 58  LYS n 
1 59  ASN n 
1 60  ILE n 
1 61  ILE n 
1 62  LEU n 
1 63  SER n 
1 64  SER n 
1 65  GLN n 
1 66  PRO n 
1 67  GLY n 
1 68  THR n 
1 69  ASP n 
1 70  ASP n 
1 71  ARG n 
1 72  VAL n 
1 73  THR n 
1 74  TRP n 
1 75  VAL n 
1 76  LYS n 
1 77  SER n 
1 78  VAL n 
1 79  ASP n 
1 80  GLU n 
1 81  ALA n 
1 82  ILE n 
1 83  ALA n 
1 84  ALA n 
1 85  CYS n 
1 86  GLY n 
1 87  ASP n 
1 88  VAL n 
1 89  PRO n 
1 90  GLU n 
1 91  ILE n 
1 92  MET n 
1 93  VAL n 
1 94  ILE n 
1 95  GLY n 
1 96  GLY n 
1 97  GLY n 
1 98  ARG n 
1 99  VAL n 
1 100 TYR n 
1 101 GLU n 
1 102 GLN n 
1 103 PHE n 
1 104 LEU n 
1 105 PRO n 
1 106 LYS n 
1 107 ALA n 
1 108 GLN n 
1 109 LYS n 
1 110 LEU n 
1 111 TYR n 
1 112 LEU n 
1 113 THR n 
1 114 HIS n 
1 115 ILE n 
1 116 ASP n 
1 117 ALA n 
1 118 GLU n 
1 119 VAL n 
1 120 GLU n 
1 121 GLY n 
1 122 ASP n 
1 123 THR n 
1 124 HIS n 
1 125 PHE n 
1 126 PRO n 
1 127 ASP n 
1 128 TYR n 
1 129 GLU n 
1 130 PRO n 
1 131 ASP n 
1 132 ASP n 
1 133 TRP n 
1 134 GLU n 
1 135 SER n 
1 136 VAL n 
1 137 PHE n 
1 138 SER n 
1 139 GLU n 
1 140 PHE n 
1 141 HIS n 
1 142 ASP n 
1 143 ALA n 
1 144 ASP n 
1 145 ALA n 
1 146 GLN n 
1 147 ASN n 
1 148 SER n 
1 149 HIS n 
1 150 SER n 
1 151 TYR n 
1 152 CYS n 
1 153 PHE n 
1 154 GLU n 
1 155 ILE n 
1 156 LEU n 
1 157 GLU n 
1 158 ARG n 
1 159 ARG n 
# 
_entity_src_gen.entity_id                          1 
_entity_src_gen.pdbx_src_id                        1 
_entity_src_gen.pdbx_alt_source_flag               sample 
_entity_src_gen.pdbx_seq_type                      ? 
_entity_src_gen.pdbx_beg_seq_num                   ? 
_entity_src_gen.pdbx_end_seq_num                   ? 
_entity_src_gen.gene_src_common_name               ? 
_entity_src_gen.gene_src_genus                     Escherichia 
_entity_src_gen.pdbx_gene_src_gene                 'folA, tmrA' 
_entity_src_gen.gene_src_species                   ? 
_entity_src_gen.gene_src_strain                    ? 
_entity_src_gen.gene_src_tissue                    ? 
_entity_src_gen.gene_src_tissue_fraction           ? 
_entity_src_gen.gene_src_details                   ? 
_entity_src_gen.pdbx_gene_src_fragment             ? 
_entity_src_gen.pdbx_gene_src_scientific_name      'Escherichia coli' 
_entity_src_gen.pdbx_gene_src_ncbi_taxonomy_id     562 
_entity_src_gen.pdbx_gene_src_variant              ? 
_entity_src_gen.pdbx_gene_src_cell_line            ? 
_entity_src_gen.pdbx_gene_src_atcc                 ? 
_entity_src_gen.pdbx_gene_src_organ                ? 
_entity_src_gen.pdbx_gene_src_organelle            ? 
_entity_src_gen.pdbx_gene_src_cell                 ? 
_entity_src_gen.pdbx_gene_src_cellular_location    ? 
_entity_src_gen.host_org_common_name               ? 
_entity_src_gen.pdbx_host_org_scientific_name      'Escherichia coli BL21(DE3)' 
_entity_src_gen.pdbx_host_org_ncbi_taxonomy_id     469008 
_entity_src_gen.host_org_genus                     Escherichia 
_entity_src_gen.pdbx_host_org_gene                 ? 
_entity_src_gen.pdbx_host_org_organ                ? 
_entity_src_gen.host_org_species                   'Escherichia coli' 
_entity_src_gen.pdbx_host_org_tissue               ? 
_entity_src_gen.pdbx_host_org_tissue_fraction      ? 
_entity_src_gen.pdbx_host_org_strain               'BL21(DE3)' 
_entity_src_gen.pdbx_host_org_variant              ? 
_entity_src_gen.pdbx_host_org_cell_line            ? 
_entity_src_gen.pdbx_host_org_atcc                 ? 
_entity_src_gen.pdbx_host_org_culture_collection   ? 
_entity_src_gen.pdbx_host_org_cell                 ? 
_entity_src_gen.pdbx_host_org_organelle            ? 
_entity_src_gen.pdbx_host_org_cellular_location    ? 
_entity_src_gen.pdbx_host_org_vector_type          Plasmid 
_entity_src_gen.pdbx_host_org_vector               ? 
_entity_src_gen.host_org_details                   ? 
_entity_src_gen.expression_system_id               ? 
_entity_src_gen.plasmid_name                       'pFW117.1 DHFR' 
_entity_src_gen.plasmid_details                    ? 
_entity_src_gen.pdbx_description                   ? 
# 
loop_
_chem_comp.id 
_chem_comp.type 
_chem_comp.mon_nstd_flag 
_chem_comp.name 
_chem_comp.pdbx_synonyms 
_chem_comp.formula 
_chem_comp.formula_weight 
817 non-polymer         . '1-{[N-(1-IMINO-GUANIDINO-METHYL)]SULFANYLMETHYL}-3-TRIFLUOROMETHYL-BENZENE' 
'3-(TRIFLUOROMETHYL)BENZYL N-[(E)-AMINO(IMINO)METHYL]IMIDOTHIOCARBAMATE' 'C10 H11 F3 N4 S'   276.281 
ALA 'L-peptide linking' y ALANINE                                                                      ? 'C3 H7 N O2'        
89.093  
ARG 'L-peptide linking' y ARGININE                                                                     ? 'C6 H15 N4 O2 1'    
175.209 
ASN 'L-peptide linking' y ASPARAGINE                                                                   ? 'C4 H8 N2 O3'       
132.118 
ASP 'L-peptide linking' y 'ASPARTIC ACID'                                                              ? 'C4 H7 N O4'        
133.103 
CYS 'L-peptide linking' y CYSTEINE                                                                     ? 'C3 H7 N O2 S'      
121.158 
GLN 'L-peptide linking' y GLUTAMINE                                                                    ? 'C5 H10 N2 O3'      
146.144 
GLU 'L-peptide linking' y 'GLUTAMIC ACID'                                                              ? 'C5 H9 N O4'        
147.129 
GLY 'peptide linking'   y GLYCINE                                                                      ? 'C2 H5 N O2'        
75.067  
HIS 'L-peptide linking' y HISTIDINE                                                                    ? 'C6 H10 N3 O2 1'    
156.162 
HOH non-polymer         . WATER                                                                        ? 'H2 O'              
18.015  
ILE 'L-peptide linking' y ISOLEUCINE                                                                   ? 'C6 H13 N O2'       
131.173 
LEU 'L-peptide linking' y LEUCINE                                                                      ? 'C6 H13 N O2'       
131.173 
LYS 'L-peptide linking' y LYSINE                                                                       ? 'C6 H15 N2 O2 1'    
147.195 
MET 'L-peptide linking' y METHIONINE                                                                   ? 'C5 H11 N O2 S'     
149.211 
MN  non-polymer         . 'MANGANESE (II) ION'                                                         ? 'Mn 2'              
54.938  
NDP non-polymer         . 'NADPH DIHYDRO-NICOTINAMIDE-ADENINE-DINUCLEOTIDE PHOSPHATE'                  ? 'C21 H30 N7 O17 P3' 
745.421 
PHE 'L-peptide linking' y PHENYLALANINE                                                                ? 'C9 H11 N O2'       
165.189 
PRO 'L-peptide linking' y PROLINE                                                                      ? 'C5 H9 N O2'        
115.130 
SER 'L-peptide linking' y SERINE                                                                       ? 'C3 H7 N O3'        
105.093 
THR 'L-peptide linking' y THREONINE                                                                    ? 'C4 H9 N O3'        
119.119 
TRP 'L-peptide linking' y TRYPTOPHAN                                                                   ? 'C11 H12 N2 O2'     
204.225 
TYR 'L-peptide linking' y TYROSINE                                                                     ? 'C9 H11 N O3'       
181.189 
VAL 'L-peptide linking' y VALINE                                                                       ? 'C5 H11 N O2'       
117.146 
# 
loop_
_pdbx_poly_seq_scheme.asym_id 
_pdbx_poly_seq_scheme.entity_id 
_pdbx_poly_seq_scheme.seq_id 
_pdbx_poly_seq_scheme.mon_id 
_pdbx_poly_seq_scheme.ndb_seq_num 
_pdbx_poly_seq_scheme.pdb_seq_num 
_pdbx_poly_seq_scheme.auth_seq_num 
_pdbx_poly_seq_scheme.pdb_mon_id 
_pdbx_poly_seq_scheme.auth_mon_id 
_pdbx_poly_seq_scheme.pdb_strand_id 
_pdbx_poly_seq_scheme.pdb_ins_code 
_pdbx_poly_seq_scheme.hetero 
A 1 1   MET 1   1   1   MET MET A . n 
A 1 2   ILE 2   2   2   ILE ILE A . n 
A 1 3   SER 3   3   3   SER SER A . n 
A 1 4   LEU 4   4   4   LEU LEU A . n 
A 1 5   ILE 5   5   5   ILE ILE A . n 
A 1 6   ALA 6   6   6   ALA ALA A . n 
A 1 7   ALA 7   7   7   ALA ALA A . n 
A 1 8   LEU 8   8   8   LEU LEU A . n 
A 1 9   ALA 9   9   9   ALA ALA A . n 
A 1 10  VAL 10  10  10  VAL VAL A . n 
A 1 11  ASP 11  11  11  ASP ASP A . n 
A 1 12  ARG 12  12  12  ARG ARG A . n 
A 1 13  VAL 13  13  13  VAL VAL A . n 
A 1 14  ILE 14  14  14  ILE ILE A . n 
A 1 15  GLY 15  15  15  GLY GLY A . n 
A 1 16  MET 16  16  16  MET MET A . n 
A 1 17  GLU 17  17  17  GLU GLU A . n 
A 1 18  ASN 18  18  18  ASN ASN A . n 
A 1 19  ALA 19  19  19  ALA ALA A . n 
A 1 20  MET 20  20  20  MET MET A . n 
A 1 21  PRO 21  21  21  PRO PRO A . n 
A 1 22  TRP 22  22  22  TRP TRP A . n 
A 1 23  ASN 23  23  23  ASN ASN A . n 
A 1 24  LEU 24  24  24  LEU LEU A . n 
A 1 25  PRO 25  25  25  PRO PRO A . n 
A 1 26  ALA 26  26  26  ALA ALA A . n 
A 1 27  ASP 27  27  27  ASP ASP A . n 
A 1 28  LEU 28  28  28  LEU LEU A . n 
A 1 29  ALA 29  29  29  ALA ALA A . n 
A 1 30  TRP 30  30  30  TRP TRP A . n 
A 1 31  PHE 31  31  31  PHE PHE A . n 
A 1 32  LYS 32  32  32  LYS LYS A . n 
A 1 33  ARG 33  33  33  ARG ARG A . n 
A 1 34  ASN 34  34  34  ASN ASN A . n 
A 1 35  THR 35  35  35  THR THR A . n 
A 1 36  LEU 36  36  36  LEU LEU A . n 
A 1 37  ASP 37  37  37  ASP ASP A . n 
A 1 38  LYS 38  38  38  LYS LYS A . n 
A 1 39  PRO 39  39  39  PRO PRO A . n 
A 1 40  VAL 40  40  40  VAL VAL A . n 
A 1 41  ILE 41  41  41  ILE ILE A . n 
A 1 42  MET 42  42  42  MET MET A . n 
A 1 43  GLY 43  43  43  GLY GLY A . n 
A 1 44  ARG 44  44  44  ARG ARG A . n 
A 1 45  HIS 45  45  45  HIS HIS A . n 
A 1 46  THR 46  46  46  THR THR A . n 
A 1 47  TRP 47  47  47  TRP TRP A . n 
A 1 48  GLU 48  48  48  GLU GLU A . n 
A 1 49  SER 49  49  49  SER SER A . n 
A 1 50  ILE 50  50  50  ILE ILE A . n 
A 1 51  GLY 51  51  51  GLY GLY A . n 
A 1 52  ARG 52  52  52  ARG ARG A . n 
A 1 53  PRO 53  53  53  PRO PRO A . n 
A 1 54  LEU 54  54  54  LEU LEU A . n 
A 1 55  PRO 55  55  55  PRO PRO A . n 
A 1 56  GLY 56  56  56  GLY GLY A . n 
A 1 57  ARG 57  57  57  ARG ARG A . n 
A 1 58  LYS 58  58  58  LYS LYS A . n 
A 1 59  ASN 59  59  59  ASN ASN A . n 
A 1 60  ILE 60  60  60  ILE ILE A . n 
A 1 61  ILE 61  61  61  ILE ILE A . n 
A 1 62  LEU 62  62  62  LEU LEU A . n 
A 1 63  SER 63  63  63  SER SER A . n 
A 1 64  SER 64  64  64  SER SER A . n 
A 1 65  GLN 65  65  65  GLN GLN A . n 
A 1 66  PRO 66  66  66  PRO PRO A . n 
A 1 67  GLY 67  67  67  GLY GLY A . n 
A 1 68  THR 68  68  68  THR THR A . n 
A 1 69  ASP 69  69  69  ASP ASP A . n 
A 1 70  ASP 70  70  70  ASP ASP A . n 
A 1 71  ARG 71  71  71  ARG ARG A . n 
A 1 72  VAL 72  72  72  VAL VAL A . n 
A 1 73  THR 73  73  73  THR THR A . n 
A 1 74  TRP 74  74  74  TRP TRP A . n 
A 1 75  VAL 75  75  75  VAL VAL A . n 
A 1 76  LYS 76  76  76  LYS LYS A . n 
A 1 77  SER 77  77  77  SER SER A . n 
A 1 78  VAL 78  78  78  VAL VAL A . n 
A 1 79  ASP 79  79  79  ASP ASP A . n 
A 1 80  GLU 80  80  80  GLU GLU A . n 
A 1 81  ALA 81  81  81  ALA ALA A . n 
A 1 82  ILE 82  82  82  ILE ILE A . n 
A 1 83  ALA 83  83  83  ALA ALA A . n 
A 1 84  ALA 84  84  84  ALA ALA A . n 
A 1 85  CYS 85  85  85  CYS CYS A . n 
A 1 86  GLY 86  86  86  GLY GLY A . n 
A 1 87  ASP 87  87  87  ASP ASP A . n 
A 1 88  VAL 88  88  88  VAL VAL A . n 
A 1 89  PRO 89  89  89  PRO PRO A . n 
A 1 90  GLU 90  90  90  GLU GLU A . n 
A 1 91  ILE 91  91  91  ILE ILE A . n 
A 1 92  MET 92  92  92  MET MET A . n 
A 1 93  VAL 93  93  93  VAL VAL A . n 
A 1 94  ILE 94  94  94  ILE ILE A . n 
A 1 95  GLY 95  95  95  GLY GLY A . n 
A 1 96  GLY 96  96  96  GLY GLY A . n 
A 1 97  GLY 97  97  97  GLY GLY A . n 
A 1 98  ARG 98  98  98  ARG ARG A . n 
A 1 99  VAL 99  99  99  VAL VAL A . n 
A 1 100 TYR 100 100 100 TYR TYR A . n 
A 1 101 GLU 101 101 101 GLU GLU A . n 
A 1 102 GLN 102 102 102 GLN GLN A . n 
A 1 103 PHE 103 103 103 PHE PHE A . n 
A 1 104 LEU 104 104 104 LEU LEU A . n 
A 1 105 PRO 105 105 105 PRO PRO A . n 
A 1 106 LYS 106 106 106 LYS LYS A . n 
A 1 107 ALA 107 107 107 ALA ALA A . n 
A 1 108 GLN 108 108 108 GLN GLN A . n 
A 1 109 LYS 109 109 109 LYS LYS A . n 
A 1 110 LEU 110 110 110 LEU LEU A . n 
A 1 111 TYR 111 111 111 TYR TYR A . n 
A 1 112 LEU 112 112 112 LEU LEU A . n 
A 1 113 THR 113 113 113 THR THR A . n 
A 1 114 HIS 114 114 114 HIS HIS A . n 
A 1 115 ILE 115 115 115 ILE ILE A . n 
A 1 116 ASP 116 116 116 ASP ASP A . n 
A 1 117 ALA 117 117 117 ALA ALA A . n 
A 1 118 GLU 118 118 118 GLU GLU A . n 
A 1 119 VAL 119 119 119 VAL VAL A . n 
A 1 120 GLU 120 120 120 GLU GLU A . n 
A 1 121 GLY 121 121 121 GLY GLY A . n 
A 1 122 ASP 122 122 122 ASP ASP A . n 
A 1 123 THR 123 123 123 THR THR A . n 
A 1 124 HIS 124 124 124 HIS HIS A . n 
A 1 125 PHE 125 125 125 PHE PHE A . n 
A 1 126 PRO 126 126 126 PRO PRO A . n 
A 1 127 ASP 127 127 127 ASP ASP A . n 
A 1 128 TYR 128 128 128 TYR TYR A . n 
A 1 129 GLU 129 129 129 GLU GLU A . n 
A 1 130 PRO 130 130 130 PRO PRO A . n 
A 1 131 ASP 131 131 131 ASP ASP A . n 
A 1 132 ASP 132 132 132 ASP ASP A . n 
A 1 133 TRP 133 133 133 TRP TRP A . n 
A 1 134 GLU 134 134 134 GLU GLU A . n 
A 1 135 SER 135 135 135 SER SER A . n 
A 1 136 VAL 136 136 136 VAL VAL A . n 
A 1 137 PHE 137 137 137 PHE PHE A . n 
A 1 138 SER 138 138 138 SER SER A . n 
A 1 139 GLU 139 139 139 GLU GLU A . n 
A 1 140 PHE 140 140 140 PHE PHE A . n 
A 1 141 HIS 141 141 141 HIS HIS A . n 
A 1 142 ASP 142 142 142 ASP ASP A . n 
A 1 143 ALA 143 143 143 ALA ALA A . n 
A 1 144 ASP 144 144 144 ASP ASP A . n 
A 1 145 ALA 145 145 145 ALA ALA A . n 
A 1 146 GLN 146 146 146 GLN GLN A . n 
A 1 147 ASN 147 147 147 ASN ASN A . n 
A 1 148 SER 148 148 148 SER SER A . n 
A 1 149 HIS 149 149 149 HIS HIS A . n 
A 1 150 SER 150 150 150 SER SER A . n 
A 1 151 TYR 151 151 151 TYR TYR A . n 
A 1 152 CYS 152 152 152 CYS CYS A . n 
A 1 153 PHE 153 153 153 PHE PHE A . n 
A 1 154 GLU 154 154 154 GLU GLU A . n 
A 1 155 ILE 155 155 155 ILE ILE A . n 
A 1 156 LEU 156 156 156 LEU LEU A . n 
A 1 157 GLU 157 157 157 GLU GLU A . n 
A 1 158 ARG 158 158 158 ARG ARG A . n 
A 1 159 ARG 159 159 159 ARG ARG A . n 
# 
loop_
_pdbx_nonpoly_scheme.asym_id 
_pdbx_nonpoly_scheme.entity_id 
_pdbx_nonpoly_scheme.mon_id 
_pdbx_nonpoly_scheme.ndb_seq_num 
_pdbx_nonpoly_scheme.pdb_seq_num 
_pdbx_nonpoly_scheme.auth_seq_num 
_pdbx_nonpoly_scheme.pdb_mon_id 
_pdbx_nonpoly_scheme.auth_mon_id 
_pdbx_nonpoly_scheme.pdb_strand_id 
_pdbx_nonpoly_scheme.pdb_ins_code 
B 2 MN  1   300  300  MN  MN  A . 
C 3 NDP 1   164  164  NDP NAP A . 
D 4 817 1   400  400  817 817 A . 
E 5 HOH 1   1000 1000 HOH HOH A . 
E 5 HOH 2   1001 1001 HOH HOH A . 
E 5 HOH 3   1002 1002 HOH HOH A . 
E 5 HOH 4   1003 1003 HOH HOH A . 
E 5 HOH 5   1004 1004 HOH HOH A . 
E 5 HOH 6   1005 1005 HOH HOH A . 
E 5 HOH 7   1006 1006 HOH HOH A . 
E 5 HOH 8   1007 1007 HOH HOH A . 
E 5 HOH 9   1008 1008 HOH HOH A . 
E 5 HOH 10  1009 1009 HOH HOH A . 
E 5 HOH 11  1010 1010 HOH HOH A . 
E 5 HOH 12  1011 1011 HOH HOH A . 
E 5 HOH 13  1012 1012 HOH HOH A . 
E 5 HOH 14  1013 1013 HOH HOH A . 
E 5 HOH 15  1014 1014 HOH HOH A . 
E 5 HOH 16  1015 1015 HOH HOH A . 
E 5 HOH 17  1016 1016 HOH HOH A . 
E 5 HOH 18  1017 1017 HOH HOH A . 
E 5 HOH 19  1018 1018 HOH HOH A . 
E 5 HOH 20  1019 1019 HOH HOH A . 
E 5 HOH 21  1020 1020 HOH HOH A . 
E 5 HOH 22  1021 1021 HOH HOH A . 
E 5 HOH 23  1022 1022 HOH HOH A . 
E 5 HOH 24  1023 1023 HOH HOH A . 
E 5 HOH 25  1024 1024 HOH HOH A . 
E 5 HOH 26  1025 1025 HOH HOH A . 
E 5 HOH 27  1026 1026 HOH HOH A . 
E 5 HOH 28  1027 1027 HOH HOH A . 
E 5 HOH 29  1028 1028 HOH HOH A . 
E 5 HOH 30  1029 1029 HOH HOH A . 
E 5 HOH 31  1030 1030 HOH HOH A . 
E 5 HOH 32  1031 1031 HOH HOH A . 
E 5 HOH 33  1032 1032 HOH HOH A . 
E 5 HOH 34  1033 1033 HOH HOH A . 
E 5 HOH 35  1034 1034 HOH HOH A . 
E 5 HOH 36  1035 1035 HOH HOH A . 
E 5 HOH 37  1036 1036 HOH HOH A . 
E 5 HOH 38  1037 1037 HOH HOH A . 
E 5 HOH 39  1038 1038 HOH HOH A . 
E 5 HOH 40  1039 1039 HOH HOH A . 
E 5 HOH 41  1040 1040 HOH HOH A . 
E 5 HOH 42  1041 1041 HOH HOH A . 
E 5 HOH 43  1042 1042 HOH HOH A . 
E 5 HOH 44  1043 1043 HOH HOH A . 
E 5 HOH 45  1044 1044 HOH HOH A . 
E 5 HOH 46  1045 1045 HOH HOH A . 
E 5 HOH 47  1046 1046 HOH HOH A . 
E 5 HOH 48  1047 1047 HOH HOH A . 
E 5 HOH 49  1048 1048 HOH HOH A . 
E 5 HOH 50  1049 1049 HOH HOH A . 
E 5 HOH 51  1050 1050 HOH HOH A . 
E 5 HOH 52  1051 1051 HOH HOH A . 
E 5 HOH 53  1052 1052 HOH HOH A . 
E 5 HOH 54  1053 1053 HOH HOH A . 
E 5 HOH 55  1054 1054 HOH HOH A . 
E 5 HOH 56  1055 1055 HOH HOH A . 
E 5 HOH 57  1056 1056 HOH HOH A . 
E 5 HOH 58  1057 1057 HOH HOH A . 
E 5 HOH 59  1058 1058 HOH HOH A . 
E 5 HOH 60  1059 1059 HOH HOH A . 
E 5 HOH 61  1060 1060 HOH HOH A . 
E 5 HOH 62  1061 1061 HOH HOH A . 
E 5 HOH 63  1062 1062 HOH HOH A . 
E 5 HOH 64  1063 1063 HOH HOH A . 
E 5 HOH 65  1064 1064 HOH HOH A . 
E 5 HOH 66  1065 1065 HOH HOH A . 
E 5 HOH 67  1066 1066 HOH HOH A . 
E 5 HOH 68  1067 1067 HOH HOH A . 
E 5 HOH 69  1068 1068 HOH HOH A . 
E 5 HOH 70  1069 1069 HOH HOH A . 
E 5 HOH 71  1070 1070 HOH HOH A . 
E 5 HOH 72  1071 1071 HOH HOH A . 
E 5 HOH 73  1072 1072 HOH HOH A . 
E 5 HOH 74  1073 1073 HOH HOH A . 
E 5 HOH 75  1074 1074 HOH HOH A . 
E 5 HOH 76  1075 1075 HOH HOH A . 
E 5 HOH 77  1076 1076 HOH HOH A . 
E 5 HOH 78  1077 1077 HOH HOH A . 
E 5 HOH 79  1078 1078 HOH HOH A . 
E 5 HOH 80  1079 1079 HOH HOH A . 
E 5 HOH 81  1080 1080 HOH HOH A . 
E 5 HOH 82  1081 1081 HOH HOH A . 
E 5 HOH 83  1082 1082 HOH HOH A . 
E 5 HOH 84  1083 1083 HOH HOH A . 
E 5 HOH 85  1084 1084 HOH HOH A . 
E 5 HOH 86  1085 1085 HOH HOH A . 
E 5 HOH 87  1086 1086 HOH HOH A . 
E 5 HOH 88  1087 1087 HOH HOH A . 
E 5 HOH 89  1088 1088 HOH HOH A . 
E 5 HOH 90  1089 1089 HOH HOH A . 
E 5 HOH 91  1090 1090 HOH HOH A . 
E 5 HOH 92  1091 1091 HOH HOH A . 
E 5 HOH 93  1092 1092 HOH HOH A . 
E 5 HOH 94  1093 1093 HOH HOH A . 
E 5 HOH 95  1094 1094 HOH HOH A . 
E 5 HOH 96  1095 1095 HOH HOH A . 
E 5 HOH 97  1096 1096 HOH HOH A . 
E 5 HOH 98  1097 1097 HOH HOH A . 
E 5 HOH 99  1098 1098 HOH HOH A . 
E 5 HOH 100 1099 1099 HOH HOH A . 
E 5 HOH 101 1100 1100 HOH HOH A . 
E 5 HOH 102 1101 1101 HOH HOH A . 
E 5 HOH 103 1102 1102 HOH HOH A . 
E 5 HOH 104 1103 1103 HOH HOH A . 
E 5 HOH 105 1104 1104 HOH HOH A . 
E 5 HOH 106 1105 1105 HOH HOH A . 
E 5 HOH 107 1106 1106 HOH HOH A . 
E 5 HOH 108 1107 1107 HOH HOH A . 
E 5 HOH 109 1108 1108 HOH HOH A . 
E 5 HOH 110 1109 1109 HOH HOH A . 
E 5 HOH 111 1110 1110 HOH HOH A . 
E 5 HOH 112 1111 1111 HOH HOH A . 
E 5 HOH 113 1112 1112 HOH HOH A . 
E 5 HOH 114 1113 1113 HOH HOH A . 
E 5 HOH 115 1114 1114 HOH HOH A . 
E 5 HOH 116 1115 1115 HOH HOH A . 
E 5 HOH 117 1116 1116 HOH HOH A . 
E 5 HOH 118 1117 1117 HOH HOH A . 
# 
loop_
_pdbx_unobs_or_zero_occ_atoms.id 
_pdbx_unobs_or_zero_occ_atoms.PDB_model_num 
_pdbx_unobs_or_zero_occ_atoms.polymer_flag 
_pdbx_unobs_or_zero_occ_atoms.occupancy_flag 
_pdbx_unobs_or_zero_occ_atoms.auth_asym_id 
_pdbx_unobs_or_zero_occ_atoms.auth_comp_id 
_pdbx_unobs_or_zero_occ_atoms.auth_seq_id 
_pdbx_unobs_or_zero_occ_atoms.PDB_ins_code 
_pdbx_unobs_or_zero_occ_atoms.auth_atom_id 
_pdbx_unobs_or_zero_occ_atoms.label_alt_id 
_pdbx_unobs_or_zero_occ_atoms.label_asym_id 
_pdbx_unobs_or_zero_occ_atoms.label_comp_id 
_pdbx_unobs_or_zero_occ_atoms.label_seq_id 
_pdbx_unobs_or_zero_occ_atoms.label_atom_id 
1 1 Y 0 A ASP 87 ? CB  ? A ASP 87 CB  
2 1 Y 0 A ASP 87 ? CG  ? A ASP 87 CG  
3 1 Y 0 A ASP 87 ? OD1 ? A ASP 87 OD1 
4 1 Y 0 A ASP 87 ? OD2 ? A ASP 87 OD2 
# 
loop_
_software.name 
_software.version 
_software.date 
_software.type 
_software.contact_author 
_software.contact_author_email 
_software.classification 
_software.location 
_software.language 
_software.citation_id 
_software.pdbx_ordinal 
d*TREK      8.0SSI 'Feb  4 2003'   package 'Pflugrath, J.W.' jwp@RigakuMSC.com        'data processing' 
http://www.msc.com/protein/dtrek.html ?          ? 1 
CNS         .      ?               package 'Axel T. Brunger' axel.brunger@yale.edu    refinement        
http://cns.csb.yale.edu/v1.1/         Fortran_77 ? 2 
PDB_EXTRACT 1.601  'Jan. 30, 2005' package PDB               sw-help@rcsb.rutgers.edu 'data extraction' 
http://pdb.rutgers.edu/software/      C++        ? 3 
d*TREK      .      ?               ?       ?                 ?                        'data reduction'  ? ?          ? 4 
d*TREK      .      ?               ?       ?                 ?                        'data scaling'    ? ?          ? 5 
CNS         .      ?               ?       ?                 ?                        phasing           ? ?          ? 6 
# 
_cell.length_a           34.130 
_cell.length_b           44.140 
_cell.length_c           97.784 
_cell.angle_alpha        90.00 
_cell.angle_beta         90.00 
_cell.angle_gamma        90.00 
_cell.entry_id           2ANO 
_cell.pdbx_unique_axis   ? 
_cell.Z_PDB              4 
_cell.length_a_esd       ? 
_cell.length_b_esd       ? 
_cell.length_c_esd       ? 
_cell.angle_alpha_esd    ? 
_cell.angle_beta_esd     ? 
_cell.angle_gamma_esd    ? 
# 
_symmetry.space_group_name_H-M             'P 21 21 21' 
_symmetry.entry_id                         2ANO 
_symmetry.pdbx_full_space_group_name_H-M   ? 
_symmetry.Int_Tables_number                19 
_symmetry.cell_setting                     ? 
_symmetry.space_group_name_Hall            ? 
# 
_exptl.entry_id          2ANO 
_exptl.crystals_number   1 
_exptl.method            'X-RAY DIFFRACTION' 
# 
_exptl_crystal.id                    1 
_exptl_crystal.density_Matthews      2.048 
_exptl_crystal.density_meas          ? 
_exptl_crystal.density_percent_sol   38.085 
_exptl_crystal.description           ? 
_exptl_crystal.F_000                 ? 
_exptl_crystal.preparation           ? 
# 
_exptl_crystal_grow.crystal_id      1 
_exptl_crystal_grow.method          'VAPOR DIFFUSION, HANGING DROP' 
_exptl_crystal_grow.pH              7.6 
_exptl_crystal_grow.temp            277 
_exptl_crystal_grow.temp_details    ? 
_exptl_crystal_grow.pdbx_details    
'PEG 6000, imidazole, calcium chloride, pH 7.6, VAPOR DIFFUSION, HANGING DROP, temperature 277K' 
_exptl_crystal_grow.pdbx_pH_range   . 
# 
_diffrn.id                     1 
_diffrn.ambient_temp           100 
_diffrn.ambient_temp_details   ? 
_diffrn.crystal_id             1 
# 
_diffrn_detector.diffrn_id              1 
_diffrn_detector.detector               'IMAGE PLATE' 
_diffrn_detector.type                   'RIGAKU RAXIS IV' 
_diffrn_detector.pdbx_collection_date   2004-01-21 
_diffrn_detector.details                Mirrors 
# 
_diffrn_radiation.diffrn_id                        1 
_diffrn_radiation.wavelength_id                    1 
_diffrn_radiation.pdbx_diffrn_protocol             'SINGLE WAVELENGTH' 
_diffrn_radiation.monochromator                    'Blue confocal optics Mirrors' 
_diffrn_radiation.pdbx_monochromatic_or_laue_m_l   M 
_diffrn_radiation.pdbx_scattering_type             x-ray 
# 
_diffrn_radiation_wavelength.id           1 
_diffrn_radiation_wavelength.wavelength   1.5418 
_diffrn_radiation_wavelength.wt           1.0 
# 
_diffrn_source.diffrn_id                   1 
_diffrn_source.source                      'ROTATING ANODE' 
_diffrn_source.type                        'RIGAKU RU300' 
_diffrn_source.pdbx_wavelength             ? 
_diffrn_source.pdbx_wavelength_list        1.5418 
_diffrn_source.pdbx_synchrotron_site       ? 
_diffrn_source.pdbx_synchrotron_beamline   ? 
# 
_reflns.entry_id                     2ANO 
_reflns.d_resolution_low             40.23 
_reflns.d_resolution_high            2.68 
_reflns.number_obs                   4392 
_reflns.percent_possible_obs         97.800 
_reflns.pdbx_Rmerge_I_obs            0.062 
_reflns.pdbx_chi_squared             1.000 
_reflns.pdbx_redundancy              2.660 
_reflns.pdbx_scaling_rejects         90 
_reflns.pdbx_netI_over_sigmaI        13.100 
_reflns.pdbx_Rsym_value              ? 
_reflns.observed_criterion_sigma_F   3.0 
_reflns.observed_criterion_sigma_I   3.0 
_reflns.number_all                   4392 
_reflns.B_iso_Wilson_estimate        17.1 
_reflns.R_free_details               ? 
_reflns.limit_h_max                  ? 
_reflns.limit_h_min                  ? 
_reflns.limit_k_max                  ? 
_reflns.limit_k_min                  ? 
_reflns.limit_l_max                  ? 
_reflns.limit_l_min                  ? 
_reflns.observed_criterion_F_max     ? 
_reflns.observed_criterion_F_min     ? 
_reflns.pdbx_ordinal                 1 
_reflns.pdbx_diffrn_id               1 
# 
_reflns_shell.d_res_low              2.78 
_reflns_shell.d_res_high             2.68 
_reflns_shell.number_measured_obs    49 
_reflns_shell.percent_possible_obs   100.000 
_reflns_shell.Rmerge_I_obs           0.204 
_reflns_shell.pdbx_chi_squared       0.940 
_reflns_shell.pdbx_redundancy        2.67 
_reflns_shell.number_unique_obs      ? 
_reflns_shell.meanI_over_sigI_obs    4.000 
_reflns_shell.pdbx_Rsym_value        ? 
_reflns_shell.percent_possible_all   100 
_reflns_shell.number_unique_all      432 
_reflns_shell.number_measured_all    ? 
_reflns_shell.pdbx_ordinal           1 
_reflns_shell.pdbx_diffrn_id         1 
# 
_refine.ls_d_res_high                            2.680 
_refine.ls_d_res_low                             27 
_refine.pdbx_ls_sigma_F                          2.0 
_refine.ls_percent_reflns_obs                    94.900 
_refine.ls_number_reflns_obs                     4268 
_refine.ls_R_factor_R_work                       0.237 
_refine.ls_R_factor_R_free                       0.25 
_refine.ls_percent_reflns_R_free                 10.000 
_refine.ls_number_reflns_R_free                  448 
_refine.B_iso_mean                               38.446 
_refine.solvent_model_param_bsol                 54.193 
_refine.aniso_B[1][1]                            12.446 
_refine.aniso_B[2][2]                            -21.203 
_refine.aniso_B[3][3]                            8.757 
_refine.aniso_B[1][2]                            0.000 
_refine.aniso_B[1][3]                            0.000 
_refine.aniso_B[2][3]                            0.000 
_refine.entry_id                                 2ANO 
_refine.pdbx_ls_sigma_I                          ? 
_refine.ls_number_reflns_all                     4373 
_refine.ls_R_factor_all                          0.2426 
_refine.ls_R_factor_obs                          0.2385 
_refine.ls_redundancy_reflns_obs                 ? 
_refine.pdbx_data_cutoff_high_absF               ? 
_refine.pdbx_data_cutoff_low_absF                ? 
_refine.ls_number_parameters                     ? 
_refine.ls_number_restraints                     ? 
_refine.ls_R_factor_R_free_error                 ? 
_refine.ls_R_factor_R_free_error_details         ? 
_refine.pdbx_method_to_determine_struct          'MOLECULAR REPLACEMENT' 
_refine.pdbx_starting_model                      ? 
_refine.pdbx_ls_cross_valid_method               THROUGHOUT 
_refine.pdbx_R_Free_selection_details            Random 
_refine.pdbx_stereochem_target_val_spec_case     ? 
_refine.pdbx_stereochemistry_target_values       'Engh & Huber' 
_refine.solvent_model_details                    ? 
_refine.solvent_model_param_ksol                 ? 
_refine.occupancy_max                            ? 
_refine.occupancy_min                            ? 
_refine.pdbx_isotropic_thermal_model             ? 
_refine.details                                  ? 
_refine.B_iso_min                                ? 
_refine.B_iso_max                                ? 
_refine.correlation_coeff_Fo_to_Fc               ? 
_refine.correlation_coeff_Fo_to_Fc_free          ? 
_refine.pdbx_solvent_vdw_probe_radii             ? 
_refine.pdbx_solvent_ion_probe_radii             ? 
_refine.pdbx_solvent_shrinkage_radii             ? 
_refine.overall_SU_R_Cruickshank_DPI             ? 
_refine.overall_SU_R_free                        ? 
_refine.overall_SU_ML                            ? 
_refine.overall_SU_B                             ? 
_refine.pdbx_overall_ESU_R_Free                  ? 
_refine.pdbx_data_cutoff_high_rms_absF           ? 
_refine.pdbx_overall_ESU_R                       ? 
_refine.ls_wR_factor_R_free                      ? 
_refine.ls_wR_factor_R_work                      ? 
_refine.overall_FOM_free_R_set                   ? 
_refine.overall_FOM_work_R_set                   ? 
_refine.pdbx_refine_id                           'X-RAY DIFFRACTION' 
_refine.pdbx_overall_phase_error                 ? 
_refine.pdbx_diffrn_id                           1 
_refine.pdbx_TLS_residual_ADP_flag               ? 
_refine.pdbx_overall_SU_R_free_Cruickshank_DPI   ? 
_refine.pdbx_overall_SU_R_Blow_DPI               ? 
_refine.pdbx_overall_SU_R_free_Blow_DPI          ? 
# 
_refine_analyze.entry_id                        2ANO 
_refine_analyze.Luzzati_coordinate_error_obs    0.33 
_refine_analyze.Luzzati_sigma_a_obs             0.38 
_refine_analyze.Luzzati_d_res_low_obs           5.0 
_refine_analyze.Luzzati_coordinate_error_free   ? 
_refine_analyze.Luzzati_sigma_a_free            ? 
_refine_analyze.Luzzati_d_res_low_free          ? 
_refine_analyze.number_disordered_residues      ? 
_refine_analyze.occupancy_sum_non_hydrogen      ? 
_refine_analyze.occupancy_sum_hydrogen          ? 
_refine_analyze.pdbx_Luzzati_d_res_high_obs     ? 
_refine_analyze.pdbx_refine_id                  'X-RAY DIFFRACTION' 
# 
_refine_hist.pdbx_refine_id                   'X-RAY DIFFRACTION' 
_refine_hist.cycle_id                         LAST 
_refine_hist.pdbx_number_atoms_protein        1268 
_refine_hist.pdbx_number_atoms_nucleic_acid   0 
_refine_hist.pdbx_number_atoms_ligand         67 
_refine_hist.number_atoms_solvent             118 
_refine_hist.number_atoms_total               1453 
_refine_hist.d_res_high                       2.680 
_refine_hist.d_res_low                        27 
# 
loop_
_refine_ls_restr.type 
_refine_ls_restr.dev_ideal 
_refine_ls_restr.dev_ideal_target 
_refine_ls_restr.number 
_refine_ls_restr.weight 
_refine_ls_restr.pdbx_refine_id 
_refine_ls_restr.pdbx_restraint_function 
c_angle_deg 1.7   ? ? ? 'X-RAY DIFFRACTION' ? 
c_bond_d    0.011 ? ? ? 'X-RAY DIFFRACTION' ? 
# 
loop_
_pdbx_xplor_file.serial_no 
_pdbx_xplor_file.param_file 
_pdbx_xplor_file.topol_file 
_pdbx_xplor_file.pdbx_refine_id 
1 protein_rep.param ? 'X-RAY DIFFRACTION' 
2 ligand.param      ? 'X-RAY DIFFRACTION' 
3 water_rep.param   ? 'X-RAY DIFFRACTION' 
4 ion.param         ? 'X-RAY DIFFRACTION' 
# 
_struct.entry_id                  2ANO 
_struct.title                     
'Crystal structure of E.coli dihydrofolate reductase in complex with NADPH and the inhibitor MS-SH08-17' 
_struct.pdbx_model_details        ? 
_struct.pdbx_CASP_flag            ? 
_struct.pdbx_model_type_details   ? 
# 
_struct_keywords.entry_id        2ANO 
_struct_keywords.pdbx_keywords   OXIDOREDUCTASE 
_struct_keywords.text            'DHFR, Protein inhibitor complex, OXIDOREDUCTASE' 
# 
loop_
_struct_asym.id 
_struct_asym.pdbx_blank_PDB_chainid_flag 
_struct_asym.pdbx_modified 
_struct_asym.entity_id 
_struct_asym.details 
A N N 1 ? 
B N N 2 ? 
C N N 3 ? 
D N N 4 ? 
E N N 5 ? 
# 
_struct_ref.id                         1 
_struct_ref.db_name                    UNP 
_struct_ref.db_code                    DYR_ECOLI 
_struct_ref.pdbx_db_accession          P0ABQ4 
_struct_ref.entity_id                  1 
_struct_ref.pdbx_seq_one_letter_code   
;MISLIAALAVDRVIGMENAMPWNLPADLAWFKRNTLNKPVIMGRHTWESIGRPLPGRKNIILSSQPGTDDRVTWVKSVDE
AIAACGDVPEIMVIGGGRVYEQFLPKAQKLYLTHIDAEVEGDTHFPDYEPDDWESVFSEFHDADAQNSHSYCFEILERR
;
_struct_ref.pdbx_align_begin           1 
_struct_ref.pdbx_db_isoform            ? 
# 
_struct_ref_seq.align_id                      1 
_struct_ref_seq.ref_id                        1 
_struct_ref_seq.pdbx_PDB_id_code              2ANO 
_struct_ref_seq.pdbx_strand_id                A 
_struct_ref_seq.seq_align_beg                 1 
_struct_ref_seq.pdbx_seq_align_beg_ins_code   ? 
_struct_ref_seq.seq_align_end                 159 
_struct_ref_seq.pdbx_seq_align_end_ins_code   ? 
_struct_ref_seq.pdbx_db_accession             P0ABQ4 
_struct_ref_seq.db_align_beg                  1 
_struct_ref_seq.pdbx_db_align_beg_ins_code    ? 
_struct_ref_seq.db_align_end                  159 
_struct_ref_seq.pdbx_db_align_end_ins_code    ? 
_struct_ref_seq.pdbx_auth_seq_align_beg       1 
_struct_ref_seq.pdbx_auth_seq_align_end       159 
# 
_struct_ref_seq_dif.align_id                     1 
_struct_ref_seq_dif.pdbx_pdb_id_code             2ANO 
_struct_ref_seq_dif.mon_id                       ASP 
_struct_ref_seq_dif.pdbx_pdb_strand_id           A 
_struct_ref_seq_dif.seq_num                      37 
_struct_ref_seq_dif.pdbx_pdb_ins_code            ? 
_struct_ref_seq_dif.pdbx_seq_db_name             UNP 
_struct_ref_seq_dif.pdbx_seq_db_accession_code   P0ABQ4 
_struct_ref_seq_dif.db_mon_id                    ASN 
_struct_ref_seq_dif.pdbx_seq_db_seq_num          37 
_struct_ref_seq_dif.details                      'engineered mutation' 
_struct_ref_seq_dif.pdbx_auth_seq_num            37 
_struct_ref_seq_dif.pdbx_ordinal                 1 
# 
_pdbx_struct_assembly.id                   1 
_pdbx_struct_assembly.details              author_defined_assembly 
_pdbx_struct_assembly.method_details       ? 
_pdbx_struct_assembly.oligomeric_details   monomeric 
_pdbx_struct_assembly.oligomeric_count     1 
# 
_pdbx_struct_assembly_gen.assembly_id       1 
_pdbx_struct_assembly_gen.oper_expression   1 
_pdbx_struct_assembly_gen.asym_id_list      A,B,C,D,E 
# 
_pdbx_struct_oper_list.id                   1 
_pdbx_struct_oper_list.type                 'identity operation' 
_pdbx_struct_oper_list.name                 1_555 
_pdbx_struct_oper_list.symmetry_operation   x,y,z 
_pdbx_struct_oper_list.matrix[1][1]         1.0000000000 
_pdbx_struct_oper_list.matrix[1][2]         0.0000000000 
_pdbx_struct_oper_list.matrix[1][3]         0.0000000000 
_pdbx_struct_oper_list.vector[1]            0.0000000000 
_pdbx_struct_oper_list.matrix[2][1]         0.0000000000 
_pdbx_struct_oper_list.matrix[2][2]         1.0000000000 
_pdbx_struct_oper_list.matrix[2][3]         0.0000000000 
_pdbx_struct_oper_list.vector[2]            0.0000000000 
_pdbx_struct_oper_list.matrix[3][1]         0.0000000000 
_pdbx_struct_oper_list.matrix[3][2]         0.0000000000 
_pdbx_struct_oper_list.matrix[3][3]         1.0000000000 
_pdbx_struct_oper_list.vector[3]            0.0000000000 
# 
_struct_biol.id                    1 
_struct_biol.details               'The biological assembly is a monomer.' 
_struct_biol.pdbx_parent_biol_id   ? 
# 
loop_
_struct_conf.conf_type_id 
_struct_conf.id 
_struct_conf.pdbx_PDB_helix_id 
_struct_conf.beg_label_comp_id 
_struct_conf.beg_label_asym_id 
_struct_conf.beg_label_seq_id 
_struct_conf.pdbx_beg_PDB_ins_code 
_struct_conf.end_label_comp_id 
_struct_conf.end_label_asym_id 
_struct_conf.end_label_seq_id 
_struct_conf.pdbx_end_PDB_ins_code 
_struct_conf.beg_auth_comp_id 
_struct_conf.beg_auth_asym_id 
_struct_conf.beg_auth_seq_id 
_struct_conf.end_auth_comp_id 
_struct_conf.end_auth_asym_id 
_struct_conf.end_auth_seq_id 
_struct_conf.pdbx_PDB_helix_class 
_struct_conf.details 
_struct_conf.pdbx_PDB_helix_length 
HELX_P HELX_P1 1 ALA A 9   ? ASP A 11  ? ALA A 9   ASP A 11  5 ? 3  
HELX_P HELX_P2 2 LEU A 24  ? LEU A 36  ? LEU A 24  LEU A 36  1 ? 13 
HELX_P HELX_P3 3 ARG A 44  ? GLY A 51  ? ARG A 44  GLY A 51  1 ? 8  
HELX_P HELX_P4 4 SER A 77  ? CYS A 85  ? SER A 77  CYS A 85  1 ? 9  
HELX_P HELX_P5 5 GLY A 96  ? LEU A 104 ? GLY A 96  LEU A 104 1 ? 9  
HELX_P HELX_P6 6 PRO A 105 ? ALA A 107 ? PRO A 105 ALA A 107 5 ? 3  
HELX_P HELX_P7 7 GLU A 129 ? TRP A 133 ? GLU A 129 TRP A 133 5 ? 5  
# 
_struct_conf_type.id          HELX_P 
_struct_conf_type.criteria    ? 
_struct_conf_type.reference   ? 
# 
loop_
_struct_conn.id 
_struct_conn.conn_type_id 
_struct_conn.pdbx_leaving_atom_flag 
_struct_conn.pdbx_PDB_id 
_struct_conn.ptnr1_label_asym_id 
_struct_conn.ptnr1_label_comp_id 
_struct_conn.ptnr1_label_seq_id 
_struct_conn.ptnr1_label_atom_id 
_struct_conn.pdbx_ptnr1_label_alt_id 
_struct_conn.pdbx_ptnr1_PDB_ins_code 
_struct_conn.pdbx_ptnr1_standard_comp_id 
_struct_conn.ptnr1_symmetry 
_struct_conn.ptnr2_label_asym_id 
_struct_conn.ptnr2_label_comp_id 
_struct_conn.ptnr2_label_seq_id 
_struct_conn.ptnr2_label_atom_id 
_struct_conn.pdbx_ptnr2_label_alt_id 
_struct_conn.pdbx_ptnr2_PDB_ins_code 
_struct_conn.ptnr1_auth_asym_id 
_struct_conn.ptnr1_auth_comp_id 
_struct_conn.ptnr1_auth_seq_id 
_struct_conn.ptnr2_auth_asym_id 
_struct_conn.ptnr2_auth_comp_id 
_struct_conn.ptnr2_auth_seq_id 
_struct_conn.ptnr2_symmetry 
_struct_conn.pdbx_ptnr3_label_atom_id 
_struct_conn.pdbx_ptnr3_label_seq_id 
_struct_conn.pdbx_ptnr3_label_comp_id 
_struct_conn.pdbx_ptnr3_label_asym_id 
_struct_conn.pdbx_ptnr3_label_alt_id 
_struct_conn.pdbx_ptnr3_PDB_ins_code 
_struct_conn.details 
_struct_conn.pdbx_dist_value 
_struct_conn.pdbx_value_order 
_struct_conn.pdbx_role 
metalc1 metalc ? ? A ASP 116 O   ? ? ? 1_455 B MN  . MN ? ? A ASP 116 A MN  300  1_555 ? ? ? ? ? ? ? 2.307 ? ? 
metalc2 metalc ? ? A HIS 149 ND1 ? ? ? 1_455 B MN  . MN ? ? A HIS 149 A MN  300  1_555 ? ? ? ? ? ? ? 2.318 ? ? 
metalc3 metalc ? ? A ARG 159 O   ? ? ? 1_555 B MN  . MN ? ? A ARG 159 A MN  300  1_555 ? ? ? ? ? ? ? 2.700 ? ? 
metalc4 metalc ? ? B MN  .   MN  ? ? ? 1_555 E HOH . O  ? ? A MN  300 A HOH 1002 1_555 ? ? ? ? ? ? ? 2.537 ? ? 
# 
_struct_conn_type.id          metalc 
_struct_conn_type.criteria    ? 
_struct_conn_type.reference   ? 
# 
loop_
_pdbx_struct_conn_angle.id 
_pdbx_struct_conn_angle.ptnr1_label_atom_id 
_pdbx_struct_conn_angle.ptnr1_label_alt_id 
_pdbx_struct_conn_angle.ptnr1_label_asym_id 
_pdbx_struct_conn_angle.ptnr1_label_comp_id 
_pdbx_struct_conn_angle.ptnr1_label_seq_id 
_pdbx_struct_conn_angle.ptnr1_auth_atom_id 
_pdbx_struct_conn_angle.ptnr1_auth_asym_id 
_pdbx_struct_conn_angle.ptnr1_auth_comp_id 
_pdbx_struct_conn_angle.ptnr1_auth_seq_id 
_pdbx_struct_conn_angle.ptnr1_PDB_ins_code 
_pdbx_struct_conn_angle.ptnr1_symmetry 
_pdbx_struct_conn_angle.ptnr2_label_atom_id 
_pdbx_struct_conn_angle.ptnr2_label_alt_id 
_pdbx_struct_conn_angle.ptnr2_label_asym_id 
_pdbx_struct_conn_angle.ptnr2_label_comp_id 
_pdbx_struct_conn_angle.ptnr2_label_seq_id 
_pdbx_struct_conn_angle.ptnr2_auth_atom_id 
_pdbx_struct_conn_angle.ptnr2_auth_asym_id 
_pdbx_struct_conn_angle.ptnr2_auth_comp_id 
_pdbx_struct_conn_angle.ptnr2_auth_seq_id 
_pdbx_struct_conn_angle.ptnr2_PDB_ins_code 
_pdbx_struct_conn_angle.ptnr2_symmetry 
_pdbx_struct_conn_angle.ptnr3_label_atom_id 
_pdbx_struct_conn_angle.ptnr3_label_alt_id 
_pdbx_struct_conn_angle.ptnr3_label_asym_id 
_pdbx_struct_conn_angle.ptnr3_label_comp_id 
_pdbx_struct_conn_angle.ptnr3_label_seq_id 
_pdbx_struct_conn_angle.ptnr3_auth_atom_id 
_pdbx_struct_conn_angle.ptnr3_auth_asym_id 
_pdbx_struct_conn_angle.ptnr3_auth_comp_id 
_pdbx_struct_conn_angle.ptnr3_auth_seq_id 
_pdbx_struct_conn_angle.ptnr3_PDB_ins_code 
_pdbx_struct_conn_angle.ptnr3_symmetry 
_pdbx_struct_conn_angle.value 
_pdbx_struct_conn_angle.value_esd 
1 O   ? A ASP 116 ? A ASP 116 ? 1_455 MN ? B MN . ? A MN 300 ? 1_555 ND1 ? A HIS 149 ? A HIS 149  ? 1_455 114.8 ? 
2 O   ? A ASP 116 ? A ASP 116 ? 1_455 MN ? B MN . ? A MN 300 ? 1_555 O   ? A ARG 159 ? A ARG 159  ? 1_555 94.0  ? 
3 ND1 ? A HIS 149 ? A HIS 149 ? 1_455 MN ? B MN . ? A MN 300 ? 1_555 O   ? A ARG 159 ? A ARG 159  ? 1_555 81.4  ? 
4 O   ? A ASP 116 ? A ASP 116 ? 1_455 MN ? B MN . ? A MN 300 ? 1_555 O   ? E HOH .   ? A HOH 1002 ? 1_555 98.6  ? 
5 ND1 ? A HIS 149 ? A HIS 149 ? 1_455 MN ? B MN . ? A MN 300 ? 1_555 O   ? E HOH .   ? A HOH 1002 ? 1_555 102.3 ? 
6 O   ? A ARG 159 ? A ARG 159 ? 1_555 MN ? B MN . ? A MN 300 ? 1_555 O   ? E HOH .   ? A HOH 1002 ? 1_555 163.8 ? 
# 
loop_
_struct_sheet.id 
_struct_sheet.type 
_struct_sheet.number_strands 
_struct_sheet.details 
A ? 8 ? 
B ? 2 ? 
# 
loop_
_struct_sheet_order.sheet_id 
_struct_sheet_order.range_id_1 
_struct_sheet_order.range_id_2 
_struct_sheet_order.offset 
_struct_sheet_order.sense 
A 1 2 ? parallel      
A 2 3 ? parallel      
A 3 4 ? parallel      
A 4 5 ? parallel      
A 5 6 ? parallel      
A 6 7 ? anti-parallel 
A 7 8 ? anti-parallel 
B 1 2 ? anti-parallel 
# 
loop_
_struct_sheet_range.sheet_id 
_struct_sheet_range.id 
_struct_sheet_range.beg_label_comp_id 
_struct_sheet_range.beg_label_asym_id 
_struct_sheet_range.beg_label_seq_id 
_struct_sheet_range.pdbx_beg_PDB_ins_code 
_struct_sheet_range.end_label_comp_id 
_struct_sheet_range.end_label_asym_id 
_struct_sheet_range.end_label_seq_id 
_struct_sheet_range.pdbx_end_PDB_ins_code 
_struct_sheet_range.beg_auth_comp_id 
_struct_sheet_range.beg_auth_asym_id 
_struct_sheet_range.beg_auth_seq_id 
_struct_sheet_range.end_auth_comp_id 
_struct_sheet_range.end_auth_asym_id 
_struct_sheet_range.end_auth_seq_id 
A 1 THR A 73  ? VAL A 75  ? THR A 73  VAL A 75  
A 2 ASN A 59  ? LEU A 62  ? ASN A 59  LEU A 62  
A 3 VAL A 40  ? GLY A 43  ? VAL A 40  GLY A 43  
A 4 ILE A 91  ? GLY A 95  ? ILE A 91  GLY A 95  
A 5 ILE A 2   ? LEU A 8   ? ILE A 2   LEU A 8   
A 6 LYS A 109 ? ILE A 115 ? LYS A 109 ILE A 115 
A 7 TYR A 151 ? GLU A 157 ? TYR A 151 GLU A 157 
A 8 GLU A 134 ? HIS A 141 ? GLU A 134 HIS A 141 
B 1 VAL A 13  ? GLY A 15  ? VAL A 13  GLY A 15  
B 2 THR A 123 ? HIS A 124 ? THR A 123 HIS A 124 
# 
loop_
_pdbx_struct_sheet_hbond.sheet_id 
_pdbx_struct_sheet_hbond.range_id_1 
_pdbx_struct_sheet_hbond.range_id_2 
_pdbx_struct_sheet_hbond.range_1_label_atom_id 
_pdbx_struct_sheet_hbond.range_1_label_comp_id 
_pdbx_struct_sheet_hbond.range_1_label_asym_id 
_pdbx_struct_sheet_hbond.range_1_label_seq_id 
_pdbx_struct_sheet_hbond.range_1_PDB_ins_code 
_pdbx_struct_sheet_hbond.range_1_auth_atom_id 
_pdbx_struct_sheet_hbond.range_1_auth_comp_id 
_pdbx_struct_sheet_hbond.range_1_auth_asym_id 
_pdbx_struct_sheet_hbond.range_1_auth_seq_id 
_pdbx_struct_sheet_hbond.range_2_label_atom_id 
_pdbx_struct_sheet_hbond.range_2_label_comp_id 
_pdbx_struct_sheet_hbond.range_2_label_asym_id 
_pdbx_struct_sheet_hbond.range_2_label_seq_id 
_pdbx_struct_sheet_hbond.range_2_PDB_ins_code 
_pdbx_struct_sheet_hbond.range_2_auth_atom_id 
_pdbx_struct_sheet_hbond.range_2_auth_comp_id 
_pdbx_struct_sheet_hbond.range_2_auth_asym_id 
_pdbx_struct_sheet_hbond.range_2_auth_seq_id 
A 1 2 O THR A 73  ? O THR A 73  N ASN A 59  ? N ASN A 59  
A 2 3 O ILE A 60  ? O ILE A 60  N VAL A 40  ? N VAL A 40  
A 3 4 N ILE A 41  ? N ILE A 41  O MET A 92  ? O MET A 92  
A 4 5 O VAL A 93  ? O VAL A 93  N SER A 3   ? N SER A 3   
A 5 6 N LEU A 8   ? N LEU A 8   O ILE A 115 ? O ILE A 115 
A 6 7 N LEU A 110 ? N LEU A 110 O LEU A 156 ? O LEU A 156 
A 7 8 O PHE A 153 ? O PHE A 153 N GLU A 139 ? N GLU A 139 
B 1 2 N ILE A 14  ? N ILE A 14  O THR A 123 ? O THR A 123 
# 
loop_
_struct_site.id 
_struct_site.pdbx_evidence_code 
_struct_site.pdbx_auth_asym_id 
_struct_site.pdbx_auth_comp_id 
_struct_site.pdbx_auth_seq_id 
_struct_site.pdbx_auth_ins_code 
_struct_site.pdbx_num_residues 
_struct_site.details 
AC1 Software A MN  300 ? 5  'BINDING SITE FOR RESIDUE MN A 300'  
AC2 Software A NDP 164 ? 27 'BINDING SITE FOR RESIDUE NDP A 164' 
AC3 Software A 817 400 ? 14 'BINDING SITE FOR RESIDUE 817 A 400' 
# 
loop_
_struct_site_gen.id 
_struct_site_gen.site_id 
_struct_site_gen.pdbx_num_res 
_struct_site_gen.label_comp_id 
_struct_site_gen.label_asym_id 
_struct_site_gen.label_seq_id 
_struct_site_gen.pdbx_auth_ins_code 
_struct_site_gen.auth_comp_id 
_struct_site_gen.auth_asym_id 
_struct_site_gen.auth_seq_id 
_struct_site_gen.label_atom_id 
_struct_site_gen.label_alt_id 
_struct_site_gen.symmetry 
_struct_site_gen.details 
1  AC1 5  ARG A 98  ? ARG A 98   . ? 3_645 ? 
2  AC1 5  ASP A 116 ? ASP A 116  . ? 1_455 ? 
3  AC1 5  HIS A 149 ? HIS A 149  . ? 1_455 ? 
4  AC1 5  ARG A 159 ? ARG A 159  . ? 1_555 ? 
5  AC1 5  HOH E .   ? HOH A 1002 . ? 1_555 ? 
6  AC2 27 ALA A 6   ? ALA A 6    . ? 1_555 ? 
7  AC2 27 ALA A 7   ? ALA A 7    . ? 1_555 ? 
8  AC2 27 ILE A 14  ? ILE A 14   . ? 1_555 ? 
9  AC2 27 GLY A 15  ? GLY A 15   . ? 1_555 ? 
10 AC2 27 MET A 16  ? MET A 16   . ? 1_555 ? 
11 AC2 27 ASN A 18  ? ASN A 18   . ? 1_555 ? 
12 AC2 27 ALA A 19  ? ALA A 19   . ? 1_555 ? 
13 AC2 27 MET A 20  ? MET A 20   . ? 1_555 ? 
14 AC2 27 TRP A 22  ? TRP A 22   . ? 1_555 ? 
15 AC2 27 GLY A 43  ? GLY A 43   . ? 1_555 ? 
16 AC2 27 ARG A 44  ? ARG A 44   . ? 1_555 ? 
17 AC2 27 HIS A 45  ? HIS A 45   . ? 1_555 ? 
18 AC2 27 THR A 46  ? THR A 46   . ? 1_555 ? 
19 AC2 27 LEU A 62  ? LEU A 62   . ? 1_555 ? 
20 AC2 27 SER A 63  ? SER A 63   . ? 1_555 ? 
21 AC2 27 SER A 64  ? SER A 64   . ? 1_555 ? 
22 AC2 27 LYS A 76  ? LYS A 76   . ? 1_555 ? 
23 AC2 27 ILE A 94  ? ILE A 94   . ? 1_555 ? 
24 AC2 27 GLY A 96  ? GLY A 96   . ? 1_555 ? 
25 AC2 27 GLY A 97  ? GLY A 97   . ? 1_555 ? 
26 AC2 27 ARG A 98  ? ARG A 98   . ? 1_555 ? 
27 AC2 27 VAL A 99  ? VAL A 99   . ? 1_555 ? 
28 AC2 27 TYR A 100 ? TYR A 100  . ? 1_555 ? 
29 AC2 27 GLN A 102 ? GLN A 102  . ? 1_555 ? 
30 AC2 27 ASP A 131 ? ASP A 131  . ? 3_655 ? 
31 AC2 27 817 D .   ? 817 A 400  . ? 1_555 ? 
32 AC2 27 HOH E .   ? HOH A 1039 . ? 1_555 ? 
33 AC3 14 ILE A 5   ? ILE A 5    . ? 1_555 ? 
34 AC3 14 ALA A 6   ? ALA A 6    . ? 1_555 ? 
35 AC3 14 MET A 20  ? MET A 20   . ? 1_555 ? 
36 AC3 14 ASP A 27  ? ASP A 27   . ? 1_555 ? 
37 AC3 14 LEU A 28  ? LEU A 28   . ? 1_555 ? 
38 AC3 14 TRP A 30  ? TRP A 30   . ? 1_555 ? 
39 AC3 14 PHE A 31  ? PHE A 31   . ? 1_555 ? 
40 AC3 14 THR A 46  ? THR A 46   . ? 1_555 ? 
41 AC3 14 SER A 49  ? SER A 49   . ? 1_555 ? 
42 AC3 14 ILE A 50  ? ILE A 50   . ? 1_555 ? 
43 AC3 14 LEU A 54  ? LEU A 54   . ? 1_555 ? 
44 AC3 14 TYR A 100 ? TYR A 100  . ? 1_555 ? 
45 AC3 14 THR A 113 ? THR A 113  . ? 1_555 ? 
46 AC3 14 NDP C .   ? NDP A 164  . ? 1_555 ? 
# 
loop_
_pdbx_validate_torsion.id 
_pdbx_validate_torsion.PDB_model_num 
_pdbx_validate_torsion.auth_comp_id 
_pdbx_validate_torsion.auth_asym_id 
_pdbx_validate_torsion.auth_seq_id 
_pdbx_validate_torsion.PDB_ins_code 
_pdbx_validate_torsion.label_alt_id 
_pdbx_validate_torsion.phi 
_pdbx_validate_torsion.psi 
1 1 MET A 16  ? ? -171.27 127.86 
2 1 TRP A 22  ? ? -55.10  175.31 
3 1 PRO A 66  ? ? -50.60  171.61 
4 1 ASP A 116 ? ? -76.23  43.17  
5 1 ASP A 132 ? ? -91.39  49.68  
# 
loop_
_chem_comp_atom.comp_id 
_chem_comp_atom.atom_id 
_chem_comp_atom.type_symbol 
_chem_comp_atom.pdbx_aromatic_flag 
_chem_comp_atom.pdbx_stereo_config 
_chem_comp_atom.pdbx_ordinal 
817 N1   N  N N 1   
817 C2   C  N N 2   
817 N2   N  N N 3   
817 N3   N  N N 4   
817 C4   C  Y N 5   
817 C6   C  Y N 6   
817 C7   C  Y N 7   
817 C9   C  N N 8   
817 C10  C  Y N 9   
817 C1   C  N N 10  
817 N4   N  N N 11  
817 S1   S  N N 12  
817 C3   C  N N 13  
817 C5   C  Y N 14  
817 C8   C  Y N 15  
817 F1   F  N N 16  
817 F2   F  N N 17  
817 F3   F  N N 18  
817 HN1  H  N N 19  
817 HN21 H  N N 20  
817 HN22 H  N N 21  
817 HN3  H  N N 22  
817 H6   H  N N 23  
817 H7   H  N N 24  
817 H10  H  N N 25  
817 HN4  H  N N 26  
817 H31  H  N N 27  
817 H32  H  N N 28  
817 H5   H  N N 29  
ALA N    N  N N 30  
ALA CA   C  N S 31  
ALA C    C  N N 32  
ALA O    O  N N 33  
ALA CB   C  N N 34  
ALA OXT  O  N N 35  
ALA H    H  N N 36  
ALA H2   H  N N 37  
ALA HA   H  N N 38  
ALA HB1  H  N N 39  
ALA HB2  H  N N 40  
ALA HB3  H  N N 41  
ALA HXT  H  N N 42  
ARG N    N  N N 43  
ARG CA   C  N S 44  
ARG C    C  N N 45  
ARG O    O  N N 46  
ARG CB   C  N N 47  
ARG CG   C  N N 48  
ARG CD   C  N N 49  
ARG NE   N  N N 50  
ARG CZ   C  N N 51  
ARG NH1  N  N N 52  
ARG NH2  N  N N 53  
ARG OXT  O  N N 54  
ARG H    H  N N 55  
ARG H2   H  N N 56  
ARG HA   H  N N 57  
ARG HB2  H  N N 58  
ARG HB3  H  N N 59  
ARG HG2  H  N N 60  
ARG HG3  H  N N 61  
ARG HD2  H  N N 62  
ARG HD3  H  N N 63  
ARG HE   H  N N 64  
ARG HH11 H  N N 65  
ARG HH12 H  N N 66  
ARG HH21 H  N N 67  
ARG HH22 H  N N 68  
ARG HXT  H  N N 69  
ASN N    N  N N 70  
ASN CA   C  N S 71  
ASN C    C  N N 72  
ASN O    O  N N 73  
ASN CB   C  N N 74  
ASN CG   C  N N 75  
ASN OD1  O  N N 76  
ASN ND2  N  N N 77  
ASN OXT  O  N N 78  
ASN H    H  N N 79  
ASN H2   H  N N 80  
ASN HA   H  N N 81  
ASN HB2  H  N N 82  
ASN HB3  H  N N 83  
ASN HD21 H  N N 84  
ASN HD22 H  N N 85  
ASN HXT  H  N N 86  
ASP N    N  N N 87  
ASP CA   C  N S 88  
ASP C    C  N N 89  
ASP O    O  N N 90  
ASP CB   C  N N 91  
ASP CG   C  N N 92  
ASP OD1  O  N N 93  
ASP OD2  O  N N 94  
ASP OXT  O  N N 95  
ASP H    H  N N 96  
ASP H2   H  N N 97  
ASP HA   H  N N 98  
ASP HB2  H  N N 99  
ASP HB3  H  N N 100 
ASP HD2  H  N N 101 
ASP HXT  H  N N 102 
CYS N    N  N N 103 
CYS CA   C  N R 104 
CYS C    C  N N 105 
CYS O    O  N N 106 
CYS CB   C  N N 107 
CYS SG   S  N N 108 
CYS OXT  O  N N 109 
CYS H    H  N N 110 
CYS H2   H  N N 111 
CYS HA   H  N N 112 
CYS HB2  H  N N 113 
CYS HB3  H  N N 114 
CYS HG   H  N N 115 
CYS HXT  H  N N 116 
GLN N    N  N N 117 
GLN CA   C  N S 118 
GLN C    C  N N 119 
GLN O    O  N N 120 
GLN CB   C  N N 121 
GLN CG   C  N N 122 
GLN CD   C  N N 123 
GLN OE1  O  N N 124 
GLN NE2  N  N N 125 
GLN OXT  O  N N 126 
GLN H    H  N N 127 
GLN H2   H  N N 128 
GLN HA   H  N N 129 
GLN HB2  H  N N 130 
GLN HB3  H  N N 131 
GLN HG2  H  N N 132 
GLN HG3  H  N N 133 
GLN HE21 H  N N 134 
GLN HE22 H  N N 135 
GLN HXT  H  N N 136 
GLU N    N  N N 137 
GLU CA   C  N S 138 
GLU C    C  N N 139 
GLU O    O  N N 140 
GLU CB   C  N N 141 
GLU CG   C  N N 142 
GLU CD   C  N N 143 
GLU OE1  O  N N 144 
GLU OE2  O  N N 145 
GLU OXT  O  N N 146 
GLU H    H  N N 147 
GLU H2   H  N N 148 
GLU HA   H  N N 149 
GLU HB2  H  N N 150 
GLU HB3  H  N N 151 
GLU HG2  H  N N 152 
GLU HG3  H  N N 153 
GLU HE2  H  N N 154 
GLU HXT  H  N N 155 
GLY N    N  N N 156 
GLY CA   C  N N 157 
GLY C    C  N N 158 
GLY O    O  N N 159 
GLY OXT  O  N N 160 
GLY H    H  N N 161 
GLY H2   H  N N 162 
GLY HA2  H  N N 163 
GLY HA3  H  N N 164 
GLY HXT  H  N N 165 
HIS N    N  N N 166 
HIS CA   C  N S 167 
HIS C    C  N N 168 
HIS O    O  N N 169 
HIS CB   C  N N 170 
HIS CG   C  Y N 171 
HIS ND1  N  Y N 172 
HIS CD2  C  Y N 173 
HIS CE1  C  Y N 174 
HIS NE2  N  Y N 175 
HIS OXT  O  N N 176 
HIS H    H  N N 177 
HIS H2   H  N N 178 
HIS HA   H  N N 179 
HIS HB2  H  N N 180 
HIS HB3  H  N N 181 
HIS HD1  H  N N 182 
HIS HD2  H  N N 183 
HIS HE1  H  N N 184 
HIS HE2  H  N N 185 
HIS HXT  H  N N 186 
HOH O    O  N N 187 
HOH H1   H  N N 188 
HOH H2   H  N N 189 
ILE N    N  N N 190 
ILE CA   C  N S 191 
ILE C    C  N N 192 
ILE O    O  N N 193 
ILE CB   C  N S 194 
ILE CG1  C  N N 195 
ILE CG2  C  N N 196 
ILE CD1  C  N N 197 
ILE OXT  O  N N 198 
ILE H    H  N N 199 
ILE H2   H  N N 200 
ILE HA   H  N N 201 
ILE HB   H  N N 202 
ILE HG12 H  N N 203 
ILE HG13 H  N N 204 
ILE HG21 H  N N 205 
ILE HG22 H  N N 206 
ILE HG23 H  N N 207 
ILE HD11 H  N N 208 
ILE HD12 H  N N 209 
ILE HD13 H  N N 210 
ILE HXT  H  N N 211 
LEU N    N  N N 212 
LEU CA   C  N S 213 
LEU C    C  N N 214 
LEU O    O  N N 215 
LEU CB   C  N N 216 
LEU CG   C  N N 217 
LEU CD1  C  N N 218 
LEU CD2  C  N N 219 
LEU OXT  O  N N 220 
LEU H    H  N N 221 
LEU H2   H  N N 222 
LEU HA   H  N N 223 
LEU HB2  H  N N 224 
LEU HB3  H  N N 225 
LEU HG   H  N N 226 
LEU HD11 H  N N 227 
LEU HD12 H  N N 228 
LEU HD13 H  N N 229 
LEU HD21 H  N N 230 
LEU HD22 H  N N 231 
LEU HD23 H  N N 232 
LEU HXT  H  N N 233 
LYS N    N  N N 234 
LYS CA   C  N S 235 
LYS C    C  N N 236 
LYS O    O  N N 237 
LYS CB   C  N N 238 
LYS CG   C  N N 239 
LYS CD   C  N N 240 
LYS CE   C  N N 241 
LYS NZ   N  N N 242 
LYS OXT  O  N N 243 
LYS H    H  N N 244 
LYS H2   H  N N 245 
LYS HA   H  N N 246 
LYS HB2  H  N N 247 
LYS HB3  H  N N 248 
LYS HG2  H  N N 249 
LYS HG3  H  N N 250 
LYS HD2  H  N N 251 
LYS HD3  H  N N 252 
LYS HE2  H  N N 253 
LYS HE3  H  N N 254 
LYS HZ1  H  N N 255 
LYS HZ2  H  N N 256 
LYS HZ3  H  N N 257 
LYS HXT  H  N N 258 
MET N    N  N N 259 
MET CA   C  N S 260 
MET C    C  N N 261 
MET O    O  N N 262 
MET CB   C  N N 263 
MET CG   C  N N 264 
MET SD   S  N N 265 
MET CE   C  N N 266 
MET OXT  O  N N 267 
MET H    H  N N 268 
MET H2   H  N N 269 
MET HA   H  N N 270 
MET HB2  H  N N 271 
MET HB3  H  N N 272 
MET HG2  H  N N 273 
MET HG3  H  N N 274 
MET HE1  H  N N 275 
MET HE2  H  N N 276 
MET HE3  H  N N 277 
MET HXT  H  N N 278 
MN  MN   MN N N 279 
NDP PA   P  N S 280 
NDP O1A  O  N N 281 
NDP O2A  O  N N 282 
NDP O5B  O  N N 283 
NDP C5B  C  N N 284 
NDP C4B  C  N R 285 
NDP O4B  O  N N 286 
NDP C3B  C  N R 287 
NDP O3B  O  N N 288 
NDP C2B  C  N R 289 
NDP O2B  O  N N 290 
NDP C1B  C  N R 291 
NDP N9A  N  Y N 292 
NDP C8A  C  Y N 293 
NDP N7A  N  Y N 294 
NDP C5A  C  Y N 295 
NDP C6A  C  Y N 296 
NDP N6A  N  N N 297 
NDP N1A  N  Y N 298 
NDP C2A  C  Y N 299 
NDP N3A  N  Y N 300 
NDP C4A  C  Y N 301 
NDP O3   O  N N 302 
NDP PN   P  N S 303 
NDP O1N  O  N N 304 
NDP O2N  O  N N 305 
NDP O5D  O  N N 306 
NDP C5D  C  N N 307 
NDP C4D  C  N R 308 
NDP O4D  O  N N 309 
NDP C3D  C  N S 310 
NDP O3D  O  N N 311 
NDP C2D  C  N R 312 
NDP O2D  O  N N 313 
NDP C1D  C  N R 314 
NDP N1N  N  N N 315 
NDP C2N  C  N N 316 
NDP C3N  C  N N 317 
NDP C7N  C  N N 318 
NDP O7N  O  N N 319 
NDP N7N  N  N N 320 
NDP C4N  C  N N 321 
NDP C5N  C  N N 322 
NDP C6N  C  N N 323 
NDP P2B  P  N N 324 
NDP O1X  O  N N 325 
NDP O2X  O  N N 326 
NDP O3X  O  N N 327 
NDP HOA2 H  N N 328 
NDP H51A H  N N 329 
NDP H52A H  N N 330 
NDP H4B  H  N N 331 
NDP H3B  H  N N 332 
NDP HO3A H  N N 333 
NDP H2B  H  N N 334 
NDP H1B  H  N N 335 
NDP H8A  H  N N 336 
NDP H61A H  N N 337 
NDP H62A H  N N 338 
NDP H2A  H  N N 339 
NDP H21N H  N N 340 
NDP H51N H  N N 341 
NDP H52N H  N N 342 
NDP H4D  H  N N 343 
NDP H3D  H  N N 344 
NDP HO3N H  N N 345 
NDP H2D  H  N N 346 
NDP HO2N H  N N 347 
NDP H1D  H  N N 348 
NDP H2N  H  N N 349 
NDP H71N H  N N 350 
NDP H72N H  N N 351 
NDP H41N H  N N 352 
NDP H42N H  N N 353 
NDP H5N  H  N N 354 
NDP H6N  H  N N 355 
NDP HOP2 H  N N 356 
NDP HOP3 H  N N 357 
PHE N    N  N N 358 
PHE CA   C  N S 359 
PHE C    C  N N 360 
PHE O    O  N N 361 
PHE CB   C  N N 362 
PHE CG   C  Y N 363 
PHE CD1  C  Y N 364 
PHE CD2  C  Y N 365 
PHE CE1  C  Y N 366 
PHE CE2  C  Y N 367 
PHE CZ   C  Y N 368 
PHE OXT  O  N N 369 
PHE H    H  N N 370 
PHE H2   H  N N 371 
PHE HA   H  N N 372 
PHE HB2  H  N N 373 
PHE HB3  H  N N 374 
PHE HD1  H  N N 375 
PHE HD2  H  N N 376 
PHE HE1  H  N N 377 
PHE HE2  H  N N 378 
PHE HZ   H  N N 379 
PHE HXT  H  N N 380 
PRO N    N  N N 381 
PRO CA   C  N S 382 
PRO C    C  N N 383 
PRO O    O  N N 384 
PRO CB   C  N N 385 
PRO CG   C  N N 386 
PRO CD   C  N N 387 
PRO OXT  O  N N 388 
PRO H    H  N N 389 
PRO HA   H  N N 390 
PRO HB2  H  N N 391 
PRO HB3  H  N N 392 
PRO HG2  H  N N 393 
PRO HG3  H  N N 394 
PRO HD2  H  N N 395 
PRO HD3  H  N N 396 
PRO HXT  H  N N 397 
SER N    N  N N 398 
SER CA   C  N S 399 
SER C    C  N N 400 
SER O    O  N N 401 
SER CB   C  N N 402 
SER OG   O  N N 403 
SER OXT  O  N N 404 
SER H    H  N N 405 
SER H2   H  N N 406 
SER HA   H  N N 407 
SER HB2  H  N N 408 
SER HB3  H  N N 409 
SER HG   H  N N 410 
SER HXT  H  N N 411 
THR N    N  N N 412 
THR CA   C  N S 413 
THR C    C  N N 414 
THR O    O  N N 415 
THR CB   C  N R 416 
THR OG1  O  N N 417 
THR CG2  C  N N 418 
THR OXT  O  N N 419 
THR H    H  N N 420 
THR H2   H  N N 421 
THR HA   H  N N 422 
THR HB   H  N N 423 
THR HG1  H  N N 424 
THR HG21 H  N N 425 
THR HG22 H  N N 426 
THR HG23 H  N N 427 
THR HXT  H  N N 428 
TRP N    N  N N 429 
TRP CA   C  N S 430 
TRP C    C  N N 431 
TRP O    O  N N 432 
TRP CB   C  N N 433 
TRP CG   C  Y N 434 
TRP CD1  C  Y N 435 
TRP CD2  C  Y N 436 
TRP NE1  N  Y N 437 
TRP CE2  C  Y N 438 
TRP CE3  C  Y N 439 
TRP CZ2  C  Y N 440 
TRP CZ3  C  Y N 441 
TRP CH2  C  Y N 442 
TRP OXT  O  N N 443 
TRP H    H  N N 444 
TRP H2   H  N N 445 
TRP HA   H  N N 446 
TRP HB2  H  N N 447 
TRP HB3  H  N N 448 
TRP HD1  H  N N 449 
TRP HE1  H  N N 450 
TRP HE3  H  N N 451 
TRP HZ2  H  N N 452 
TRP HZ3  H  N N 453 
TRP HH2  H  N N 454 
TRP HXT  H  N N 455 
TYR N    N  N N 456 
TYR CA   C  N S 457 
TYR C    C  N N 458 
TYR O    O  N N 459 
TYR CB   C  N N 460 
TYR CG   C  Y N 461 
TYR CD1  C  Y N 462 
TYR CD2  C  Y N 463 
TYR CE1  C  Y N 464 
TYR CE2  C  Y N 465 
TYR CZ   C  Y N 466 
TYR OH   O  N N 467 
TYR OXT  O  N N 468 
TYR H    H  N N 469 
TYR H2   H  N N 470 
TYR HA   H  N N 471 
TYR HB2  H  N N 472 
TYR HB3  H  N N 473 
TYR HD1  H  N N 474 
TYR HD2  H  N N 475 
TYR HE1  H  N N 476 
TYR HE2  H  N N 477 
TYR HH   H  N N 478 
TYR HXT  H  N N 479 
VAL N    N  N N 480 
VAL CA   C  N S 481 
VAL C    C  N N 482 
VAL O    O  N N 483 
VAL CB   C  N N 484 
VAL CG1  C  N N 485 
VAL CG2  C  N N 486 
VAL OXT  O  N N 487 
VAL H    H  N N 488 
VAL H2   H  N N 489 
VAL HA   H  N N 490 
VAL HB   H  N N 491 
VAL HG11 H  N N 492 
VAL HG12 H  N N 493 
VAL HG13 H  N N 494 
VAL HG21 H  N N 495 
VAL HG22 H  N N 496 
VAL HG23 H  N N 497 
VAL HXT  H  N N 498 
# 
loop_
_chem_comp_bond.comp_id 
_chem_comp_bond.atom_id_1 
_chem_comp_bond.atom_id_2 
_chem_comp_bond.value_order 
_chem_comp_bond.pdbx_aromatic_flag 
_chem_comp_bond.pdbx_stereo_config 
_chem_comp_bond.pdbx_ordinal 
817 N1  C1   doub N N 1   
817 N1  HN1  sing N N 2   
817 C2  N3   sing N N 3   
817 C2  N4   doub N N 4   
817 C2  S1   sing N N 5   
817 N2  C1   sing N N 6   
817 N2  HN21 sing N N 7   
817 N2  HN22 sing N N 8   
817 N3  C1   sing N N 9   
817 N3  HN3  sing N N 10  
817 C4  C10  sing Y N 11  
817 C4  C3   sing N N 12  
817 C4  C5   doub Y N 13  
817 C6  C7   doub Y N 14  
817 C6  C5   sing Y N 15  
817 C6  H6   sing N N 16  
817 C7  C8   sing Y N 17  
817 C7  H7   sing N N 18  
817 C9  C8   sing N N 19  
817 C9  F1   sing N N 20  
817 C9  F2   sing N N 21  
817 C9  F3   sing N N 22  
817 C10 C8   doub Y N 23  
817 C10 H10  sing N N 24  
817 N4  HN4  sing N N 25  
817 S1  C3   sing N N 26  
817 C3  H31  sing N N 27  
817 C3  H32  sing N N 28  
817 C5  H5   sing N N 29  
ALA N   CA   sing N N 30  
ALA N   H    sing N N 31  
ALA N   H2   sing N N 32  
ALA CA  C    sing N N 33  
ALA CA  CB   sing N N 34  
ALA CA  HA   sing N N 35  
ALA C   O    doub N N 36  
ALA C   OXT  sing N N 37  
ALA CB  HB1  sing N N 38  
ALA CB  HB2  sing N N 39  
ALA CB  HB3  sing N N 40  
ALA OXT HXT  sing N N 41  
ARG N   CA   sing N N 42  
ARG N   H    sing N N 43  
ARG N   H2   sing N N 44  
ARG CA  C    sing N N 45  
ARG CA  CB   sing N N 46  
ARG CA  HA   sing N N 47  
ARG C   O    doub N N 48  
ARG C   OXT  sing N N 49  
ARG CB  CG   sing N N 50  
ARG CB  HB2  sing N N 51  
ARG CB  HB3  sing N N 52  
ARG CG  CD   sing N N 53  
ARG CG  HG2  sing N N 54  
ARG CG  HG3  sing N N 55  
ARG CD  NE   sing N N 56  
ARG CD  HD2  sing N N 57  
ARG CD  HD3  sing N N 58  
ARG NE  CZ   sing N N 59  
ARG NE  HE   sing N N 60  
ARG CZ  NH1  sing N N 61  
ARG CZ  NH2  doub N N 62  
ARG NH1 HH11 sing N N 63  
ARG NH1 HH12 sing N N 64  
ARG NH2 HH21 sing N N 65  
ARG NH2 HH22 sing N N 66  
ARG OXT HXT  sing N N 67  
ASN N   CA   sing N N 68  
ASN N   H    sing N N 69  
ASN N   H2   sing N N 70  
ASN CA  C    sing N N 71  
ASN CA  CB   sing N N 72  
ASN CA  HA   sing N N 73  
ASN C   O    doub N N 74  
ASN C   OXT  sing N N 75  
ASN CB  CG   sing N N 76  
ASN CB  HB2  sing N N 77  
ASN CB  HB3  sing N N 78  
ASN CG  OD1  doub N N 79  
ASN CG  ND2  sing N N 80  
ASN ND2 HD21 sing N N 81  
ASN ND2 HD22 sing N N 82  
ASN OXT HXT  sing N N 83  
ASP N   CA   sing N N 84  
ASP N   H    sing N N 85  
ASP N   H2   sing N N 86  
ASP CA  C    sing N N 87  
ASP CA  CB   sing N N 88  
ASP CA  HA   sing N N 89  
ASP C   O    doub N N 90  
ASP C   OXT  sing N N 91  
ASP CB  CG   sing N N 92  
ASP CB  HB2  sing N N 93  
ASP CB  HB3  sing N N 94  
ASP CG  OD1  doub N N 95  
ASP CG  OD2  sing N N 96  
ASP OD2 HD2  sing N N 97  
ASP OXT HXT  sing N N 98  
CYS N   CA   sing N N 99  
CYS N   H    sing N N 100 
CYS N   H2   sing N N 101 
CYS CA  C    sing N N 102 
CYS CA  CB   sing N N 103 
CYS CA  HA   sing N N 104 
CYS C   O    doub N N 105 
CYS C   OXT  sing N N 106 
CYS CB  SG   sing N N 107 
CYS CB  HB2  sing N N 108 
CYS CB  HB3  sing N N 109 
CYS SG  HG   sing N N 110 
CYS OXT HXT  sing N N 111 
GLN N   CA   sing N N 112 
GLN N   H    sing N N 113 
GLN N   H2   sing N N 114 
GLN CA  C    sing N N 115 
GLN CA  CB   sing N N 116 
GLN CA  HA   sing N N 117 
GLN C   O    doub N N 118 
GLN C   OXT  sing N N 119 
GLN CB  CG   sing N N 120 
GLN CB  HB2  sing N N 121 
GLN CB  HB3  sing N N 122 
GLN CG  CD   sing N N 123 
GLN CG  HG2  sing N N 124 
GLN CG  HG3  sing N N 125 
GLN CD  OE1  doub N N 126 
GLN CD  NE2  sing N N 127 
GLN NE2 HE21 sing N N 128 
GLN NE2 HE22 sing N N 129 
GLN OXT HXT  sing N N 130 
GLU N   CA   sing N N 131 
GLU N   H    sing N N 132 
GLU N   H2   sing N N 133 
GLU CA  C    sing N N 134 
GLU CA  CB   sing N N 135 
GLU CA  HA   sing N N 136 
GLU C   O    doub N N 137 
GLU C   OXT  sing N N 138 
GLU CB  CG   sing N N 139 
GLU CB  HB2  sing N N 140 
GLU CB  HB3  sing N N 141 
GLU CG  CD   sing N N 142 
GLU CG  HG2  sing N N 143 
GLU CG  HG3  sing N N 144 
GLU CD  OE1  doub N N 145 
GLU CD  OE2  sing N N 146 
GLU OE2 HE2  sing N N 147 
GLU OXT HXT  sing N N 148 
GLY N   CA   sing N N 149 
GLY N   H    sing N N 150 
GLY N   H2   sing N N 151 
GLY CA  C    sing N N 152 
GLY CA  HA2  sing N N 153 
GLY CA  HA3  sing N N 154 
GLY C   O    doub N N 155 
GLY C   OXT  sing N N 156 
GLY OXT HXT  sing N N 157 
HIS N   CA   sing N N 158 
HIS N   H    sing N N 159 
HIS N   H2   sing N N 160 
HIS CA  C    sing N N 161 
HIS CA  CB   sing N N 162 
HIS CA  HA   sing N N 163 
HIS C   O    doub N N 164 
HIS C   OXT  sing N N 165 
HIS CB  CG   sing N N 166 
HIS CB  HB2  sing N N 167 
HIS CB  HB3  sing N N 168 
HIS CG  ND1  sing Y N 169 
HIS CG  CD2  doub Y N 170 
HIS ND1 CE1  doub Y N 171 
HIS ND1 HD1  sing N N 172 
HIS CD2 NE2  sing Y N 173 
HIS CD2 HD2  sing N N 174 
HIS CE1 NE2  sing Y N 175 
HIS CE1 HE1  sing N N 176 
HIS NE2 HE2  sing N N 177 
HIS OXT HXT  sing N N 178 
HOH O   H1   sing N N 179 
HOH O   H2   sing N N 180 
ILE N   CA   sing N N 181 
ILE N   H    sing N N 182 
ILE N   H2   sing N N 183 
ILE CA  C    sing N N 184 
ILE CA  CB   sing N N 185 
ILE CA  HA   sing N N 186 
ILE C   O    doub N N 187 
ILE C   OXT  sing N N 188 
ILE CB  CG1  sing N N 189 
ILE CB  CG2  sing N N 190 
ILE CB  HB   sing N N 191 
ILE CG1 CD1  sing N N 192 
ILE CG1 HG12 sing N N 193 
ILE CG1 HG13 sing N N 194 
ILE CG2 HG21 sing N N 195 
ILE CG2 HG22 sing N N 196 
ILE CG2 HG23 sing N N 197 
ILE CD1 HD11 sing N N 198 
ILE CD1 HD12 sing N N 199 
ILE CD1 HD13 sing N N 200 
ILE OXT HXT  sing N N 201 
LEU N   CA   sing N N 202 
LEU N   H    sing N N 203 
LEU N   H2   sing N N 204 
LEU CA  C    sing N N 205 
LEU CA  CB   sing N N 206 
LEU CA  HA   sing N N 207 
LEU C   O    doub N N 208 
LEU C   OXT  sing N N 209 
LEU CB  CG   sing N N 210 
LEU CB  HB2  sing N N 211 
LEU CB  HB3  sing N N 212 
LEU CG  CD1  sing N N 213 
LEU CG  CD2  sing N N 214 
LEU CG  HG   sing N N 215 
LEU CD1 HD11 sing N N 216 
LEU CD1 HD12 sing N N 217 
LEU CD1 HD13 sing N N 218 
LEU CD2 HD21 sing N N 219 
LEU CD2 HD22 sing N N 220 
LEU CD2 HD23 sing N N 221 
LEU OXT HXT  sing N N 222 
LYS N   CA   sing N N 223 
LYS N   H    sing N N 224 
LYS N   H2   sing N N 225 
LYS CA  C    sing N N 226 
LYS CA  CB   sing N N 227 
LYS CA  HA   sing N N 228 
LYS C   O    doub N N 229 
LYS C   OXT  sing N N 230 
LYS CB  CG   sing N N 231 
LYS CB  HB2  sing N N 232 
LYS CB  HB3  sing N N 233 
LYS CG  CD   sing N N 234 
LYS CG  HG2  sing N N 235 
LYS CG  HG3  sing N N 236 
LYS CD  CE   sing N N 237 
LYS CD  HD2  sing N N 238 
LYS CD  HD3  sing N N 239 
LYS CE  NZ   sing N N 240 
LYS CE  HE2  sing N N 241 
LYS CE  HE3  sing N N 242 
LYS NZ  HZ1  sing N N 243 
LYS NZ  HZ2  sing N N 244 
LYS NZ  HZ3  sing N N 245 
LYS OXT HXT  sing N N 246 
MET N   CA   sing N N 247 
MET N   H    sing N N 248 
MET N   H2   sing N N 249 
MET CA  C    sing N N 250 
MET CA  CB   sing N N 251 
MET CA  HA   sing N N 252 
MET C   O    doub N N 253 
MET C   OXT  sing N N 254 
MET CB  CG   sing N N 255 
MET CB  HB2  sing N N 256 
MET CB  HB3  sing N N 257 
MET CG  SD   sing N N 258 
MET CG  HG2  sing N N 259 
MET CG  HG3  sing N N 260 
MET SD  CE   sing N N 261 
MET CE  HE1  sing N N 262 
MET CE  HE2  sing N N 263 
MET CE  HE3  sing N N 264 
MET OXT HXT  sing N N 265 
NDP PA  O1A  doub N N 266 
NDP PA  O2A  sing N N 267 
NDP PA  O5B  sing N N 268 
NDP PA  O3   sing N N 269 
NDP O2A HOA2 sing N N 270 
NDP O5B C5B  sing N N 271 
NDP C5B C4B  sing N N 272 
NDP C5B H51A sing N N 273 
NDP C5B H52A sing N N 274 
NDP C4B O4B  sing N N 275 
NDP C4B C3B  sing N N 276 
NDP C4B H4B  sing N N 277 
NDP O4B C1B  sing N N 278 
NDP C3B O3B  sing N N 279 
NDP C3B C2B  sing N N 280 
NDP C3B H3B  sing N N 281 
NDP O3B HO3A sing N N 282 
NDP C2B O2B  sing N N 283 
NDP C2B C1B  sing N N 284 
NDP C2B H2B  sing N N 285 
NDP O2B P2B  sing N N 286 
NDP C1B N9A  sing N N 287 
NDP C1B H1B  sing N N 288 
NDP N9A C8A  sing Y N 289 
NDP N9A C4A  sing Y N 290 
NDP C8A N7A  doub Y N 291 
NDP C8A H8A  sing N N 292 
NDP N7A C5A  sing Y N 293 
NDP C5A C6A  sing Y N 294 
NDP C5A C4A  doub Y N 295 
NDP C6A N6A  sing N N 296 
NDP C6A N1A  doub Y N 297 
NDP N6A H61A sing N N 298 
NDP N6A H62A sing N N 299 
NDP N1A C2A  sing Y N 300 
NDP C2A N3A  doub Y N 301 
NDP C2A H2A  sing N N 302 
NDP N3A C4A  sing Y N 303 
NDP O3  PN   sing N N 304 
NDP PN  O1N  doub N N 305 
NDP PN  O2N  sing N N 306 
NDP PN  O5D  sing N N 307 
NDP O2N H21N sing N N 308 
NDP O5D C5D  sing N N 309 
NDP C5D C4D  sing N N 310 
NDP C5D H51N sing N N 311 
NDP C5D H52N sing N N 312 
NDP C4D O4D  sing N N 313 
NDP C4D C3D  sing N N 314 
NDP C4D H4D  sing N N 315 
NDP O4D C1D  sing N N 316 
NDP C3D O3D  sing N N 317 
NDP C3D C2D  sing N N 318 
NDP C3D H3D  sing N N 319 
NDP O3D HO3N sing N N 320 
NDP C2D O2D  sing N N 321 
NDP C2D C1D  sing N N 322 
NDP C2D H2D  sing N N 323 
NDP O2D HO2N sing N N 324 
NDP C1D N1N  sing N N 325 
NDP C1D H1D  sing N N 326 
NDP N1N C2N  sing N N 327 
NDP N1N C6N  sing N N 328 
NDP C2N C3N  doub N N 329 
NDP C2N H2N  sing N N 330 
NDP C3N C7N  sing N N 331 
NDP C3N C4N  sing N N 332 
NDP C7N O7N  doub N N 333 
NDP C7N N7N  sing N N 334 
NDP N7N H71N sing N N 335 
NDP N7N H72N sing N N 336 
NDP C4N C5N  sing N N 337 
NDP C4N H41N sing N N 338 
NDP C4N H42N sing N N 339 
NDP C5N C6N  doub N N 340 
NDP C5N H5N  sing N N 341 
NDP C6N H6N  sing N N 342 
NDP P2B O1X  doub N N 343 
NDP P2B O2X  sing N N 344 
NDP P2B O3X  sing N N 345 
NDP O2X HOP2 sing N N 346 
NDP O3X HOP3 sing N N 347 
PHE N   CA   sing N N 348 
PHE N   H    sing N N 349 
PHE N   H2   sing N N 350 
PHE CA  C    sing N N 351 
PHE CA  CB   sing N N 352 
PHE CA  HA   sing N N 353 
PHE C   O    doub N N 354 
PHE C   OXT  sing N N 355 
PHE CB  CG   sing N N 356 
PHE CB  HB2  sing N N 357 
PHE CB  HB3  sing N N 358 
PHE CG  CD1  doub Y N 359 
PHE CG  CD2  sing Y N 360 
PHE CD1 CE1  sing Y N 361 
PHE CD1 HD1  sing N N 362 
PHE CD2 CE2  doub Y N 363 
PHE CD2 HD2  sing N N 364 
PHE CE1 CZ   doub Y N 365 
PHE CE1 HE1  sing N N 366 
PHE CE2 CZ   sing Y N 367 
PHE CE2 HE2  sing N N 368 
PHE CZ  HZ   sing N N 369 
PHE OXT HXT  sing N N 370 
PRO N   CA   sing N N 371 
PRO N   CD   sing N N 372 
PRO N   H    sing N N 373 
PRO CA  C    sing N N 374 
PRO CA  CB   sing N N 375 
PRO CA  HA   sing N N 376 
PRO C   O    doub N N 377 
PRO C   OXT  sing N N 378 
PRO CB  CG   sing N N 379 
PRO CB  HB2  sing N N 380 
PRO CB  HB3  sing N N 381 
PRO CG  CD   sing N N 382 
PRO CG  HG2  sing N N 383 
PRO CG  HG3  sing N N 384 
PRO CD  HD2  sing N N 385 
PRO CD  HD3  sing N N 386 
PRO OXT HXT  sing N N 387 
SER N   CA   sing N N 388 
SER N   H    sing N N 389 
SER N   H2   sing N N 390 
SER CA  C    sing N N 391 
SER CA  CB   sing N N 392 
SER CA  HA   sing N N 393 
SER C   O    doub N N 394 
SER C   OXT  sing N N 395 
SER CB  OG   sing N N 396 
SER CB  HB2  sing N N 397 
SER CB  HB3  sing N N 398 
SER OG  HG   sing N N 399 
SER OXT HXT  sing N N 400 
THR N   CA   sing N N 401 
THR N   H    sing N N 402 
THR N   H2   sing N N 403 
THR CA  C    sing N N 404 
THR CA  CB   sing N N 405 
THR CA  HA   sing N N 406 
THR C   O    doub N N 407 
THR C   OXT  sing N N 408 
THR CB  OG1  sing N N 409 
THR CB  CG2  sing N N 410 
THR CB  HB   sing N N 411 
THR OG1 HG1  sing N N 412 
THR CG2 HG21 sing N N 413 
THR CG2 HG22 sing N N 414 
THR CG2 HG23 sing N N 415 
THR OXT HXT  sing N N 416 
TRP N   CA   sing N N 417 
TRP N   H    sing N N 418 
TRP N   H2   sing N N 419 
TRP CA  C    sing N N 420 
TRP CA  CB   sing N N 421 
TRP CA  HA   sing N N 422 
TRP C   O    doub N N 423 
TRP C   OXT  sing N N 424 
TRP CB  CG   sing N N 425 
TRP CB  HB2  sing N N 426 
TRP CB  HB3  sing N N 427 
TRP CG  CD1  doub Y N 428 
TRP CG  CD2  sing Y N 429 
TRP CD1 NE1  sing Y N 430 
TRP CD1 HD1  sing N N 431 
TRP CD2 CE2  doub Y N 432 
TRP CD2 CE3  sing Y N 433 
TRP NE1 CE2  sing Y N 434 
TRP NE1 HE1  sing N N 435 
TRP CE2 CZ2  sing Y N 436 
TRP CE3 CZ3  doub Y N 437 
TRP CE3 HE3  sing N N 438 
TRP CZ2 CH2  doub Y N 439 
TRP CZ2 HZ2  sing N N 440 
TRP CZ3 CH2  sing Y N 441 
TRP CZ3 HZ3  sing N N 442 
TRP CH2 HH2  sing N N 443 
TRP OXT HXT  sing N N 444 
TYR N   CA   sing N N 445 
TYR N   H    sing N N 446 
TYR N   H2   sing N N 447 
TYR CA  C    sing N N 448 
TYR CA  CB   sing N N 449 
TYR CA  HA   sing N N 450 
TYR C   O    doub N N 451 
TYR C   OXT  sing N N 452 
TYR CB  CG   sing N N 453 
TYR CB  HB2  sing N N 454 
TYR CB  HB3  sing N N 455 
TYR CG  CD1  doub Y N 456 
TYR CG  CD2  sing Y N 457 
TYR CD1 CE1  sing Y N 458 
TYR CD1 HD1  sing N N 459 
TYR CD2 CE2  doub Y N 460 
TYR CD2 HD2  sing N N 461 
TYR CE1 CZ   doub Y N 462 
TYR CE1 HE1  sing N N 463 
TYR CE2 CZ   sing Y N 464 
TYR CE2 HE2  sing N N 465 
TYR CZ  OH   sing N N 466 
TYR OH  HH   sing N N 467 
TYR OXT HXT  sing N N 468 
VAL N   CA   sing N N 469 
VAL N   H    sing N N 470 
VAL N   H2   sing N N 471 
VAL CA  C    sing N N 472 
VAL CA  CB   sing N N 473 
VAL CA  HA   sing N N 474 
VAL C   O    doub N N 475 
VAL C   OXT  sing N N 476 
VAL CB  CG1  sing N N 477 
VAL CB  CG2  sing N N 478 
VAL CB  HB   sing N N 479 
VAL CG1 HG11 sing N N 480 
VAL CG1 HG12 sing N N 481 
VAL CG1 HG13 sing N N 482 
VAL CG2 HG21 sing N N 483 
VAL CG2 HG22 sing N N 484 
VAL CG2 HG23 sing N N 485 
VAL OXT HXT  sing N N 486 
# 
_atom_sites.entry_id                    2ANO 
_atom_sites.fract_transf_matrix[1][1]   0.02906653 
_atom_sites.fract_transf_matrix[1][2]   -0.00071208 
_atom_sites.fract_transf_matrix[1][3]   -0.00362214 
_atom_sites.fract_transf_matrix[2][1]   -0.00245353 
_atom_sites.fract_transf_matrix[2][2]   -0.01508523 
_atom_sites.fract_transf_matrix[2][3]   -0.01672319 
_atom_sites.fract_transf_matrix[3][1]   -0.00065838 
_atom_sites.fract_transf_matrix[3][2]   0.00762601 
_atom_sites.fract_transf_matrix[3][3]   -0.00678248 
_atom_sites.fract_transf_vector[1]      0.796014 
_atom_sites.fract_transf_vector[2]      0.958603 
_atom_sites.fract_transf_vector[3]      0.131191 
# 
loop_
_atom_type.symbol 
C  
F  
MN 
N  
O  
P  
S  
# 
loop_
_atom_site.group_PDB 
_atom_site.id 
_atom_site.type_symbol 
_atom_site.label_atom_id 
_atom_site.label_alt_id 
_atom_site.label_comp_id 
_atom_site.label_asym_id 
_atom_site.label_entity_id 
_atom_site.label_seq_id 
_atom_site.pdbx_PDB_ins_code 
_atom_site.Cartn_x 
_atom_site.Cartn_y 
_atom_site.Cartn_z 
_atom_site.occupancy 
_atom_site.B_iso_or_equiv 
_atom_site.pdbx_formal_charge 
_atom_site.auth_seq_id 
_atom_site.auth_comp_id 
_atom_site.auth_asym_id 
_atom_site.auth_atom_id 
_atom_site.pdbx_PDB_model_num 
ATOM   1    N  N   . MET A 1 1   ? -14.531 -1.264  5.612   1.00 33.48  ? 1    MET A N   1 
ATOM   2    C  CA  . MET A 1 1   ? -13.896 -0.063  5.005   1.00 33.92  ? 1    MET A CA  1 
ATOM   3    C  C   . MET A 1 1   ? -12.633 -0.444  4.231   1.00 30.68  ? 1    MET A C   1 
ATOM   4    O  O   . MET A 1 1   ? -11.843 -1.261  4.681   1.00 29.59  ? 1    MET A O   1 
ATOM   5    C  CB  . MET A 1 1   ? -13.532 0.932   6.100   1.00 40.72  ? 1    MET A CB  1 
ATOM   6    C  CG  . MET A 1 1   ? -12.849 2.195   5.610   1.00 48.42  ? 1    MET A CG  1 
ATOM   7    S  SD  . MET A 1 1   ? -11.589 2.722   6.773   1.00 54.84  ? 1    MET A SD  1 
ATOM   8    C  CE  . MET A 1 1   ? -12.563 2.899   8.286   1.00 56.27  ? 1    MET A CE  1 
ATOM   9    N  N   . ILE A 1 2   ? -12.452 0.158   3.065   1.00 29.13  ? 2    ILE A N   1 
ATOM   10   C  CA  . ILE A 1 2   ? -11.277 -0.113  2.237   1.00 28.24  ? 2    ILE A CA  1 
ATOM   11   C  C   . ILE A 1 2   ? -10.234 0.971   2.438   1.00 27.29  ? 2    ILE A C   1 
ATOM   12   O  O   . ILE A 1 2   ? -10.552 2.145   2.599   1.00 26.25  ? 2    ILE A O   1 
ATOM   13   C  CB  . ILE A 1 2   ? -11.654 -0.160  0.755   1.00 27.64  ? 2    ILE A CB  1 
ATOM   14   C  CG1 . ILE A 1 2   ? -12.519 -1.383  0.486   1.00 28.68  ? 2    ILE A CG1 1 
ATOM   15   C  CG2 . ILE A 1 2   ? -10.413 -0.237  -0.091  1.00 27.17  ? 2    ILE A CG2 1 
ATOM   16   C  CD1 . ILE A 1 2   ? -13.045 -1.423  -0.923  1.00 30.01  ? 2    ILE A CD1 1 
ATOM   17   N  N   . SER A 1 3   ? -8.963  0.569   2.458   1.00 28.04  ? 3    SER A N   1 
ATOM   18   C  CA  . SER A 1 3   ? -7.895  1.541   2.644   1.00 27.97  ? 3    SER A CA  1 
ATOM   19   C  C   . SER A 1 3   ? -6.647  1.232   1.847   1.00 27.32  ? 3    SER A C   1 
ATOM   20   O  O   . SER A 1 3   ? -6.254  0.072   1.680   1.00 29.82  ? 3    SER A O   1 
ATOM   21   C  CB  . SER A 1 3   ? -7.502  1.649   4.114   1.00 25.75  ? 3    SER A CB  1 
ATOM   22   O  OG  . SER A 1 3   ? -8.634  1.897   4.925   1.00 24.72  ? 3    SER A OG  1 
ATOM   23   N  N   . LEU A 1 4   ? -6.010  2.292   1.358   1.00 22.78  ? 4    LEU A N   1 
ATOM   24   C  CA  . LEU A 1 4   ? -4.788  2.130   0.616   1.00 19.09  ? 4    LEU A CA  1 
ATOM   25   C  C   . LEU A 1 4   ? -3.667  2.594   1.508   1.00 17.53  ? 4    LEU A C   1 
ATOM   26   O  O   . LEU A 1 4   ? -3.818  3.587   2.204   1.00 16.10  ? 4    LEU A O   1 
ATOM   27   C  CB  . LEU A 1 4   ? -4.816  2.997   -0.640  1.00 19.52  ? 4    LEU A CB  1 
ATOM   28   C  CG  . LEU A 1 4   ? -5.360  2.400   -1.927  1.00 19.72  ? 4    LEU A CG  1 
ATOM   29   C  CD1 . LEU A 1 4   ? -6.746  1.830   -1.720  1.00 19.95  ? 4    LEU A CD1 1 
ATOM   30   C  CD2 . LEU A 1 4   ? -5.382  3.480   -2.976  1.00 22.06  ? 4    LEU A CD2 1 
ATOM   31   N  N   . ILE A 1 5   ? -2.570  1.867   1.515   1.00 19.47  ? 5    ILE A N   1 
ATOM   32   C  CA  . ILE A 1 5   ? -1.404  2.295   2.296   1.00 22.00  ? 5    ILE A CA  1 
ATOM   33   C  C   . ILE A 1 5   ? -0.217  2.261   1.332   1.00 21.58  ? 5    ILE A C   1 
ATOM   34   O  O   . ILE A 1 5   ? -0.040  1.288   0.612   1.00 19.33  ? 5    ILE A O   1 
ATOM   35   C  CB  . ILE A 1 5   ? -1.130  1.389   3.512   1.00 23.85  ? 5    ILE A CB  1 
ATOM   36   C  CG1 . ILE A 1 5   ? -0.018  2.016   4.355   1.00 25.42  ? 5    ILE A CG1 1 
ATOM   37   C  CG2 . ILE A 1 5   ? -0.787  -0.029  3.057   1.00 25.09  ? 5    ILE A CG2 1 
ATOM   38   C  CD1 . ILE A 1 5   ? 0.002   1.549   5.785   1.00 26.79  ? 5    ILE A CD1 1 
ATOM   39   N  N   . ALA A 1 6   ? 0.574   3.335   1.297   1.00 24.78  ? 6    ALA A N   1 
ATOM   40   C  CA  . ALA A 1 6   ? 1.714   3.396   0.382   1.00 26.18  ? 6    ALA A CA  1 
ATOM   41   C  C   . ALA A 1 6   ? 2.798   4.439   0.754   1.00 25.91  ? 6    ALA A C   1 
ATOM   42   O  O   . ALA A 1 6   ? 2.584   5.294   1.621   1.00 26.26  ? 6    ALA A O   1 
ATOM   43   C  CB  . ALA A 1 6   ? 1.191   3.655   -1.045  1.00 29.07  ? 6    ALA A CB  1 
ATOM   44   N  N   . ALA A 1 7   ? 3.967   4.351   0.119   1.00 22.78  ? 7    ALA A N   1 
ATOM   45   C  CA  . ALA A 1 7   ? 5.048   5.305   0.369   1.00 22.03  ? 7    ALA A CA  1 
ATOM   46   C  C   . ALA A 1 7   ? 5.384   5.962   -0.945  1.00 22.13  ? 7    ALA A C   1 
ATOM   47   O  O   . ALA A 1 7   ? 5.890   5.302   -1.855  1.00 22.51  ? 7    ALA A O   1 
ATOM   48   C  CB  . ALA A 1 7   ? 6.279   4.619   0.918   1.00 20.12  ? 7    ALA A CB  1 
ATOM   49   N  N   . LEU A 1 8   ? 5.112   7.267   -1.046  1.00 24.08  ? 8    LEU A N   1 
ATOM   50   C  CA  . LEU A 1 8   ? 5.380   8.035   -2.263  1.00 26.19  ? 8    LEU A CA  1 
ATOM   51   C  C   . LEU A 1 8   ? 6.640   8.884   -2.165  1.00 28.40  ? 8    LEU A C   1 
ATOM   52   O  O   . LEU A 1 8   ? 6.797   9.712   -1.251  1.00 27.11  ? 8    LEU A O   1 
ATOM   53   C  CB  . LEU A 1 8   ? 4.205   8.958   -2.578  1.00 27.62  ? 8    LEU A CB  1 
ATOM   54   C  CG  . LEU A 1 8   ? 2.849   8.330   -2.928  1.00 31.19  ? 8    LEU A CG  1 
ATOM   55   C  CD1 . LEU A 1 8   ? 2.459   7.307   -1.877  1.00 31.62  ? 8    LEU A CD1 1 
ATOM   56   C  CD2 . LEU A 1 8   ? 1.785   9.420   -3.018  1.00 31.84  ? 8    LEU A CD2 1 
ATOM   57   N  N   . ALA A 1 9   ? 7.549   8.681   -3.106  1.00 29.55  ? 9    ALA A N   1 
ATOM   58   C  CA  . ALA A 1 9   ? 8.767   9.466   -3.115  1.00 32.98  ? 9    ALA A CA  1 
ATOM   59   C  C   . ALA A 1 9   ? 8.457   10.723  -3.916  1.00 36.95  ? 9    ALA A C   1 
ATOM   60   O  O   . ALA A 1 9   ? 7.290   11.078  -4.114  1.00 36.88  ? 9    ALA A O   1 
ATOM   61   C  CB  . ALA A 1 9   ? 9.898   8.685   -3.773  1.00 26.15  ? 9    ALA A CB  1 
ATOM   62   N  N   . VAL A 1 10  ? 9.508   11.397  -4.365  1.00 42.22  ? 10   VAL A N   1 
ATOM   63   C  CA  . VAL A 1 10  ? 9.348   12.595  -5.171  1.00 46.54  ? 10   VAL A CA  1 
ATOM   64   C  C   . VAL A 1 10  ? 8.527   12.241  -6.416  1.00 49.75  ? 10   VAL A C   1 
ATOM   65   O  O   . VAL A 1 10  ? 8.784   11.236  -7.078  1.00 49.50  ? 10   VAL A O   1 
ATOM   66   C  CB  . VAL A 1 10  ? 10.741  13.151  -5.566  1.00 45.77  ? 10   VAL A CB  1 
ATOM   67   C  CG1 . VAL A 1 10  ? 10.662  13.947  -6.835  1.00 45.94  ? 10   VAL A CG1 1 
ATOM   68   C  CG2 . VAL A 1 10  ? 11.280  14.023  -4.449  1.00 46.73  ? 10   VAL A CG2 1 
ATOM   69   N  N   . ASP A 1 11  ? 7.518   13.052  -6.707  1.00 53.66  ? 11   ASP A N   1 
ATOM   70   C  CA  . ASP A 1 11  ? 6.673   12.832  -7.875  1.00 59.43  ? 11   ASP A CA  1 
ATOM   71   C  C   . ASP A 1 11  ? 5.874   11.538  -7.825  1.00 52.41  ? 11   ASP A C   1 
ATOM   72   O  O   . ASP A 1 11  ? 5.687   10.878  -8.848  1.00 49.56  ? 11   ASP A O   1 
ATOM   73   C  CB  . ASP A 1 11  ? 7.511   12.829  -9.150  1.00 80.74  ? 11   ASP A CB  1 
ATOM   74   C  CG  . ASP A 1 11  ? 8.586   13.887  -9.141  1.00 99.09  ? 11   ASP A CG  1 
ATOM   75   O  OD1 . ASP A 1 11  ? 8.264   15.077  -8.924  1.00 110.19 ? 11   ASP A OD1 1 
ATOM   76   O  OD2 . ASP A 1 11  ? 9.763   13.520  -9.353  1.00 110.34 ? 11   ASP A OD2 1 
ATOM   77   N  N   . ARG A 1 12  ? 5.422   11.172  -6.631  1.00 45.49  ? 12   ARG A N   1 
ATOM   78   C  CA  . ARG A 1 12  ? 4.609   9.979   -6.440  1.00 37.88  ? 12   ARG A CA  1 
ATOM   79   C  C   . ARG A 1 12  ? 5.219   8.676   -6.954  1.00 34.23  ? 12   ARG A C   1 
ATOM   80   O  O   . ARG A 1 12  ? 4.484   7.788   -7.368  1.00 34.97  ? 12   ARG A O   1 
ATOM   81   C  CB  . ARG A 1 12  ? 3.232   10.142  -7.096  1.00 35.01  ? 12   ARG A CB  1 
ATOM   82   C  CG  . ARG A 1 12  ? 2.502   11.421  -6.806  1.00 30.93  ? 12   ARG A CG  1 
ATOM   83   C  CD  . ARG A 1 12  ? 0.992   11.223  -7.000  1.00 29.97  ? 12   ARG A CD  1 
ATOM   84   N  NE  . ARG A 1 12  ? 0.597   10.536  -8.249  1.00 29.04  ? 12   ARG A NE  1 
ATOM   85   C  CZ  . ARG A 1 12  ? 0.609   11.064  -9.477  1.00 27.57  ? 12   ARG A CZ  1 
ATOM   86   N  NH1 . ARG A 1 12  ? 1.018   12.312  -9.671  1.00 26.71  ? 12   ARG A NH1 1 
ATOM   87   N  NH2 . ARG A 1 12  ? 0.181   10.357  -10.519 1.00 25.43  ? 12   ARG A NH2 1 
ATOM   88   N  N   . VAL A 1 13  ? 6.540   8.542   -6.961  1.00 28.49  ? 13   VAL A N   1 
ATOM   89   C  CA  . VAL A 1 13  ? 7.132   7.285   -7.410  1.00 23.38  ? 13   VAL A CA  1 
ATOM   90   C  C   . VAL A 1 13  ? 7.017   6.298   -6.249  1.00 24.05  ? 13   VAL A C   1 
ATOM   91   O  O   . VAL A 1 13  ? 7.330   6.648   -5.099  1.00 23.15  ? 13   VAL A O   1 
ATOM   92   C  CB  . VAL A 1 13  ? 8.603   7.475   -7.783  1.00 21.82  ? 13   VAL A CB  1 
ATOM   93   C  CG1 . VAL A 1 13  ? 9.293   6.124   -7.996  1.00 18.93  ? 13   VAL A CG1 1 
ATOM   94   C  CG2 . VAL A 1 13  ? 8.684   8.301   -9.027  1.00 19.73  ? 13   VAL A CG2 1 
ATOM   95   N  N   . ILE A 1 14  ? 6.581   5.071   -6.531  1.00 24.71  ? 14   ILE A N   1 
ATOM   96   C  CA  . ILE A 1 14  ? 6.405   4.072   -5.474  1.00 27.10  ? 14   ILE A CA  1 
ATOM   97   C  C   . ILE A 1 14  ? 7.273   2.811   -5.585  1.00 30.62  ? 14   ILE A C   1 
ATOM   98   O  O   . ILE A 1 14  ? 7.516   2.124   -4.587  1.00 31.00  ? 14   ILE A O   1 
ATOM   99   C  CB  . ILE A 1 14  ? 4.946   3.602   -5.428  1.00 25.63  ? 14   ILE A CB  1 
ATOM   100  C  CG1 . ILE A 1 14  ? 4.577   3.028   -6.793  1.00 24.32  ? 14   ILE A CG1 1 
ATOM   101  C  CG2 . ILE A 1 14  ? 4.010   4.754   -5.059  1.00 22.81  ? 14   ILE A CG2 1 
ATOM   102  C  CD1 . ILE A 1 14  ? 3.143   2.566   -6.876  1.00 25.01  ? 14   ILE A CD1 1 
ATOM   103  N  N   . GLY A 1 15  ? 7.705   2.486   -6.801  1.00 34.50  ? 15   GLY A N   1 
ATOM   104  C  CA  . GLY A 1 15  ? 8.530   1.311   -7.005  1.00 37.97  ? 15   GLY A CA  1 
ATOM   105  C  C   . GLY A 1 15  ? 9.428   1.455   -8.223  1.00 42.18  ? 15   GLY A C   1 
ATOM   106  O  O   . GLY A 1 15  ? 9.324   2.419   -9.006  1.00 39.66  ? 15   GLY A O   1 
ATOM   107  N  N   . MET A 1 16  ? 10.318  0.480   -8.386  1.00 46.78  ? 16   MET A N   1 
ATOM   108  C  CA  . MET A 1 16  ? 11.257  0.473   -9.502  1.00 52.88  ? 16   MET A CA  1 
ATOM   109  C  C   . MET A 1 16  ? 11.930  -0.883  -9.455  1.00 55.38  ? 16   MET A C   1 
ATOM   110  O  O   . MET A 1 16  ? 12.439  -1.278  -8.402  1.00 53.19  ? 16   MET A O   1 
ATOM   111  C  CB  . MET A 1 16  ? 12.305  1.577   -9.327  1.00 57.08  ? 16   MET A CB  1 
ATOM   112  C  CG  . MET A 1 16  ? 13.317  1.677   -10.463 1.00 63.29  ? 16   MET A CG  1 
ATOM   113  S  SD  . MET A 1 16  ? 12.547  2.369   -11.926 1.00 68.26  ? 16   MET A SD  1 
ATOM   114  C  CE  . MET A 1 16  ? 13.625  1.713   -13.245 1.00 68.57  ? 16   MET A CE  1 
ATOM   115  N  N   . GLU A 1 17  ? 11.925  -1.590  -10.581 1.00 61.02  ? 17   GLU A N   1 
ATOM   116  C  CA  . GLU A 1 17  ? 12.530  -2.917  -10.650 1.00 67.71  ? 17   GLU A CA  1 
ATOM   117  C  C   . GLU A 1 17  ? 11.964  -3.799  -9.541  1.00 63.20  ? 17   GLU A C   1 
ATOM   118  O  O   . GLU A 1 17  ? 12.691  -4.587  -8.921  1.00 60.50  ? 17   GLU A O   1 
ATOM   119  C  CB  . GLU A 1 17  ? 14.048  -2.813  -10.518 1.00 83.20  ? 17   GLU A CB  1 
ATOM   120  C  CG  . GLU A 1 17  ? 14.634  -1.768  -11.433 1.00 103.45 ? 17   GLU A CG  1 
ATOM   121  C  CD  . GLU A 1 17  ? 14.102  -1.887  -12.845 1.00 113.52 ? 17   GLU A CD  1 
ATOM   122  O  OE1 . GLU A 1 17  ? 14.639  -2.707  -13.620 1.00 118.71 ? 17   GLU A OE1 1 
ATOM   123  O  OE2 . GLU A 1 17  ? 13.133  -1.166  -13.170 1.00 118.60 ? 17   GLU A OE2 1 
ATOM   124  N  N   . ASN A 1 18  ? 10.663  -3.640  -9.300  1.00 58.23  ? 18   ASN A N   1 
ATOM   125  C  CA  . ASN A 1 18  ? 9.930   -4.395  -8.297  1.00 54.52  ? 18   ASN A CA  1 
ATOM   126  C  C   . ASN A 1 18  ? 10.439  -4.182  -6.881  1.00 54.77  ? 18   ASN A C   1 
ATOM   127  O  O   . ASN A 1 18  ? 10.434  -5.106  -6.071  1.00 54.25  ? 18   ASN A O   1 
ATOM   128  C  CB  . ASN A 1 18  ? 9.954   -5.878  -8.647  1.00 51.09  ? 18   ASN A CB  1 
ATOM   129  C  CG  . ASN A 1 18  ? 8.610   -6.522  -8.465  1.00 48.37  ? 18   ASN A CG  1 
ATOM   130  O  OD1 . ASN A 1 18  ? 7.584   -5.950  -8.840  1.00 45.44  ? 18   ASN A OD1 1 
ATOM   131  N  ND2 . ASN A 1 18  ? 8.597   -7.724  -7.899  1.00 46.96  ? 18   ASN A ND2 1 
ATOM   132  N  N   . ALA A 1 19  ? 10.833  -2.948  -6.575  1.00 56.58  ? 19   ALA A N   1 
ATOM   133  C  CA  . ALA A 1 19  ? 11.346  -2.615  -5.246  1.00 58.66  ? 19   ALA A CA  1 
ATOM   134  C  C   . ALA A 1 19  ? 11.275  -1.126  -4.896  1.00 60.11  ? 19   ALA A C   1 
ATOM   135  O  O   . ALA A 1 19  ? 11.495  -0.250  -5.738  1.00 60.17  ? 19   ALA A O   1 
ATOM   136  C  CB  . ALA A 1 19  ? 12.781  -3.108  -5.108  1.00 58.63  ? 19   ALA A CB  1 
ATOM   137  N  N   . MET A 1 20  ? 11.055  -0.854  -3.611  1.00 62.23  ? 20   MET A N   1 
ATOM   138  C  CA  . MET A 1 20  ? 10.999  0.516   -3.066  1.00 64.23  ? 20   MET A CA  1 
ATOM   139  C  C   . MET A 1 20  ? 12.481  0.944   -2.855  1.00 64.89  ? 20   MET A C   1 
ATOM   140  O  O   . MET A 1 20  ? 13.133  0.528   -1.877  1.00 65.89  ? 20   MET A O   1 
ATOM   141  C  CB  . MET A 1 20  ? 10.199  0.507   -1.729  1.00 64.37  ? 20   MET A CB  1 
ATOM   142  C  CG  . MET A 1 20  ? 8.701   0.157   -1.932  1.00 64.19  ? 20   MET A CG  1 
ATOM   143  S  SD  . MET A 1 20  ? 7.656   -0.376  -0.509  1.00 63.13  ? 20   MET A SD  1 
ATOM   144  C  CE  . MET A 1 20  ? 8.185   0.701   0.744   1.00 61.74  ? 20   MET A CE  1 
ATOM   145  N  N   . PRO A 1 21  ? 13.017  1.807   -3.756  1.00 64.67  ? 21   PRO A N   1 
ATOM   146  C  CA  . PRO A 1 21  ? 14.414  2.287   -3.713  1.00 64.60  ? 21   PRO A CA  1 
ATOM   147  C  C   . PRO A 1 21  ? 14.992  2.735   -2.354  1.00 64.95  ? 21   PRO A C   1 
ATOM   148  O  O   . PRO A 1 21  ? 15.961  2.168   -1.850  1.00 65.93  ? 21   PRO A O   1 
ATOM   149  C  CB  . PRO A 1 21  ? 14.436  3.429   -4.744  1.00 62.74  ? 21   PRO A CB  1 
ATOM   150  C  CG  . PRO A 1 21  ? 13.235  3.199   -5.605  1.00 62.00  ? 21   PRO A CG  1 
ATOM   151  C  CD  . PRO A 1 21  ? 12.201  2.703   -4.595  1.00 63.28  ? 21   PRO A CD  1 
ATOM   152  N  N   . TRP A 1 22  ? 14.406  3.769   -1.775  1.00 63.91  ? 22   TRP A N   1 
ATOM   153  C  CA  . TRP A 1 22  ? 14.844  4.312   -0.487  1.00 63.85  ? 22   TRP A CA  1 
ATOM   154  C  C   . TRP A 1 22  ? 14.858  3.227   0.561   1.00 68.97  ? 22   TRP A C   1 
ATOM   155  O  O   . TRP A 1 22  ? 14.414  2.105   0.309   1.00 71.74  ? 22   TRP A O   1 
ATOM   156  C  CB  . TRP A 1 22  ? 13.834  5.332   -0.013  1.00 54.95  ? 22   TRP A CB  1 
ATOM   157  C  CG  . TRP A 1 22  ? 12.491  4.665   0.043   1.00 45.53  ? 22   TRP A CG  1 
ATOM   158  C  CD1 . TRP A 1 22  ? 12.042  3.802   1.004   1.00 42.13  ? 22   TRP A CD1 1 
ATOM   159  C  CD2 . TRP A 1 22  ? 11.478  4.702   -0.967  1.00 41.90  ? 22   TRP A CD2 1 
ATOM   160  N  NE1 . TRP A 1 22  ? 10.818  3.295   0.652   1.00 39.90  ? 22   TRP A NE1 1 
ATOM   161  C  CE2 . TRP A 1 22  ? 10.444  3.832   -0.551  1.00 40.47  ? 22   TRP A CE2 1 
ATOM   162  C  CE3 . TRP A 1 22  ? 11.342  5.382   -2.191  1.00 40.60  ? 22   TRP A CE3 1 
ATOM   163  C  CZ2 . TRP A 1 22  ? 9.282   3.627   -1.309  1.00 40.52  ? 22   TRP A CZ2 1 
ATOM   164  C  CZ3 . TRP A 1 22  ? 10.184  5.178   -2.955  1.00 40.10  ? 22   TRP A CZ3 1 
ATOM   165  C  CH2 . TRP A 1 22  ? 9.168   4.305   -2.506  1.00 39.94  ? 22   TRP A CH2 1 
ATOM   166  N  N   . ASN A 1 23  ? 15.337  3.598   1.748   1.00 74.08  ? 23   ASN A N   1 
ATOM   167  C  CA  . ASN A 1 23  ? 15.334  2.724   2.916   1.00 77.50  ? 23   ASN A CA  1 
ATOM   168  C  C   . ASN A 1 23  ? 14.896  3.571   4.118   1.00 73.45  ? 23   ASN A C   1 
ATOM   169  O  O   . ASN A 1 23  ? 15.633  4.441   4.595   1.00 71.29  ? 23   ASN A O   1 
ATOM   170  C  CB  . ASN A 1 23  ? 16.706  2.091   3.198   1.00 89.68  ? 23   ASN A CB  1 
ATOM   171  C  CG  . ASN A 1 23  ? 16.676  1.161   4.421   1.00 100.25 ? 23   ASN A CG  1 
ATOM   172  O  OD1 . ASN A 1 23  ? 15.779  0.326   4.577   1.00 107.10 ? 23   ASN A OD1 1 
ATOM   173  N  ND2 . ASN A 1 23  ? 17.667  1.301   5.281   1.00 106.78 ? 23   ASN A ND2 1 
ATOM   174  N  N   . LEU A 1 24  ? 13.664  3.335   4.562   1.00 69.28  ? 24   LEU A N   1 
ATOM   175  C  CA  . LEU A 1 24  ? 13.084  4.019   5.713   1.00 65.40  ? 24   LEU A CA  1 
ATOM   176  C  C   . LEU A 1 24  ? 12.448  2.964   6.607   1.00 58.06  ? 24   LEU A C   1 
ATOM   177  O  O   . LEU A 1 24  ? 11.335  2.506   6.352   1.00 56.19  ? 24   LEU A O   1 
ATOM   178  C  CB  . LEU A 1 24  ? 12.015  5.029   5.284   1.00 74.30  ? 24   LEU A CB  1 
ATOM   179  C  CG  . LEU A 1 24  ? 12.436  6.494   5.159   1.00 82.70  ? 24   LEU A CG  1 
ATOM   180  C  CD1 . LEU A 1 24  ? 13.301  6.721   3.922   1.00 88.77  ? 24   LEU A CD1 1 
ATOM   181  C  CD2 . LEU A 1 24  ? 11.183  7.337   5.083   1.00 88.34  ? 24   LEU A CD2 1 
ATOM   182  N  N   . PRO A 1 25  ? 13.176  2.522   7.638   1.00 52.18  ? 25   PRO A N   1 
ATOM   183  C  CA  . PRO A 1 25  ? 12.602  1.514   8.526   1.00 47.11  ? 25   PRO A CA  1 
ATOM   184  C  C   . PRO A 1 25  ? 11.442  2.084   9.329   1.00 42.34  ? 25   PRO A C   1 
ATOM   185  O  O   . PRO A 1 25  ? 10.552  1.364   9.772   1.00 40.58  ? 25   PRO A O   1 
ATOM   186  C  CB  . PRO A 1 25  ? 13.794  1.123   9.388   1.00 49.03  ? 25   PRO A CB  1 
ATOM   187  C  CG  . PRO A 1 25  ? 14.912  1.181   8.398   1.00 50.67  ? 25   PRO A CG  1 
ATOM   188  C  CD  . PRO A 1 25  ? 14.646  2.517   7.730   1.00 51.94  ? 25   PRO A CD  1 
ATOM   189  N  N   . ALA A 1 26  ? 11.456  3.394   9.512   1.00 38.65  ? 26   ALA A N   1 
ATOM   190  C  CA  . ALA A 1 26  ? 10.381  4.033   10.252  1.00 35.39  ? 26   ALA A CA  1 
ATOM   191  C  C   . ALA A 1 26  ? 9.082   3.762   9.492   1.00 34.30  ? 26   ALA A C   1 
ATOM   192  O  O   . ALA A 1 26  ? 8.027   3.518   10.082  1.00 34.19  ? 26   ALA A O   1 
ATOM   193  C  CB  . ALA A 1 26  ? 10.638  5.543   10.357  1.00 31.56  ? 26   ALA A CB  1 
ATOM   194  N  N   . ASP A 1 27  ? 9.176   3.790   8.170   1.00 33.72  ? 27   ASP A N   1 
ATOM   195  C  CA  . ASP A 1 27  ? 8.022   3.587   7.335   1.00 35.11  ? 27   ASP A CA  1 
ATOM   196  C  C   . ASP A 1 27  ? 7.432   2.196   7.435   1.00 38.06  ? 27   ASP A C   1 
ATOM   197  O  O   . ASP A 1 27  ? 6.216   2.033   7.641   1.00 37.91  ? 27   ASP A O   1 
ATOM   198  C  CB  . ASP A 1 27  ? 8.367   3.872   5.889   1.00 33.20  ? 27   ASP A CB  1 
ATOM   199  C  CG  . ASP A 1 27  ? 7.200   3.651   4.989   1.00 32.85  ? 27   ASP A CG  1 
ATOM   200  O  OD1 . ASP A 1 27  ? 6.144   4.244   5.257   1.00 33.15  ? 27   ASP A OD1 1 
ATOM   201  O  OD2 . ASP A 1 27  ? 7.325   2.881   4.024   1.00 34.55  ? 27   ASP A OD2 1 
ATOM   202  N  N   . LEU A 1 28  ? 8.292   1.196   7.263   1.00 43.00  ? 28   LEU A N   1 
ATOM   203  C  CA  . LEU A 1 28  ? 7.883   -0.196  7.325   1.00 46.41  ? 28   LEU A CA  1 
ATOM   204  C  C   . LEU A 1 28  ? 7.295   -0.494  8.689   1.00 42.08  ? 28   LEU A C   1 
ATOM   205  O  O   . LEU A 1 28  ? 6.296   -1.202  8.812   1.00 41.39  ? 28   LEU A O   1 
ATOM   206  C  CB  . LEU A 1 28  ? 9.086   -1.083  7.050   1.00 59.23  ? 28   LEU A CB  1 
ATOM   207  C  CG  . LEU A 1 28  ? 9.543   -0.874  5.605   1.00 69.51  ? 28   LEU A CG  1 
ATOM   208  C  CD1 . LEU A 1 28  ? 11.058  -0.745  5.545   1.00 75.73  ? 28   LEU A CD1 1 
ATOM   209  C  CD2 . LEU A 1 28  ? 9.041   -2.022  4.744   1.00 75.40  ? 28   LEU A CD2 1 
ATOM   210  N  N   . ALA A 1 29  ? 7.916   0.052   9.726   1.00 37.09  ? 29   ALA A N   1 
ATOM   211  C  CA  . ALA A 1 29  ? 7.407   -0.151  11.070  1.00 31.21  ? 29   ALA A CA  1 
ATOM   212  C  C   . ALA A 1 29  ? 5.992   0.379   11.043  1.00 28.65  ? 29   ALA A C   1 
ATOM   213  O  O   . ALA A 1 29  ? 5.060   -0.248  11.537  1.00 30.57  ? 29   ALA A O   1 
ATOM   214  C  CB  . ALA A 1 29  ? 8.214   0.634   12.056  1.00 26.01  ? 29   ALA A CB  1 
ATOM   215  N  N   . TRP A 1 30  ? 5.830   1.534   10.420  1.00 26.36  ? 30   TRP A N   1 
ATOM   216  C  CA  . TRP A 1 30  ? 4.520   2.144   10.377  1.00 24.58  ? 30   TRP A CA  1 
ATOM   217  C  C   . TRP A 1 30  ? 3.521   1.312   9.527   1.00 23.03  ? 30   TRP A C   1 
ATOM   218  O  O   . TRP A 1 30  ? 2.304   1.396   9.721   1.00 21.51  ? 30   TRP A O   1 
ATOM   219  C  CB  . TRP A 1 30  ? 4.669   3.597   9.910   1.00 26.55  ? 30   TRP A CB  1 
ATOM   220  C  CG  . TRP A 1 30  ? 3.604   4.115   9.008   1.00 29.36  ? 30   TRP A CG  1 
ATOM   221  C  CD1 . TRP A 1 30  ? 3.461   3.887   7.671   1.00 31.01  ? 30   TRP A CD1 1 
ATOM   222  C  CD2 . TRP A 1 30  ? 2.527   4.988   9.389   1.00 30.20  ? 30   TRP A CD2 1 
ATOM   223  N  NE1 . TRP A 1 30  ? 2.359   4.562   7.195   1.00 31.83  ? 30   TRP A NE1 1 
ATOM   224  C  CE2 . TRP A 1 30  ? 1.771   5.245   8.227   1.00 31.72  ? 30   TRP A CE2 1 
ATOM   225  C  CE3 . TRP A 1 30  ? 2.131   5.573   10.598  1.00 30.03  ? 30   TRP A CE3 1 
ATOM   226  C  CZ2 . TRP A 1 30  ? 0.634   6.067   8.240   1.00 32.58  ? 30   TRP A CZ2 1 
ATOM   227  C  CZ3 . TRP A 1 30  ? 1.010   6.384   10.613  1.00 31.12  ? 30   TRP A CZ3 1 
ATOM   228  C  CH2 . TRP A 1 30  ? 0.270   6.625   9.439   1.00 31.31  ? 30   TRP A CH2 1 
ATOM   229  N  N   . PHE A 1 31  ? 4.071   0.515   8.607   1.00 21.17  ? 31   PHE A N   1 
ATOM   230  C  CA  . PHE A 1 31  ? 3.286   -0.356  7.738   1.00 22.89  ? 31   PHE A CA  1 
ATOM   231  C  C   . PHE A 1 31  ? 2.807   -1.534  8.535   1.00 24.34  ? 31   PHE A C   1 
ATOM   232  O  O   . PHE A 1 31  ? 1.634   -1.873  8.573   1.00 22.44  ? 31   PHE A O   1 
ATOM   233  C  CB  . PHE A 1 31  ? 4.122   -0.899  6.577   1.00 23.38  ? 31   PHE A CB  1 
ATOM   234  C  CG  . PHE A 1 31  ? 3.439   -1.953  5.725   1.00 27.01  ? 31   PHE A CG  1 
ATOM   235  C  CD1 . PHE A 1 31  ? 2.569   -1.562  4.721   1.00 28.41  ? 31   PHE A CD1 1 
ATOM   236  C  CD2 . PHE A 1 31  ? 3.653   -3.317  5.916   1.00 28.57  ? 31   PHE A CD2 1 
ATOM   237  C  CE1 . PHE A 1 31  ? 1.912   -2.500  3.917   1.00 29.73  ? 31   PHE A CE1 1 
ATOM   238  C  CE2 . PHE A 1 31  ? 2.982   -4.274  5.119   1.00 29.93  ? 31   PHE A CE2 1 
ATOM   239  C  CZ  . PHE A 1 31  ? 2.108   -3.848  4.119   1.00 30.66  ? 31   PHE A CZ  1 
ATOM   240  N  N   . LYS A 1 32  ? 3.793   -2.146  9.158   1.00 27.57  ? 32   LYS A N   1 
ATOM   241  C  CA  . LYS A 1 32  ? 3.494   -3.258  10.005  1.00 32.76  ? 32   LYS A CA  1 
ATOM   242  C  C   . LYS A 1 32  ? 2.404   -2.867  10.982  1.00 33.43  ? 32   LYS A C   1 
ATOM   243  O  O   . LYS A 1 32  ? 1.425   -3.594  11.141  1.00 33.27  ? 32   LYS A O   1 
ATOM   244  C  CB  . LYS A 1 32  ? 4.739   -3.697  10.754  1.00 36.59  ? 32   LYS A CB  1 
ATOM   245  C  CG  . LYS A 1 32  ? 4.638   -5.081  11.365  1.00 43.07  ? 32   LYS A CG  1 
ATOM   246  C  CD  . LYS A 1 32  ? 5.982   -5.788  11.380  1.00 48.42  ? 32   LYS A CD  1 
ATOM   247  C  CE  . LYS A 1 32  ? 5.936   -6.992  12.324  1.00 50.65  ? 32   LYS A CE  1 
ATOM   248  N  NZ  . LYS A 1 32  ? 7.295   -7.404  12.775  1.00 51.25  ? 32   LYS A NZ  1 
ATOM   249  N  N   . ARG A 1 33  ? 2.574   -1.719  11.616  1.00 34.08  ? 33   ARG A N   1 
ATOM   250  C  CA  . ARG A 1 33  ? 1.598   -1.273  12.597  1.00 34.80  ? 33   ARG A CA  1 
ATOM   251  C  C   . ARG A 1 33  ? 0.169   -1.132  12.086  1.00 33.18  ? 33   ARG A C   1 
ATOM   252  O  O   . ARG A 1 33  ? -0.754  -1.672  12.695  1.00 32.37  ? 33   ARG A O   1 
ATOM   253  C  CB  . ARG A 1 33  ? 2.032   0.051   13.217  1.00 41.01  ? 33   ARG A CB  1 
ATOM   254  C  CG  . ARG A 1 33  ? 1.066   0.589   14.236  1.00 46.68  ? 33   ARG A CG  1 
ATOM   255  C  CD  . ARG A 1 33  ? 1.655   1.817   14.879  1.00 51.66  ? 33   ARG A CD  1 
ATOM   256  N  NE  . ARG A 1 33  ? 0.789   2.955   14.630  1.00 54.73  ? 33   ARG A NE  1 
ATOM   257  C  CZ  . ARG A 1 33  ? 1.215   4.196   14.441  1.00 55.35  ? 33   ARG A CZ  1 
ATOM   258  N  NH1 . ARG A 1 33  ? 2.515   4.490   14.457  1.00 56.32  ? 33   ARG A NH1 1 
ATOM   259  N  NH2 . ARG A 1 33  ? 0.323   5.134   14.205  1.00 55.40  ? 33   ARG A NH2 1 
ATOM   260  N  N   . ASN A 1 34  ? -0.012  -0.400  10.993  1.00 30.66  ? 34   ASN A N   1 
ATOM   261  C  CA  . ASN A 1 34  ? -1.346  -0.176  10.448  1.00 30.02  ? 34   ASN A CA  1 
ATOM   262  C  C   . ASN A 1 34  ? -1.965  -1.302  9.601   1.00 29.26  ? 34   ASN A C   1 
ATOM   263  O  O   . ASN A 1 34  ? -3.111  -1.185  9.190   1.00 28.51  ? 34   ASN A O   1 
ATOM   264  C  CB  . ASN A 1 34  ? -1.347  1.129   9.636   1.00 32.19  ? 34   ASN A CB  1 
ATOM   265  C  CG  . ASN A 1 34  ? -1.008  2.352   10.485  1.00 33.57  ? 34   ASN A CG  1 
ATOM   266  O  OD1 . ASN A 1 34  ? -1.744  2.704   11.412  1.00 34.89  ? 34   ASN A OD1 1 
ATOM   267  N  ND2 . ASN A 1 34  ? 0.104   3.011   10.159  1.00 34.15  ? 34   ASN A ND2 1 
ATOM   268  N  N   . THR A 1 35  ? -1.206  -2.358  9.310   1.00 29.94  ? 35   THR A N   1 
ATOM   269  C  CA  . THR A 1 35  ? -1.704  -3.495  8.525   1.00 32.13  ? 35   THR A CA  1 
ATOM   270  C  C   . THR A 1 35  ? -1.910  -4.723  9.415   1.00 34.15  ? 35   THR A C   1 
ATOM   271  O  O   . THR A 1 35  ? -2.698  -5.616  9.100   1.00 33.41  ? 35   THR A O   1 
ATOM   272  C  CB  . THR A 1 35  ? -0.722  -3.883  7.390   1.00 32.64  ? 35   THR A CB  1 
ATOM   273  O  OG1 . THR A 1 35  ? 0.627   -3.896  7.889   1.00 33.85  ? 35   THR A OG1 1 
ATOM   274  C  CG2 . THR A 1 35  ? -0.841  -2.909  6.250   1.00 32.27  ? 35   THR A CG2 1 
ATOM   275  N  N   . LEU A 1 36  ? -1.193  -4.768  10.532  1.00 35.82  ? 36   LEU A N   1 
ATOM   276  C  CA  . LEU A 1 36  ? -1.322  -5.891  11.443  1.00 35.63  ? 36   LEU A CA  1 
ATOM   277  C  C   . LEU A 1 36  ? -2.772  -6.250  11.758  1.00 36.34  ? 36   LEU A C   1 
ATOM   278  O  O   . LEU A 1 36  ? -3.591  -5.397  12.129  1.00 38.73  ? 36   LEU A O   1 
ATOM   279  C  CB  . LEU A 1 36  ? -0.608  -5.604  12.754  1.00 32.56  ? 36   LEU A CB  1 
ATOM   280  C  CG  . LEU A 1 36  ? 0.817   -6.089  12.919  1.00 30.52  ? 36   LEU A CG  1 
ATOM   281  C  CD1 . LEU A 1 36  ? 1.132   -6.149  14.386  1.00 27.47  ? 36   LEU A CD1 1 
ATOM   282  C  CD2 . LEU A 1 36  ? 0.935   -7.471  12.373  1.00 29.54  ? 36   LEU A CD2 1 
ATOM   283  N  N   . ASP A 1 37  ? -3.069  -7.536  11.610  1.00 34.17  ? 37   ASP A N   1 
ATOM   284  C  CA  . ASP A 1 37  ? -4.397  -8.088  11.871  1.00 32.39  ? 37   ASP A CA  1 
ATOM   285  C  C   . ASP A 1 37  ? -5.524  -7.641  10.961  1.00 28.53  ? 37   ASP A C   1 
ATOM   286  O  O   . ASP A 1 37  ? -6.680  -7.628  11.384  1.00 25.43  ? 37   ASP A O   1 
ATOM   287  C  CB  . ASP A 1 37  ? -4.803  -7.791  13.303  1.00 39.46  ? 37   ASP A CB  1 
ATOM   288  C  CG  . ASP A 1 37  ? -3.878  -8.420  14.293  1.00 45.26  ? 37   ASP A CG  1 
ATOM   289  O  OD1 . ASP A 1 37  ? -3.198  -9.406  13.922  1.00 49.30  ? 37   ASP A OD1 1 
ATOM   290  O  OD2 . ASP A 1 37  ? -3.842  -7.940  15.441  1.00 49.42  ? 37   ASP A OD2 1 
ATOM   291  N  N   . LYS A 1 38  ? -5.210  -7.279  9.725   1.00 25.92  ? 38   LYS A N   1 
ATOM   292  C  CA  . LYS A 1 38  ? -6.234  -6.827  8.810   1.00 23.99  ? 38   LYS A CA  1 
ATOM   293  C  C   . LYS A 1 38  ? -6.003  -7.506  7.472   1.00 24.83  ? 38   LYS A C   1 
ATOM   294  O  O   . LYS A 1 38  ? -4.874  -7.850  7.098   1.00 23.57  ? 38   LYS A O   1 
ATOM   295  C  CB  . LYS A 1 38  ? -6.165  -5.306  8.669   1.00 23.37  ? 38   LYS A CB  1 
ATOM   296  C  CG  . LYS A 1 38  ? -5.953  -4.523  9.985   1.00 22.22  ? 38   LYS A CG  1 
ATOM   297  C  CD  . LYS A 1 38  ? -6.034  -3.037  9.718   1.00 20.35  ? 38   LYS A CD  1 
ATOM   298  C  CE  . LYS A 1 38  ? -5.356  -2.247  10.795  1.00 21.73  ? 38   LYS A CE  1 
ATOM   299  N  NZ  . LYS A 1 38  ? -5.454  -0.788  10.485  1.00 21.93  ? 38   LYS A NZ  1 
ATOM   300  N  N   . PRO A 1 39  ? -7.071  -7.778  6.740   1.00 25.35  ? 39   PRO A N   1 
ATOM   301  C  CA  . PRO A 1 39  ? -6.906  -8.421  5.439   1.00 25.12  ? 39   PRO A CA  1 
ATOM   302  C  C   . PRO A 1 39  ? -6.060  -7.473  4.592   1.00 26.44  ? 39   PRO A C   1 
ATOM   303  O  O   . PRO A 1 39  ? -6.257  -6.232  4.674   1.00 26.46  ? 39   PRO A O   1 
ATOM   304  C  CB  . PRO A 1 39  ? -8.323  -8.518  4.908   1.00 25.47  ? 39   PRO A CB  1 
ATOM   305  C  CG  . PRO A 1 39  ? -9.203  -8.324  6.143   1.00 23.58  ? 39   PRO A CG  1 
ATOM   306  C  CD  . PRO A 1 39  ? -8.468  -7.368  6.985   1.00 24.48  ? 39   PRO A CD  1 
ATOM   307  N  N   . VAL A 1 40  ? -5.119  -8.021  3.810   1.00 25.03  ? 40   VAL A N   1 
ATOM   308  C  CA  . VAL A 1 40  ? -4.319  -7.124  2.972   1.00 23.47  ? 40   VAL A CA  1 
ATOM   309  C  C   . VAL A 1 40  ? -4.463  -7.593  1.537   1.00 22.23  ? 40   VAL A C   1 
ATOM   310  O  O   . VAL A 1 40  ? -4.426  -8.794  1.273   1.00 20.55  ? 40   VAL A O   1 
ATOM   311  C  CB  . VAL A 1 40  ? -2.814  -7.145  3.316   1.00 26.41  ? 40   VAL A CB  1 
ATOM   312  C  CG1 . VAL A 1 40  ? -2.598  -6.772  4.773   1.00 26.47  ? 40   VAL A CG1 1 
ATOM   313  C  CG2 . VAL A 1 40  ? -2.215  -8.514  3.009   1.00 27.73  ? 40   VAL A CG2 1 
ATOM   314  N  N   . ILE A 1 41  ? -4.596  -6.671  0.590   1.00 21.16  ? 41   ILE A N   1 
ATOM   315  C  CA  . ILE A 1 41  ? -4.767  -7.079  -0.810  1.00 21.74  ? 41   ILE A CA  1 
ATOM   316  C  C   . ILE A 1 41  ? -3.642  -6.465  -1.616  1.00 19.21  ? 41   ILE A C   1 
ATOM   317  O  O   . ILE A 1 41  ? -3.309  -5.298  -1.396  1.00 17.34  ? 41   ILE A O   1 
ATOM   318  C  CB  . ILE A 1 41  ? -6.134  -6.584  -1.375  1.00 25.40  ? 41   ILE A CB  1 
ATOM   319  C  CG1 . ILE A 1 41  ? -7.258  -7.054  -0.448  1.00 26.88  ? 41   ILE A CG1 1 
ATOM   320  C  CG2 . ILE A 1 41  ? -6.343  -7.098  -2.802  1.00 26.57  ? 41   ILE A CG2 1 
ATOM   321  C  CD1 . ILE A 1 41  ? -8.587  -6.382  -0.679  1.00 26.73  ? 41   ILE A CD1 1 
ATOM   322  N  N   . MET A 1 42  ? -3.080  -7.249  -2.543  1.00 19.33  ? 42   MET A N   1 
ATOM   323  C  CA  . MET A 1 42  ? -1.950  -6.830  -3.384  1.00 19.31  ? 42   MET A CA  1 
ATOM   324  C  C   . MET A 1 42  ? -1.969  -7.496  -4.766  1.00 19.26  ? 42   MET A C   1 
ATOM   325  O  O   . MET A 1 42  ? -2.667  -8.482  -4.973  1.00 17.80  ? 42   MET A O   1 
ATOM   326  C  CB  . MET A 1 42  ? -0.646  -7.240  -2.699  1.00 23.70  ? 42   MET A CB  1 
ATOM   327  C  CG  . MET A 1 42  ? -0.195  -8.681  -3.014  1.00 27.86  ? 42   MET A CG  1 
ATOM   328  S  SD  . MET A 1 42  ? 1.088   -9.243  -1.840  1.00 33.58  ? 42   MET A SD  1 
ATOM   329  C  CE  . MET A 1 42  ? 0.162   -9.177  -0.315  1.00 29.85  ? 42   MET A CE  1 
ATOM   330  N  N   . GLY A 1 43  ? -1.161  -6.975  -5.688  1.00 22.43  ? 43   GLY A N   1 
ATOM   331  C  CA  . GLY A 1 43  ? -1.057  -7.539  -7.029  1.00 26.14  ? 43   GLY A CA  1 
ATOM   332  C  C   . GLY A 1 43  ? -0.034  -8.667  -7.085  1.00 29.48  ? 43   GLY A C   1 
ATOM   333  O  O   . GLY A 1 43  ? 0.790   -8.837  -6.168  1.00 29.47  ? 43   GLY A O   1 
ATOM   334  N  N   . ARG A 1 44  ? -0.069  -9.435  -8.171  1.00 32.36  ? 44   ARG A N   1 
ATOM   335  C  CA  . ARG A 1 44  ? 0.842   -10.562 -8.315  1.00 34.54  ? 44   ARG A CA  1 
ATOM   336  C  C   . ARG A 1 44  ? 2.298   -10.148 -8.210  1.00 32.95  ? 44   ARG A C   1 
ATOM   337  O  O   . ARG A 1 44  ? 3.067   -10.810 -7.523  1.00 31.75  ? 44   ARG A O   1 
ATOM   338  C  CB  . ARG A 1 44  ? 0.590   -11.307 -9.631  1.00 40.16  ? 44   ARG A CB  1 
ATOM   339  C  CG  . ARG A 1 44  ? 1.192   -12.720 -9.653  1.00 45.80  ? 44   ARG A CG  1 
ATOM   340  C  CD  . ARG A 1 44  ? 0.479   -13.642 -10.670 1.00 50.09  ? 44   ARG A CD  1 
ATOM   341  N  NE  . ARG A 1 44  ? 0.345   -15.014 -10.163 1.00 51.92  ? 44   ARG A NE  1 
ATOM   342  C  CZ  . ARG A 1 44  ? -0.406  -15.996 -10.678 1.00 52.57  ? 44   ARG A CZ  1 
ATOM   343  N  NH1 . ARG A 1 44  ? -1.153  -15.833 -11.766 1.00 52.03  ? 44   ARG A NH1 1 
ATOM   344  N  NH2 . ARG A 1 44  ? -0.403  -17.172 -10.064 1.00 53.01  ? 44   ARG A NH2 1 
ATOM   345  N  N   . HIS A 1 45  ? 2.677   -9.069  -8.890  1.00 32.23  ? 45   HIS A N   1 
ATOM   346  C  CA  . HIS A 1 45  ? 4.053   -8.554  -8.830  1.00 32.63  ? 45   HIS A CA  1 
ATOM   347  C  C   . HIS A 1 45  ? 4.498   -8.245  -7.398  1.00 28.57  ? 45   HIS A C   1 
ATOM   348  O  O   . HIS A 1 45  ? 5.590   -8.616  -6.973  1.00 26.71  ? 45   HIS A O   1 
ATOM   349  C  CB  . HIS A 1 45  ? 4.155   -7.285  -9.661  1.00 40.17  ? 45   HIS A CB  1 
ATOM   350  C  CG  . HIS A 1 45  ? 4.073   -7.529  -11.134 1.00 49.62  ? 45   HIS A CG  1 
ATOM   351  N  ND1 . HIS A 1 45  ? 3.347   -6.730  -11.995 1.00 53.42  ? 45   HIS A ND1 1 
ATOM   352  C  CD2 . HIS A 1 45  ? 4.676   -8.460  -11.907 1.00 53.21  ? 45   HIS A CD2 1 
ATOM   353  C  CE1 . HIS A 1 45  ? 3.510   -7.158  -13.234 1.00 55.59  ? 45   HIS A CE1 1 
ATOM   354  N  NE2 . HIS A 1 45  ? 4.314   -8.206  -13.209 1.00 56.11  ? 45   HIS A NE2 1 
ATOM   355  N  N   . THR A 1 46  ? 3.642   -7.553  -6.658  1.00 24.92  ? 46   THR A N   1 
ATOM   356  C  CA  . THR A 1 46  ? 3.929   -7.214  -5.267  1.00 22.66  ? 46   THR A CA  1 
ATOM   357  C  C   . THR A 1 46  ? 4.042   -8.485  -4.416  1.00 26.07  ? 46   THR A C   1 
ATOM   358  O  O   . THR A 1 46  ? 4.698   -8.488  -3.382  1.00 25.15  ? 46   THR A O   1 
ATOM   359  C  CB  . THR A 1 46  ? 2.825   -6.260  -4.713  1.00 18.16  ? 46   THR A CB  1 
ATOM   360  O  OG1 . THR A 1 46  ? 2.920   -5.011  -5.408  1.00 14.93  ? 46   THR A OG1 1 
ATOM   361  C  CG2 . THR A 1 46  ? 2.997   -5.966  -3.235  1.00 12.17  ? 46   THR A CG2 1 
ATOM   362  N  N   . TRP A 1 47  ? 3.389   -9.562  -4.843  1.00 29.71  ? 47   TRP A N   1 
ATOM   363  C  CA  . TRP A 1 47  ? 3.479   -10.819 -4.116  1.00 33.42  ? 47   TRP A CA  1 
ATOM   364  C  C   . TRP A 1 47  ? 4.838   -11.431 -4.449  1.00 38.38  ? 47   TRP A C   1 
ATOM   365  O  O   . TRP A 1 47  ? 5.575   -11.859 -3.560  1.00 40.81  ? 47   TRP A O   1 
ATOM   366  C  CB  . TRP A 1 47  ? 2.349   -11.769 -4.540  1.00 27.25  ? 47   TRP A CB  1 
ATOM   367  C  CG  . TRP A 1 47  ? 2.560   -13.225 -4.173  1.00 21.76  ? 47   TRP A CG  1 
ATOM   368  C  CD1 . TRP A 1 47  ? 2.587   -14.295 -5.035  1.00 20.24  ? 47   TRP A CD1 1 
ATOM   369  C  CD2 . TRP A 1 47  ? 2.742   -13.769 -2.856  1.00 19.13  ? 47   TRP A CD2 1 
ATOM   370  N  NE1 . TRP A 1 47  ? 2.774   -15.464 -4.334  1.00 19.45  ? 47   TRP A NE1 1 
ATOM   371  C  CE2 . TRP A 1 47  ? 2.871   -15.172 -2.995  1.00 18.68  ? 47   TRP A CE2 1 
ATOM   372  C  CE3 . TRP A 1 47  ? 2.805   -13.213 -1.575  1.00 17.35  ? 47   TRP A CE3 1 
ATOM   373  C  CZ2 . TRP A 1 47  ? 3.061   -16.022 -1.896  1.00 16.04  ? 47   TRP A CZ2 1 
ATOM   374  C  CZ3 . TRP A 1 47  ? 2.990   -14.062 -0.486  1.00 17.89  ? 47   TRP A CZ3 1 
ATOM   375  C  CH2 . TRP A 1 47  ? 3.117   -15.450 -0.655  1.00 15.40  ? 47   TRP A CH2 1 
ATOM   376  N  N   . GLU A 1 48  ? 5.169   -11.460 -5.735  1.00 41.98  ? 48   GLU A N   1 
ATOM   377  C  CA  . GLU A 1 48  ? 6.433   -12.030 -6.175  1.00 45.05  ? 48   GLU A CA  1 
ATOM   378  C  C   . GLU A 1 48  ? 7.573   -11.323 -5.481  1.00 45.28  ? 48   GLU A C   1 
ATOM   379  O  O   . GLU A 1 48  ? 8.636   -11.903 -5.297  1.00 48.78  ? 48   GLU A O   1 
ATOM   380  C  CB  . GLU A 1 48  ? 6.604   -11.875 -7.687  1.00 47.52  ? 48   GLU A CB  1 
ATOM   381  C  CG  . GLU A 1 48  ? 5.304   -12.061 -8.423  1.00 50.12  ? 48   GLU A CG  1 
ATOM   382  C  CD  . GLU A 1 48  ? 5.384   -13.068 -9.535  1.00 50.33  ? 48   GLU A CD  1 
ATOM   383  O  OE1 . GLU A 1 48  ? 6.047   -12.770 -10.550 1.00 49.89  ? 48   GLU A OE1 1 
ATOM   384  O  OE2 . GLU A 1 48  ? 4.775   -14.152 -9.389  1.00 50.92  ? 48   GLU A OE2 1 
ATOM   385  N  N   . SER A 1 49  ? 7.345   -10.070 -5.096  1.00 42.81  ? 49   SER A N   1 
ATOM   386  C  CA  . SER A 1 49  ? 8.371   -9.255  -4.443  1.00 38.53  ? 49   SER A CA  1 
ATOM   387  C  C   . SER A 1 49  ? 8.587   -9.601  -2.962  1.00 38.48  ? 49   SER A C   1 
ATOM   388  O  O   . SER A 1 49  ? 9.708   -9.540  -2.453  1.00 39.18  ? 49   SER A O   1 
ATOM   389  C  CB  . SER A 1 49  ? 8.036   -7.766  -4.594  1.00 34.57  ? 49   SER A CB  1 
ATOM   390  O  OG  . SER A 1 49  ? 9.178   -6.960  -4.339  1.00 30.44  ? 49   SER A OG  1 
ATOM   391  N  N   . ILE A 1 50  ? 7.528   -9.971  -2.263  1.00 37.30  ? 50   ILE A N   1 
ATOM   392  C  CA  . ILE A 1 50  ? 7.678   -10.336 -0.864  1.00 37.99  ? 50   ILE A CA  1 
ATOM   393  C  C   . ILE A 1 50  ? 8.048   -11.832 -0.759  1.00 39.14  ? 50   ILE A C   1 
ATOM   394  O  O   . ILE A 1 50  ? 8.792   -12.219 0.136   1.00 37.87  ? 50   ILE A O   1 
ATOM   395  C  CB  . ILE A 1 50  ? 6.383   -10.036 -0.099  1.00 38.93  ? 50   ILE A CB  1 
ATOM   396  C  CG1 . ILE A 1 50  ? 5.904   -8.641  -0.479  1.00 37.89  ? 50   ILE A CG1 1 
ATOM   397  C  CG2 . ILE A 1 50  ? 6.632   -10.046 1.417   1.00 38.74  ? 50   ILE A CG2 1 
ATOM   398  C  CD1 . ILE A 1 50  ? 4.447   -8.367  -0.123  1.00 38.53  ? 50   ILE A CD1 1 
ATOM   399  N  N   . GLY A 1 51  ? 7.529   -12.661 -1.657  1.00 43.15  ? 51   GLY A N   1 
ATOM   400  C  CA  . GLY A 1 51  ? 7.848   -14.088 -1.704  1.00 44.46  ? 51   GLY A CA  1 
ATOM   401  C  C   . GLY A 1 51  ? 7.280   -14.975 -0.581  1.00 44.96  ? 51   GLY A C   1 
ATOM   402  O  O   . GLY A 1 51  ? 7.147   -16.194 -0.773  1.00 45.64  ? 51   GLY A O   1 
ATOM   403  N  N   . ARG A 1 52  ? 6.936   -14.398 0.578   1.00 43.35  ? 52   ARG A N   1 
ATOM   404  C  CA  . ARG A 1 52  ? 6.387   -15.159 1.721   1.00 41.74  ? 52   ARG A CA  1 
ATOM   405  C  C   . ARG A 1 52  ? 5.190   -14.419 2.358   1.00 39.99  ? 52   ARG A C   1 
ATOM   406  O  O   . ARG A 1 52  ? 5.267   -13.205 2.470   1.00 39.96  ? 52   ARG A O   1 
ATOM   407  C  CB  . ARG A 1 52  ? 7.474   -15.392 2.759   1.00 43.82  ? 52   ARG A CB  1 
ATOM   408  C  CG  . ARG A 1 52  ? 7.039   -16.272 3.928   1.00 47.39  ? 52   ARG A CG  1 
ATOM   409  C  CD  . ARG A 1 52  ? 8.229   -16.977 4.600   1.00 52.78  ? 52   ARG A CD  1 
ATOM   410  N  NE  . ARG A 1 52  ? 7.854   -17.592 5.873   1.00 54.51  ? 52   ARG A NE  1 
ATOM   411  C  CZ  . ARG A 1 52  ? 7.773   -16.928 7.020   1.00 56.74  ? 52   ARG A CZ  1 
ATOM   412  N  NH1 . ARG A 1 52  ? 8.042   -15.629 7.061   1.00 57.49  ? 52   ARG A NH1 1 
ATOM   413  N  NH2 . ARG A 1 52  ? 7.419   -17.561 8.122   1.00 58.25  ? 52   ARG A NH2 1 
ATOM   414  N  N   . PRO A 1 53  ? 4.104   -15.064 2.797   1.00 37.89  ? 53   PRO A N   1 
ATOM   415  C  CA  . PRO A 1 53  ? 2.934   -14.328 3.296   1.00 36.07  ? 53   PRO A CA  1 
ATOM   416  C  C   . PRO A 1 53  ? 3.299   -13.319 4.389   1.00 35.24  ? 53   PRO A C   1 
ATOM   417  O  O   . PRO A 1 53  ? 4.225   -13.486 5.162   1.00 35.56  ? 53   PRO A O   1 
ATOM   418  C  CB  . PRO A 1 53  ? 1.991   -15.446 3.747   1.00 34.66  ? 53   PRO A CB  1 
ATOM   419  C  CG  . PRO A 1 53  ? 2.898   -16.562 4.143   1.00 33.51  ? 53   PRO A CG  1 
ATOM   420  C  CD  . PRO A 1 53  ? 4.134   -16.414 3.301   1.00 36.21  ? 53   PRO A CD  1 
ATOM   421  N  N   . LEU A 1 54  ? 2.487   -12.238 4.491   1.00 33.41  ? 54   LEU A N   1 
ATOM   422  C  CA  . LEU A 1 54  ? 2.661   -11.286 5.569   1.00 33.52  ? 54   LEU A CA  1 
ATOM   423  C  C   . LEU A 1 54  ? 1.962   -11.840 6.797   1.00 33.55  ? 54   LEU A C   1 
ATOM   424  O  O   . LEU A 1 54  ? 0.767   -12.134 6.785   1.00 34.40  ? 54   LEU A O   1 
ATOM   425  C  CB  . LEU A 1 54  ? 2.055   -9.940  5.225   1.00 35.36  ? 54   LEU A CB  1 
ATOM   426  C  CG  . LEU A 1 54  ? 2.641   -9.233  4.008   1.00 37.36  ? 54   LEU A CG  1 
ATOM   427  C  CD1 . LEU A 1 54  ? 1.826   -7.990  3.661   1.00 38.52  ? 54   LEU A CD1 1 
ATOM   428  C  CD2 . LEU A 1 54  ? 4.099   -8.850  4.251   1.00 37.16  ? 54   LEU A CD2 1 
ATOM   429  N  N   . PRO A 1 55  ? 2.728   -11.990 7.859   1.00 34.19  ? 55   PRO A N   1 
ATOM   430  C  CA  . PRO A 1 55  ? 2.270   -12.570 9.113   1.00 33.96  ? 55   PRO A CA  1 
ATOM   431  C  C   . PRO A 1 55  ? 1.168   -11.899 9.917   1.00 33.84  ? 55   PRO A C   1 
ATOM   432  O  O   . PRO A 1 55  ? 1.254   -10.728 10.269  1.00 33.62  ? 55   PRO A O   1 
ATOM   433  C  CB  . PRO A 1 55  ? 3.552   -12.676 9.950   1.00 32.75  ? 55   PRO A CB  1 
ATOM   434  C  CG  . PRO A 1 55  ? 4.669   -12.484 8.954   1.00 32.74  ? 55   PRO A CG  1 
ATOM   435  C  CD  . PRO A 1 55  ? 4.099   -11.494 8.001   1.00 34.07  ? 55   PRO A CD  1 
ATOM   436  N  N   . GLY A 1 56  ? 0.163   -12.702 10.259  1.00 35.00  ? 56   GLY A N   1 
ATOM   437  C  CA  . GLY A 1 56  ? -0.937  -12.252 11.097  1.00 35.71  ? 56   GLY A CA  1 
ATOM   438  C  C   . GLY A 1 56  ? -1.871  -11.365 10.334  1.00 35.95  ? 56   GLY A C   1 
ATOM   439  O  O   . GLY A 1 56  ? -2.456  -10.403 10.856  1.00 36.72  ? 56   GLY A O   1 
ATOM   440  N  N   . ARG A 1 57  ? -1.990  -11.721 9.068   1.00 36.14  ? 57   ARG A N   1 
ATOM   441  C  CA  . ARG A 1 57  ? -2.844  -11.003 8.176   1.00 34.72  ? 57   ARG A CA  1 
ATOM   442  C  C   . ARG A 1 57  ? -3.270  -11.920 7.069   1.00 33.48  ? 57   ARG A C   1 
ATOM   443  O  O   . ARG A 1 57  ? -2.489  -12.762 6.646   1.00 33.67  ? 57   ARG A O   1 
ATOM   444  C  CB  . ARG A 1 57  ? -2.113  -9.809  7.568   1.00 33.96  ? 57   ARG A CB  1 
ATOM   445  C  CG  . ARG A 1 57  ? -1.812  -8.677  8.524   1.00 35.89  ? 57   ARG A CG  1 
ATOM   446  C  CD  . ARG A 1 57  ? -0.713  -7.777  7.982   1.00 36.86  ? 57   ARG A CD  1 
ATOM   447  N  NE  . ARG A 1 57  ? 0.612   -8.254  8.373   1.00 39.00  ? 57   ARG A NE  1 
ATOM   448  C  CZ  . ARG A 1 57  ? 1.755   -7.774  7.894   1.00 40.60  ? 57   ARG A CZ  1 
ATOM   449  N  NH1 . ARG A 1 57  ? 1.747   -6.797  6.993   1.00 41.71  ? 57   ARG A NH1 1 
ATOM   450  N  NH2 . ARG A 1 57  ? 2.911   -8.269  8.319   1.00 43.08  ? 57   ARG A NH2 1 
ATOM   451  N  N   . LYS A 1 58  ? -4.501  -11.773 6.592   1.00 31.93  ? 58   LYS A N   1 
ATOM   452  C  CA  . LYS A 1 58  ? -4.937  -12.599 5.481   1.00 30.24  ? 58   LYS A CA  1 
ATOM   453  C  C   . LYS A 1 58  ? -4.385  -11.973 4.215   1.00 29.76  ? 58   LYS A C   1 
ATOM   454  O  O   . LYS A 1 58  ? -4.585  -10.786 3.970   1.00 31.79  ? 58   LYS A O   1 
ATOM   455  C  CB  . LYS A 1 58  ? -6.457  -12.672 5.397   1.00 31.54  ? 58   LYS A CB  1 
ATOM   456  C  CG  . LYS A 1 58  ? -6.961  -13.334 4.119   1.00 32.94  ? 58   LYS A CG  1 
ATOM   457  C  CD  . LYS A 1 58  ? -8.406  -13.796 4.260   1.00 35.77  ? 58   LYS A CD  1 
ATOM   458  C  CE  . LYS A 1 58  ? -8.710  -14.949 3.315   1.00 37.31  ? 58   LYS A CE  1 
ATOM   459  N  NZ  . LYS A 1 58  ? -10.110 -15.442 3.475   1.00 37.26  ? 58   LYS A NZ  1 
ATOM   460  N  N   . ASN A 1 59  ? -3.719  -12.781 3.397   1.00 26.62  ? 59   ASN A N   1 
ATOM   461  C  CA  . ASN A 1 59  ? -3.119  -12.290 2.175   1.00 24.02  ? 59   ASN A CA  1 
ATOM   462  C  C   . ASN A 1 59  ? -3.905  -12.704 0.928   1.00 24.03  ? 59   ASN A C   1 
ATOM   463  O  O   . ASN A 1 59  ? -4.015  -13.897 0.630   1.00 23.45  ? 59   ASN A O   1 
ATOM   464  C  CB  . ASN A 1 59  ? -1.659  -12.769 2.078   1.00 23.99  ? 59   ASN A CB  1 
ATOM   465  C  CG  . ASN A 1 59  ? -0.824  -12.392 3.285   1.00 24.12  ? 59   ASN A CG  1 
ATOM   466  O  OD1 . ASN A 1 59  ? 0.295   -11.886 3.139   1.00 24.90  ? 59   ASN A OD1 1 
ATOM   467  N  ND2 . ASN A 1 59  ? -1.345  -12.644 4.476   1.00 22.64  ? 59   ASN A ND2 1 
ATOM   468  N  N   . ILE A 1 60  ? -4.453  -11.701 0.223   1.00 24.07  ? 60   ILE A N   1 
ATOM   469  C  CA  . ILE A 1 60  ? -5.240  -11.911 -0.999  1.00 23.42  ? 60   ILE A CA  1 
ATOM   470  C  C   . ILE A 1 60  ? -4.417  -11.463 -2.202  1.00 25.57  ? 60   ILE A C   1 
ATOM   471  O  O   . ILE A 1 60  ? -3.752  -10.435 -2.145  1.00 26.67  ? 60   ILE A O   1 
ATOM   472  C  CB  . ILE A 1 60  ? -6.554  -11.118 -0.947  1.00 22.58  ? 60   ILE A CB  1 
ATOM   473  C  CG1 . ILE A 1 60  ? -7.103  -11.106 0.480   1.00 22.37  ? 60   ILE A CG1 1 
ATOM   474  C  CG2 . ILE A 1 60  ? -7.562  -11.700 -1.927  1.00 19.27  ? 60   ILE A CG2 1 
ATOM   475  C  CD1 . ILE A 1 60  ? -8.604  -10.929 0.566   1.00 26.58  ? 60   ILE A CD1 1 
ATOM   476  N  N   . ILE A 1 61  ? -4.450  -12.215 -3.294  1.00 25.84  ? 61   ILE A N   1 
ATOM   477  C  CA  . ILE A 1 61  ? -3.639  -11.830 -4.442  1.00 26.26  ? 61   ILE A CA  1 
ATOM   478  C  C   . ILE A 1 61  ? -4.450  -11.799 -5.737  1.00 28.61  ? 61   ILE A C   1 
ATOM   479  O  O   . ILE A 1 61  ? -5.050  -12.797 -6.115  1.00 30.60  ? 61   ILE A O   1 
ATOM   480  C  CB  . ILE A 1 61  ? -2.455  -12.815 -4.571  1.00 24.20  ? 61   ILE A CB  1 
ATOM   481  C  CG1 . ILE A 1 61  ? -1.853  -13.063 -3.179  1.00 20.27  ? 61   ILE A CG1 1 
ATOM   482  C  CG2 . ILE A 1 61  ? -1.393  -12.270 -5.516  1.00 20.73  ? 61   ILE A CG2 1 
ATOM   483  C  CD1 . ILE A 1 61  ? -0.426  -12.575 -3.024  1.00 20.53  ? 61   ILE A CD1 1 
ATOM   484  N  N   . LEU A 1 62  ? -4.469  -10.652 -6.416  1.00 29.90  ? 62   LEU A N   1 
ATOM   485  C  CA  . LEU A 1 62  ? -5.222  -10.502 -7.668  1.00 31.44  ? 62   LEU A CA  1 
ATOM   486  C  C   . LEU A 1 62  ? -4.428  -10.959 -8.876  1.00 34.77  ? 62   LEU A C   1 
ATOM   487  O  O   . LEU A 1 62  ? -3.366  -10.413 -9.186  1.00 34.61  ? 62   LEU A O   1 
ATOM   488  C  CB  . LEU A 1 62  ? -5.638  -9.042  -7.873  1.00 29.39  ? 62   LEU A CB  1 
ATOM   489  C  CG  . LEU A 1 62  ? -7.117  -8.686  -7.731  1.00 26.20  ? 62   LEU A CG  1 
ATOM   490  C  CD1 . LEU A 1 62  ? -7.305  -7.195  -7.505  1.00 24.56  ? 62   LEU A CD1 1 
ATOM   491  C  CD2 . LEU A 1 62  ? -7.895  -9.129  -8.958  1.00 21.81  ? 62   LEU A CD2 1 
ATOM   492  N  N   . SER A 1 63  ? -4.945  -11.967 -9.562  1.00 39.14  ? 63   SER A N   1 
ATOM   493  C  CA  . SER A 1 63  ? -4.253  -12.454 -10.724 1.00 41.52  ? 63   SER A CA  1 
ATOM   494  C  C   . SER A 1 63  ? -5.218  -13.039 -11.699 1.00 47.35  ? 63   SER A C   1 
ATOM   495  O  O   . SER A 1 63  ? -5.981  -13.956 -11.388 1.00 49.72  ? 63   SER A O   1 
ATOM   496  C  CB  . SER A 1 63  ? -3.221  -13.504 -10.323 1.00 34.93  ? 63   SER A CB  1 
ATOM   497  O  OG  . SER A 1 63  ? -2.164  -13.576 -11.270 1.00 27.10  ? 63   SER A OG  1 
ATOM   498  N  N   . SER A 1 64  ? -5.178  -12.488 -12.893 1.00 52.03  ? 64   SER A N   1 
ATOM   499  C  CA  . SER A 1 64  ? -6.031  -13.027 -13.899 1.00 56.09  ? 64   SER A CA  1 
ATOM   500  C  C   . SER A 1 64  ? -5.764  -14.511 -14.000 1.00 57.20  ? 64   SER A C   1 
ATOM   501  O  O   . SER A 1 64  ? -6.638  -15.284 -14.400 1.00 55.40  ? 64   SER A O   1 
ATOM   502  C  CB  . SER A 1 64  ? -5.757  -12.359 -15.240 1.00 59.83  ? 64   SER A CB  1 
ATOM   503  O  OG  . SER A 1 64  ? -5.679  -10.948 -15.098 1.00 65.37  ? 64   SER A OG  1 
ATOM   504  N  N   . GLN A 1 65  ? -4.528  -14.917 -13.637 1.00 59.72  ? 65   GLN A N   1 
ATOM   505  C  CA  . GLN A 1 65  ? -4.102  -16.309 -13.765 1.00 62.68  ? 65   GLN A CA  1 
ATOM   506  C  C   . GLN A 1 65  ? -4.234  -17.149 -12.507 1.00 65.49  ? 65   GLN A C   1 
ATOM   507  O  O   . GLN A 1 65  ? -4.399  -16.655 -11.407 1.00 67.14  ? 65   GLN A O   1 
ATOM   508  C  CB  . GLN A 1 65  ? -2.634  -16.382 -14.188 1.00 62.21  ? 65   GLN A CB  1 
ATOM   509  C  CG  . GLN A 1 65  ? -2.337  -15.716 -15.521 1.00 60.45  ? 65   GLN A CG  1 
ATOM   510  C  CD  . GLN A 1 65  ? -0.874  -15.809 -15.906 1.00 58.98  ? 65   GLN A CD  1 
ATOM   511  O  OE1 . GLN A 1 65  ? -0.064  -16.378 -15.175 1.00 58.64  ? 65   GLN A OE1 1 
ATOM   512  N  NE2 . GLN A 1 65  ? -0.513  -15.201 -17.025 1.00 57.89  ? 65   GLN A NE2 1 
ATOM   513  N  N   . PRO A 1 66  ? -4.148  -18.446 -12.755 1.00 67.71  ? 66   PRO A N   1 
ATOM   514  C  CA  . PRO A 1 66  ? -4.234  -19.415 -11.670 1.00 67.79  ? 66   PRO A CA  1 
ATOM   515  C  C   . PRO A 1 66  ? -3.303  -19.137 -10.485 1.00 66.22  ? 66   PRO A C   1 
ATOM   516  O  O   . PRO A 1 66  ? -2.447  -18.266 -10.558 1.00 66.65  ? 66   PRO A O   1 
ATOM   517  C  CB  . PRO A 1 66  ? -3.900  -20.737 -12.363 1.00 69.16  ? 66   PRO A CB  1 
ATOM   518  C  CG  . PRO A 1 66  ? -4.123  -20.466 -13.813 1.00 70.34  ? 66   PRO A CG  1 
ATOM   519  C  CD  . PRO A 1 66  ? -3.619  -19.056 -14.021 1.00 69.46  ? 66   PRO A CD  1 
ATOM   520  N  N   . GLY A 1 67  ? -3.484  -19.901 -9.413  1.00 63.84  ? 67   GLY A N   1 
ATOM   521  C  CA  . GLY A 1 67  ? -2.719  -19.727 -8.169  1.00 59.69  ? 67   GLY A CA  1 
ATOM   522  C  C   . GLY A 1 67  ? -1.464  -20.619 -8.043  1.00 55.52  ? 67   GLY A C   1 
ATOM   523  O  O   . GLY A 1 67  ? -1.539  -21.843 -8.227  1.00 58.30  ? 67   GLY A O   1 
ATOM   524  N  N   . THR A 1 68  ? -0.313  -19.998 -7.742  1.00 49.16  ? 68   THR A N   1 
ATOM   525  C  CA  . THR A 1 68  ? 0.978   -20.718 -7.626  1.00 42.38  ? 68   THR A CA  1 
ATOM   526  C  C   . THR A 1 68  ? 1.463   -21.044 -6.196  1.00 38.41  ? 68   THR A C   1 
ATOM   527  O  O   . THR A 1 68  ? 2.510   -21.677 -6.029  1.00 38.84  ? 68   THR A O   1 
ATOM   528  C  CB  . THR A 1 68  ? 2.123   -19.934 -8.306  1.00 42.42  ? 68   THR A CB  1 
ATOM   529  O  OG1 . THR A 1 68  ? 2.346   -18.711 -7.591  1.00 43.70  ? 68   THR A OG1 1 
ATOM   530  C  CG2 . THR A 1 68  ? 1.773   -19.613 -9.747  1.00 41.80  ? 68   THR A CG2 1 
ATOM   531  N  N   . ASP A 1 69  ? 0.739   -20.623 -5.158  1.00 34.38  ? 69   ASP A N   1 
ATOM   532  C  CA  . ASP A 1 69  ? 1.170   -20.921 -3.765  1.00 31.39  ? 69   ASP A CA  1 
ATOM   533  C  C   . ASP A 1 69  ? -0.089  -21.077 -2.913  1.00 31.15  ? 69   ASP A C   1 
ATOM   534  O  O   . ASP A 1 69  ? -1.016  -20.300 -3.083  1.00 33.45  ? 69   ASP A O   1 
ATOM   535  C  CB  . ASP A 1 69  ? 2.059   -19.778 -3.205  1.00 28.72  ? 69   ASP A CB  1 
ATOM   536  C  CG  . ASP A 1 69  ? 2.593   -20.055 -1.800  1.00 26.95  ? 69   ASP A CG  1 
ATOM   537  O  OD1 . ASP A 1 69  ? 1.808   -20.462 -0.928  1.00 28.41  ? 69   ASP A OD1 1 
ATOM   538  O  OD2 . ASP A 1 69  ? 3.806   -19.850 -1.577  1.00 26.25  ? 69   ASP A OD2 1 
ATOM   539  N  N   . ASP A 1 70  ? -0.173  -22.039 -2.000  1.00 30.10  ? 70   ASP A N   1 
ATOM   540  C  CA  . ASP A 1 70  ? -1.426  -22.136 -1.265  1.00 30.36  ? 70   ASP A CA  1 
ATOM   541  C  C   . ASP A 1 70  ? -1.365  -21.479 0.120   1.00 28.75  ? 70   ASP A C   1 
ATOM   542  O  O   . ASP A 1 70  ? -2.335  -21.539 0.876   1.00 26.20  ? 70   ASP A O   1 
ATOM   543  C  CB  . ASP A 1 70  ? -1.888  -23.608 -1.185  1.00 39.38  ? 70   ASP A CB  1 
ATOM   544  C  CG  . ASP A 1 70  ? -2.625  -24.075 -2.443  1.00 47.84  ? 70   ASP A CG  1 
ATOM   545  O  OD1 . ASP A 1 70  ? -3.204  -23.219 -3.134  1.00 53.77  ? 70   ASP A OD1 1 
ATOM   546  O  OD2 . ASP A 1 70  ? -2.633  -25.299 -2.719  1.00 51.91  ? 70   ASP A OD2 1 
ATOM   547  N  N   . ARG A 1 71  ? -0.236  -20.853 0.454   1.00 31.30  ? 71   ARG A N   1 
ATOM   548  C  CA  . ARG A 1 71  ? -0.127  -20.174 1.735   1.00 33.63  ? 71   ARG A CA  1 
ATOM   549  C  C   . ARG A 1 71  ? -0.964  -18.903 1.687   1.00 34.22  ? 71   ARG A C   1 
ATOM   550  O  O   . ARG A 1 71  ? -1.078  -18.196 2.687   1.00 35.84  ? 71   ARG A O   1 
ATOM   551  C  CB  . ARG A 1 71  ? 1.334   -19.840 2.028   1.00 35.52  ? 71   ARG A CB  1 
ATOM   552  C  CG  . ARG A 1 71  ? 2.227   -21.058 2.102   1.00 37.46  ? 71   ARG A CG  1 
ATOM   553  C  CD  . ARG A 1 71  ? 3.671   -20.650 2.290   1.00 37.34  ? 71   ARG A CD  1 
ATOM   554  N  NE  . ARG A 1 71  ? 4.230   -20.033 1.095   1.00 36.55  ? 71   ARG A NE  1 
ATOM   555  C  CZ  . ARG A 1 71  ? 5.270   -19.208 1.113   1.00 37.38  ? 71   ARG A CZ  1 
ATOM   556  N  NH1 . ARG A 1 71  ? 5.853   -18.906 2.268   1.00 37.35  ? 71   ARG A NH1 1 
ATOM   557  N  NH2 . ARG A 1 71  ? 5.721   -18.676 -0.019  1.00 38.50  ? 71   ARG A NH2 1 
ATOM   558  N  N   . VAL A 1 72  ? -1.562  -18.639 0.522   1.00 33.31  ? 72   VAL A N   1 
ATOM   559  C  CA  . VAL A 1 72  ? -2.352  -17.430 0.321   1.00 32.54  ? 72   VAL A CA  1 
ATOM   560  C  C   . VAL A 1 72  ? -3.660  -17.615 -0.477  1.00 31.48  ? 72   VAL A C   1 
ATOM   561  O  O   . VAL A 1 72  ? -3.886  -18.654 -1.104  1.00 30.71  ? 72   VAL A O   1 
ATOM   562  C  CB  . VAL A 1 72  ? -1.479  -16.338 -0.384  1.00 33.97  ? 72   VAL A CB  1 
ATOM   563  C  CG1 . VAL A 1 72  ? -0.280  -15.972 0.490   1.00 34.58  ? 72   VAL A CG1 1 
ATOM   564  C  CG2 . VAL A 1 72  ? -1.012  -16.824 -1.748  1.00 33.99  ? 72   VAL A CG2 1 
ATOM   565  N  N   . THR A 1 73  ? -4.502  -16.582 -0.459  1.00 29.81  ? 73   THR A N   1 
ATOM   566  C  CA  . THR A 1 73  ? -5.785  -16.593 -1.161  1.00 29.11  ? 73   THR A CA  1 
ATOM   567  C  C   . THR A 1 73  ? -5.714  -15.890 -2.484  1.00 28.47  ? 73   THR A C   1 
ATOM   568  O  O   . THR A 1 73  ? -5.433  -14.691 -2.543  1.00 30.34  ? 73   THR A O   1 
ATOM   569  C  CB  . THR A 1 73  ? -6.894  -15.923 -0.316  1.00 28.86  ? 73   THR A CB  1 
ATOM   570  O  OG1 . THR A 1 73  ? -7.002  -16.615 0.936   1.00 30.36  ? 73   THR A OG1 1 
ATOM   571  C  CG2 . THR A 1 73  ? -8.230  -15.971 -1.038  1.00 26.37  ? 73   THR A CG2 1 
ATOM   572  N  N   . TRP A 1 74  ? -5.967  -16.640 -3.548  1.00 26.77  ? 74   TRP A N   1 
ATOM   573  C  CA  . TRP A 1 74  ? -5.941  -16.038 -4.868  1.00 25.94  ? 74   TRP A CA  1 
ATOM   574  C  C   . TRP A 1 74  ? -7.338  -15.699 -5.368  1.00 26.14  ? 74   TRP A C   1 
ATOM   575  O  O   . TRP A 1 74  ? -8.257  -16.504 -5.229  1.00 26.52  ? 74   TRP A O   1 
ATOM   576  C  CB  . TRP A 1 74  ? -5.260  -16.962 -5.876  1.00 26.94  ? 74   TRP A CB  1 
ATOM   577  C  CG  . TRP A 1 74  ? -3.825  -17.203 -5.589  1.00 26.31  ? 74   TRP A CG  1 
ATOM   578  C  CD1 . TRP A 1 74  ? -3.307  -18.012 -4.625  1.00 26.99  ? 74   TRP A CD1 1 
ATOM   579  C  CD2 . TRP A 1 74  ? -2.720  -16.632 -6.277  1.00 26.35  ? 74   TRP A CD2 1 
ATOM   580  N  NE1 . TRP A 1 74  ? -1.934  -17.985 -4.672  1.00 27.68  ? 74   TRP A NE1 1 
ATOM   581  C  CE2 . TRP A 1 74  ? -1.546  -17.142 -5.679  1.00 27.18  ? 74   TRP A CE2 1 
ATOM   582  C  CE3 . TRP A 1 74  ? -2.601  -15.737 -7.345  1.00 26.48  ? 74   TRP A CE3 1 
ATOM   583  C  CZ2 . TRP A 1 74  ? -0.271  -16.787 -6.112  1.00 27.03  ? 74   TRP A CZ2 1 
ATOM   584  C  CZ3 . TRP A 1 74  ? -1.337  -15.381 -7.774  1.00 26.24  ? 74   TRP A CZ3 1 
ATOM   585  C  CH2 . TRP A 1 74  ? -0.184  -15.907 -7.158  1.00 26.73  ? 74   TRP A CH2 1 
ATOM   586  N  N   . VAL A 1 75  ? -7.485  -14.509 -5.957  1.00 24.83  ? 75   VAL A N   1 
ATOM   587  C  CA  . VAL A 1 75  ? -8.762  -14.045 -6.505  1.00 23.93  ? 75   VAL A CA  1 
ATOM   588  C  C   . VAL A 1 75  ? -8.522  -13.484 -7.916  1.00 26.84  ? 75   VAL A C   1 
ATOM   589  O  O   . VAL A 1 75  ? -7.380  -13.119 -8.238  1.00 25.67  ? 75   VAL A O   1 
ATOM   590  C  CB  . VAL A 1 75  ? -9.424  -12.975 -5.585  1.00 23.43  ? 75   VAL A CB  1 
ATOM   591  C  CG1 . VAL A 1 75  ? -9.682  -13.575 -4.211  1.00 20.32  ? 75   VAL A CG1 1 
ATOM   592  C  CG2 . VAL A 1 75  ? -8.548  -11.736 -5.467  1.00 22.23  ? 75   VAL A CG2 1 
ATOM   593  N  N   . LYS A 1 76  ? -9.565  -13.417 -8.759  1.00 32.15  ? 76   LYS A N   1 
ATOM   594  C  CA  . LYS A 1 76  ? -9.397  -12.932 -10.143 1.00 36.66  ? 76   LYS A CA  1 
ATOM   595  C  C   . LYS A 1 76  ? -10.032 -11.571 -10.456 1.00 35.41  ? 76   LYS A C   1 
ATOM   596  O  O   . LYS A 1 76  ? -10.179 -11.198 -11.627 1.00 37.23  ? 76   LYS A O   1 
ATOM   597  C  CB  . LYS A 1 76  ? -9.929  -13.966 -11.148 1.00 43.66  ? 76   LYS A CB  1 
ATOM   598  C  CG  . LYS A 1 76  ? -9.217  -15.309 -11.086 1.00 53.09  ? 76   LYS A CG  1 
ATOM   599  C  CD  . LYS A 1 76  ? -9.641  -16.218 -12.227 1.00 58.52  ? 76   LYS A CD  1 
ATOM   600  C  CE  . LYS A 1 76  ? -8.897  -17.542 -12.179 1.00 61.28  ? 76   LYS A CE  1 
ATOM   601  N  NZ  . LYS A 1 76  ? -9.189  -18.286 -10.921 1.00 62.57  ? 76   LYS A NZ  1 
ATOM   602  N  N   . SER A 1 77  ? -10.399 -10.815 -9.429  1.00 31.05  ? 77   SER A N   1 
ATOM   603  C  CA  . SER A 1 77  ? -10.999 -9.516  -9.676  1.00 26.88  ? 77   SER A CA  1 
ATOM   604  C  C   . SER A 1 77  ? -11.051 -8.712  -8.398  1.00 25.72  ? 77   SER A C   1 
ATOM   605  O  O   . SER A 1 77  ? -10.838 -9.253  -7.302  1.00 23.94  ? 77   SER A O   1 
ATOM   606  C  CB  . SER A 1 77  ? -12.403 -9.681  -10.245 1.00 29.26  ? 77   SER A CB  1 
ATOM   607  O  OG  . SER A 1 77  ? -13.286 -10.225 -9.279  1.00 32.93  ? 77   SER A OG  1 
ATOM   608  N  N   . VAL A 1 78  ? -11.318 -7.415  -8.549  1.00 25.39  ? 78   VAL A N   1 
ATOM   609  C  CA  . VAL A 1 78  ? -11.555 -6.556  -7.373  1.00 25.22  ? 78   VAL A CA  1 
ATOM   610  C  C   . VAL A 1 78  ? -12.760 -6.942  -6.529  1.00 28.08  ? 78   VAL A C   1 
ATOM   611  O  O   . VAL A 1 78  ? -12.697 -6.898  -5.306  1.00 27.97  ? 78   VAL A O   1 
ATOM   612  C  CB  . VAL A 1 78  ? -11.729 -5.091  -7.815  1.00 21.79  ? 78   VAL A CB  1 
ATOM   613  C  CG1 . VAL A 1 78  ? -12.049 -4.220  -6.609  1.00 21.07  ? 78   VAL A CG1 1 
ATOM   614  C  CG2 . VAL A 1 78  ? -10.485 -4.607  -8.518  1.00 17.22  ? 78   VAL A CG2 1 
ATOM   615  N  N   . ASP A 1 79  ? -13.863 -7.313  -7.176  1.00 32.44  ? 79   ASP A N   1 
ATOM   616  C  CA  . ASP A 1 79  ? -15.045 -7.712  -6.425  1.00 35.47  ? 79   ASP A CA  1 
ATOM   617  C  C   . ASP A 1 79  ? -14.741 -8.993  -5.667  1.00 33.94  ? 79   ASP A C   1 
ATOM   618  O  O   . ASP A 1 79  ? -15.071 -9.128  -4.490  1.00 34.81  ? 79   ASP A O   1 
ATOM   619  C  CB  . ASP A 1 79  ? -16.244 -7.925  -7.353  1.00 41.77  ? 79   ASP A CB  1 
ATOM   620  C  CG  . ASP A 1 79  ? -16.852 -6.621  -7.816  1.00 45.50  ? 79   ASP A CG  1 
ATOM   621  O  OD1 . ASP A 1 79  ? -16.823 -5.639  -7.040  1.00 47.13  ? 79   ASP A OD1 1 
ATOM   622  O  OD2 . ASP A 1 79  ? -17.358 -6.574  -8.957  1.00 47.65  ? 79   ASP A OD2 1 
ATOM   623  N  N   . GLU A 1 80  ? -14.105 -9.937  -6.342  1.00 30.16  ? 80   GLU A N   1 
ATOM   624  C  CA  . GLU A 1 80  ? -13.762 -11.181 -5.689  1.00 27.38  ? 80   GLU A CA  1 
ATOM   625  C  C   . GLU A 1 80  ? -12.826 -10.960 -4.489  1.00 25.15  ? 80   GLU A C   1 
ATOM   626  O  O   . GLU A 1 80  ? -12.951 -11.670 -3.487  1.00 23.59  ? 80   GLU A O   1 
ATOM   627  C  CB  . GLU A 1 80  ? -13.110 -12.162 -6.688  1.00 30.28  ? 80   GLU A CB  1 
ATOM   628  C  CG  . GLU A 1 80  ? -13.150 -13.624 -6.229  1.00 34.01  ? 80   GLU A CG  1 
ATOM   629  C  CD  . GLU A 1 80  ? -12.348 -14.591 -7.110  1.00 36.52  ? 80   GLU A CD  1 
ATOM   630  O  OE1 . GLU A 1 80  ? -12.425 -14.486 -8.351  1.00 35.62  ? 80   GLU A OE1 1 
ATOM   631  O  OE2 . GLU A 1 80  ? -11.651 -15.461 -6.534  1.00 36.83  ? 80   GLU A OE2 1 
ATOM   632  N  N   . ALA A 1 81  ? -11.906 -9.994  -4.573  1.00 21.97  ? 81   ALA A N   1 
ATOM   633  C  CA  . ALA A 1 81  ? -10.945 -9.738  -3.490  1.00 21.02  ? 81   ALA A CA  1 
ATOM   634  C  C   . ALA A 1 81  ? -11.560 -9.129  -2.237  1.00 21.09  ? 81   ALA A C   1 
ATOM   635  O  O   . ALA A 1 81  ? -11.195 -9.483  -1.114  1.00 20.05  ? 81   ALA A O   1 
ATOM   636  C  CB  . ALA A 1 81  ? -9.797  -8.848  -3.998  1.00 21.82  ? 81   ALA A CB  1 
ATOM   637  N  N   . ILE A 1 82  ? -12.494 -8.207  -2.422  1.00 21.95  ? 82   ILE A N   1 
ATOM   638  C  CA  . ILE A 1 82  ? -13.141 -7.584  -1.281  1.00 25.00  ? 82   ILE A CA  1 
ATOM   639  C  C   . ILE A 1 82  ? -14.065 -8.595  -0.605  1.00 23.60  ? 82   ILE A C   1 
ATOM   640  O  O   . ILE A 1 82  ? -14.200 -8.618  0.626   1.00 24.14  ? 82   ILE A O   1 
ATOM   641  C  CB  . ILE A 1 82  ? -13.945 -6.366  -1.731  1.00 28.25  ? 82   ILE A CB  1 
ATOM   642  C  CG1 . ILE A 1 82  ? -12.975 -5.337  -2.307  1.00 31.34  ? 82   ILE A CG1 1 
ATOM   643  C  CG2 . ILE A 1 82  ? -14.757 -5.801  -0.577  1.00 29.44  ? 82   ILE A CG2 1 
ATOM   644  C  CD1 . ILE A 1 82  ? -13.637 -4.149  -2.970  1.00 34.06  ? 82   ILE A CD1 1 
ATOM   645  N  N   . ALA A 1 83  ? -14.699 -9.436  -1.410  1.00 21.74  ? 83   ALA A N   1 
ATOM   646  C  CA  . ALA A 1 83  ? -15.588 -10.441 -0.867  1.00 20.93  ? 83   ALA A CA  1 
ATOM   647  C  C   . ALA A 1 83  ? -14.737 -11.456 -0.116  1.00 21.26  ? 83   ALA A C   1 
ATOM   648  O  O   . ALA A 1 83  ? -15.135 -11.956 0.935   1.00 17.87  ? 83   ALA A O   1 
ATOM   649  C  CB  . ALA A 1 83  ? -16.358 -11.112 -1.987  1.00 19.54  ? 83   ALA A CB  1 
ATOM   650  N  N   . ALA A 1 84  ? -13.556 -11.744 -0.655  1.00 24.52  ? 84   ALA A N   1 
ATOM   651  C  CA  . ALA A 1 84  ? -12.645 -12.700 -0.023  1.00 27.53  ? 84   ALA A CA  1 
ATOM   652  C  C   . ALA A 1 84  ? -12.270 -12.280 1.393   1.00 29.22  ? 84   ALA A C   1 
ATOM   653  O  O   . ALA A 1 84  ? -11.881 -13.112 2.205   1.00 31.35  ? 84   ALA A O   1 
ATOM   654  C  CB  . ALA A 1 84  ? -11.377 -12.861 -0.863  1.00 26.07  ? 84   ALA A CB  1 
ATOM   655  N  N   . CYS A 1 85  ? -12.396 -10.990 1.679   1.00 31.04  ? 85   CYS A N   1 
ATOM   656  C  CA  . CYS A 1 85  ? -12.059 -10.446 2.993   1.00 31.48  ? 85   CYS A CA  1 
ATOM   657  C  C   . CYS A 1 85  ? -13.119 -10.664 4.058   1.00 33.81  ? 85   CYS A C   1 
ATOM   658  O  O   . CYS A 1 85  ? -12.837 -10.571 5.257   1.00 34.34  ? 85   CYS A O   1 
ATOM   659  C  CB  . CYS A 1 85  ? -11.794 -8.948  2.872   1.00 28.32  ? 85   CYS A CB  1 
ATOM   660  S  SG  . CYS A 1 85  ? -10.389 -8.592  1.818   1.00 26.42  ? 85   CYS A SG  1 
ATOM   661  N  N   . GLY A 1 86  ? -14.341 -10.930 3.616   1.00 34.81  ? 86   GLY A N   1 
ATOM   662  C  CA  . GLY A 1 86  ? -15.422 -11.121 4.552   1.00 37.96  ? 86   GLY A CA  1 
ATOM   663  C  C   . GLY A 1 86  ? -15.843 -9.769  5.086   1.00 41.21  ? 86   GLY A C   1 
ATOM   664  O  O   . GLY A 1 86  ? -15.523 -8.742  4.499   1.00 40.99  ? 86   GLY A O   1 
ATOM   665  N  N   . ASP A 1 87  ? -16.571 -9.780  6.197   1.00 46.98  ? 87   ASP A N   1 
ATOM   666  C  CA  . ASP A 1 87  ? -17.040 -8.557  6.844   1.00 53.25  ? 87   ASP A CA  1 
ATOM   667  C  C   . ASP A 1 87  ? -16.103 -8.128  7.963   1.00 48.62  ? 87   ASP A C   1 
ATOM   668  O  O   . ASP A 1 87  ? -16.361 -8.403  9.135   1.00 48.65  ? 87   ASP A O   1 
ATOM   669  C  CB  . ASP A 1 87  ? -18.448 -8.757  7.417   0.00 71.05  ? 87   ASP A CB  1 
ATOM   670  C  CG  . ASP A 1 87  ? -18.643 -10.129 8.040   0.00 85.90  ? 87   ASP A CG  1 
ATOM   671  O  OD1 . ASP A 1 87  ? -18.575 -11.128 7.293   0.00 94.27  ? 87   ASP A OD1 1 
ATOM   672  O  OD2 . ASP A 1 87  ? -18.861 -10.218 9.267   0.00 94.46  ? 87   ASP A OD2 1 
ATOM   673  N  N   . VAL A 1 88  ? -15.020 -7.450  7.593   1.00 43.15  ? 88   VAL A N   1 
ATOM   674  C  CA  . VAL A 1 88  ? -14.038 -6.968  8.564   1.00 38.27  ? 88   VAL A CA  1 
ATOM   675  C  C   . VAL A 1 88  ? -14.107 -5.445  8.646   1.00 35.32  ? 88   VAL A C   1 
ATOM   676  O  O   . VAL A 1 88  ? -14.593 -4.788  7.731   1.00 34.96  ? 88   VAL A O   1 
ATOM   677  C  CB  . VAL A 1 88  ? -12.606 -7.394  8.172   1.00 38.18  ? 88   VAL A CB  1 
ATOM   678  C  CG1 . VAL A 1 88  ? -12.477 -8.899  8.243   1.00 36.92  ? 88   VAL A CG1 1 
ATOM   679  C  CG2 . VAL A 1 88  ? -12.288 -6.909  6.772   1.00 37.76  ? 88   VAL A CG2 1 
ATOM   680  N  N   . PRO A 1 89  ? -13.605 -4.860  9.744   1.00 33.05  ? 89   PRO A N   1 
ATOM   681  C  CA  . PRO A 1 89  ? -13.637 -3.405  9.910   1.00 31.84  ? 89   PRO A CA  1 
ATOM   682  C  C   . PRO A 1 89  ? -12.919 -2.632  8.806   1.00 32.97  ? 89   PRO A C   1 
ATOM   683  O  O   . PRO A 1 89  ? -13.495 -1.724  8.191   1.00 35.77  ? 89   PRO A O   1 
ATOM   684  C  CB  . PRO A 1 89  ? -12.976 -3.204  11.273  1.00 29.24  ? 89   PRO A CB  1 
ATOM   685  C  CG  . PRO A 1 89  ? -13.234 -4.483  11.989  1.00 27.26  ? 89   PRO A CG  1 
ATOM   686  C  CD  . PRO A 1 89  ? -12.981 -5.502  10.911  1.00 29.71  ? 89   PRO A CD  1 
ATOM   687  N  N   . GLU A 1 90  ? -11.660 -2.982  8.562   1.00 29.93  ? 90   GLU A N   1 
ATOM   688  C  CA  . GLU A 1 90  ? -10.868 -2.300  7.543   1.00 27.81  ? 90   GLU A CA  1 
ATOM   689  C  C   . GLU A 1 90  ? -10.063 -3.226  6.646   1.00 25.82  ? 90   GLU A C   1 
ATOM   690  O  O   . GLU A 1 90  ? -9.500  -4.209  7.103   1.00 26.15  ? 90   GLU A O   1 
ATOM   691  C  CB  . GLU A 1 90  ? -9.943  -1.298  8.231   1.00 28.56  ? 90   GLU A CB  1 
ATOM   692  C  CG  . GLU A 1 90  ? -8.938  -0.582  7.331   1.00 25.55  ? 90   GLU A CG  1 
ATOM   693  C  CD  . GLU A 1 90  ? -8.286  0.601   8.036   1.00 27.00  ? 90   GLU A CD  1 
ATOM   694  O  OE1 . GLU A 1 90  ? -7.993  0.495   9.249   1.00 27.29  ? 90   GLU A OE1 1 
ATOM   695  O  OE2 . GLU A 1 90  ? -8.057  1.642   7.385   1.00 27.97  ? 90   GLU A OE2 1 
ATOM   696  N  N   . ILE A 1 91  ? -10.016 -2.897  5.359   1.00 23.96  ? 91   ILE A N   1 
ATOM   697  C  CA  . ILE A 1 91  ? -9.283  -3.684  4.367   1.00 21.83  ? 91   ILE A CA  1 
ATOM   698  C  C   . ILE A 1 91  ? -8.081  -2.909  3.839   1.00 22.55  ? 91   ILE A C   1 
ATOM   699  O  O   . ILE A 1 91  ? -8.237  -1.838  3.250   1.00 22.66  ? 91   ILE A O   1 
ATOM   700  C  CB  . ILE A 1 91  ? -10.183 -4.042  3.178   1.00 19.62  ? 91   ILE A CB  1 
ATOM   701  C  CG1 . ILE A 1 91  ? -11.266 -5.004  3.639   1.00 18.32  ? 91   ILE A CG1 1 
ATOM   702  C  CG2 . ILE A 1 91  ? -9.352  -4.663  2.050   1.00 20.78  ? 91   ILE A CG2 1 
ATOM   703  C  CD1 . ILE A 1 91  ? -12.214 -5.400  2.543   1.00 17.90  ? 91   ILE A CD1 1 
ATOM   704  N  N   . MET A 1 92  ? -6.891  -3.466  4.026   1.00 23.70  ? 92   MET A N   1 
ATOM   705  C  CA  . MET A 1 92  ? -5.661  -2.813  3.590   1.00 24.70  ? 92   MET A CA  1 
ATOM   706  C  C   . MET A 1 92  ? -5.147  -3.193  2.201   1.00 24.59  ? 92   MET A C   1 
ATOM   707  O  O   . MET A 1 92  ? -4.706  -4.328  1.976   1.00 26.23  ? 92   MET A O   1 
ATOM   708  C  CB  . MET A 1 92  ? -4.547  -3.081  4.604   1.00 24.76  ? 92   MET A CB  1 
ATOM   709  C  CG  . MET A 1 92  ? -4.889  -2.658  6.002   1.00 25.13  ? 92   MET A CG  1 
ATOM   710  S  SD  . MET A 1 92  ? -5.459  -0.952  6.021   1.00 26.93  ? 92   MET A SD  1 
ATOM   711  C  CE  . MET A 1 92  ? -3.903  -0.089  5.874   1.00 25.05  ? 92   MET A CE  1 
ATOM   712  N  N   . VAL A 1 93  ? -5.182  -2.237  1.282   1.00 20.76  ? 93   VAL A N   1 
ATOM   713  C  CA  . VAL A 1 93  ? -4.688  -2.483  -0.046  1.00 16.52  ? 93   VAL A CA  1 
ATOM   714  C  C   . VAL A 1 93  ? -3.261  -1.970  -0.052  1.00 17.63  ? 93   VAL A C   1 
ATOM   715  O  O   . VAL A 1 93  ? -3.031  -0.772  -0.164  1.00 17.59  ? 93   VAL A O   1 
ATOM   716  C  CB  . VAL A 1 93  ? -5.519  -1.725  -1.113  1.00 13.79  ? 93   VAL A CB  1 
ATOM   717  C  CG1 . VAL A 1 93  ? -4.899  -1.936  -2.488  1.00 8.48   ? 93   VAL A CG1 1 
ATOM   718  C  CG2 . VAL A 1 93  ? -6.978  -2.215  -1.099  1.00 9.84   ? 93   VAL A CG2 1 
ATOM   719  N  N   . ILE A 1 94  ? -2.331  -2.877  0.128   1.00 20.01  ? 94   ILE A N   1 
ATOM   720  C  CA  . ILE A 1 94  ? -0.910  -2.562  0.098   1.00 22.73  ? 94   ILE A CA  1 
ATOM   721  C  C   . ILE A 1 94  ? -0.566  -2.561  -1.341  1.00 25.75  ? 94   ILE A C   1 
ATOM   722  O  O   . ILE A 1 94  ? 0.581   -2.381  -1.751  1.00 26.71  ? 94   ILE A O   1 
ATOM   723  C  CB  . ILE A 1 94  ? -0.105  -3.588  0.899   1.00 22.15  ? 94   ILE A CB  1 
ATOM   724  C  CG1 . ILE A 1 94  ? -0.140  -4.935  0.184   1.00 20.70  ? 94   ILE A CG1 1 
ATOM   725  C  CG2 . ILE A 1 94  ? -0.646  -3.729  2.304   1.00 22.82  ? 94   ILE A CG2 1 
ATOM   726  C  CD1 . ILE A 1 94  ? 0.755   -5.980  0.813   1.00 22.22  ? 94   ILE A CD1 1 
ATOM   727  N  N   . GLY A 1 95  ? -1.680  -2.761  -2.109  1.00 28.91  ? 95   GLY A N   1 
ATOM   728  C  CA  . GLY A 1 95  ? -1.795  -2.835  -3.570  1.00 30.52  ? 95   GLY A CA  1 
ATOM   729  C  C   . GLY A 1 95  ? -0.553  -3.171  -4.424  1.00 29.78  ? 95   GLY A C   1 
ATOM   730  O  O   . GLY A 1 95  ? 0.061   -4.234  -4.315  1.00 31.32  ? 95   GLY A O   1 
ATOM   731  N  N   . GLY A 1 96  ? -0.281  -2.174  -5.256  1.00 29.52  ? 96   GLY A N   1 
ATOM   732  C  CA  . GLY A 1 96  ? 0.746   -2.156  -6.267  1.00 25.14  ? 96   GLY A CA  1 
ATOM   733  C  C   . GLY A 1 96  ? 0.409   -1.099  -7.213  1.00 23.14  ? 96   GLY A C   1 
ATOM   734  O  O   . GLY A 1 96  ? -0.676  -0.634  -7.095  1.00 23.15  ? 96   GLY A O   1 
ATOM   735  N  N   . GLY A 1 97  ? 1.206   -0.646  -8.158  1.00 21.79  ? 97   GLY A N   1 
ATOM   736  C  CA  . GLY A 1 97  ? 0.740   0.473   -9.017  1.00 19.49  ? 97   GLY A CA  1 
ATOM   737  C  C   . GLY A 1 97  ? -0.708  0.298   -9.535  1.00 19.65  ? 97   GLY A C   1 
ATOM   738  O  O   . GLY A 1 97  ? -1.621  1.061   -9.188  1.00 16.59  ? 97   GLY A O   1 
ATOM   739  N  N   . ARG A 1 98  ? -0.893  -0.717  -10.376 1.00 22.18  ? 98   ARG A N   1 
ATOM   740  C  CA  . ARG A 1 98  ? -2.188  -0.998  -10.968 1.00 25.98  ? 98   ARG A CA  1 
ATOM   741  C  C   . ARG A 1 98  ? -3.271  -1.379  -9.958  1.00 24.40  ? 98   ARG A C   1 
ATOM   742  O  O   . ARG A 1 98  ? -4.458  -1.165  -10.208 1.00 21.40  ? 98   ARG A O   1 
ATOM   743  C  CB  . ARG A 1 98  ? -2.055  -2.100  -12.028 1.00 34.98  ? 98   ARG A CB  1 
ATOM   744  C  CG  . ARG A 1 98  ? -1.433  -1.660  -13.362 1.00 46.33  ? 98   ARG A CG  1 
ATOM   745  C  CD  . ARG A 1 98  ? -1.371  -0.140  -13.508 1.00 53.96  ? 98   ARG A CD  1 
ATOM   746  N  NE  . ARG A 1 98  ? -1.312  0.286   -14.906 1.00 58.11  ? 98   ARG A NE  1 
ATOM   747  C  CZ  . ARG A 1 98  ? -2.320  0.162   -15.766 1.00 59.95  ? 98   ARG A CZ  1 
ATOM   748  N  NH1 . ARG A 1 98  ? -3.470  -0.374  -15.378 1.00 59.87  ? 98   ARG A NH1 1 
ATOM   749  N  NH2 . ARG A 1 98  ? -2.185  0.574   -17.016 1.00 59.84  ? 98   ARG A NH2 1 
ATOM   750  N  N   . VAL A 1 99  ? -2.878  -1.953  -8.824  1.00 24.44  ? 99   VAL A N   1 
ATOM   751  C  CA  . VAL A 1 99  ? -3.860  -2.330  -7.809  1.00 22.60  ? 99   VAL A CA  1 
ATOM   752  C  C   . VAL A 1 99  ? -4.416  -1.097  -7.095  1.00 22.56  ? 99   VAL A C   1 
ATOM   753  O  O   . VAL A 1 99  ? -5.523  -1.129  -6.553  1.00 23.19  ? 99   VAL A O   1 
ATOM   754  C  CB  . VAL A 1 99  ? -3.255  -3.313  -6.774  1.00 20.56  ? 99   VAL A CB  1 
ATOM   755  C  CG1 . VAL A 1 99  ? -4.093  -3.343  -5.507  1.00 19.50  ? 99   VAL A CG1 1 
ATOM   756  C  CG2 . VAL A 1 99  ? -3.209  -4.709  -7.369  1.00 18.63  ? 99   VAL A CG2 1 
ATOM   757  N  N   . TYR A 1 100 ? -3.655  -0.009  -7.110  1.00 21.39  ? 100  TYR A N   1 
ATOM   758  C  CA  . TYR A 1 100 ? -4.082  1.222   -6.464  1.00 21.95  ? 100  TYR A CA  1 
ATOM   759  C  C   . TYR A 1 100 ? -5.092  1.953   -7.329  1.00 23.79  ? 100  TYR A C   1 
ATOM   760  O  O   . TYR A 1 100 ? -6.054  2.522   -6.815  1.00 22.61  ? 100  TYR A O   1 
ATOM   761  C  CB  . TYR A 1 100 ? -2.863  2.122   -6.228  1.00 24.05  ? 100  TYR A CB  1 
ATOM   762  C  CG  . TYR A 1 100 ? -1.991  1.733   -5.056  1.00 27.18  ? 100  TYR A CG  1 
ATOM   763  C  CD1 . TYR A 1 100 ? -2.521  1.441   -3.798  1.00 28.73  ? 100  TYR A CD1 1 
ATOM   764  C  CD2 . TYR A 1 100 ? -0.603  1.713   -5.208  1.00 28.36  ? 100  TYR A CD2 1 
ATOM   765  C  CE1 . TYR A 1 100 ? -1.694  1.149   -2.719  1.00 30.45  ? 100  TYR A CE1 1 
ATOM   766  C  CE2 . TYR A 1 100 ? 0.236   1.424   -4.137  1.00 30.90  ? 100  TYR A CE2 1 
ATOM   767  C  CZ  . TYR A 1 100 ? -0.315  1.144   -2.893  1.00 32.03  ? 100  TYR A CZ  1 
ATOM   768  O  OH  . TYR A 1 100 ? 0.517   0.873   -1.827  1.00 32.87  ? 100  TYR A OH  1 
ATOM   769  N  N   . GLU A 1 101 ? -4.860  1.930   -8.640  1.00 27.02  ? 101  GLU A N   1 
ATOM   770  C  CA  . GLU A 1 101 ? -5.733  2.587   -9.604  1.00 31.08  ? 101  GLU A CA  1 
ATOM   771  C  C   . GLU A 1 101 ? -7.140  2.012   -9.534  1.00 29.32  ? 101  GLU A C   1 
ATOM   772  O  O   . GLU A 1 101 ? -8.136  2.750   -9.536  1.00 31.48  ? 101  GLU A O   1 
ATOM   773  C  CB  . GLU A 1 101 ? -5.188  2.387   -11.015 1.00 38.36  ? 101  GLU A CB  1 
ATOM   774  C  CG  . GLU A 1 101 ? -5.218  3.614   -11.907 1.00 47.58  ? 101  GLU A CG  1 
ATOM   775  C  CD  . GLU A 1 101 ? -4.893  3.282   -13.364 1.00 52.80  ? 101  GLU A CD  1 
ATOM   776  O  OE1 . GLU A 1 101 ? -5.796  3.439   -14.218 1.00 54.41  ? 101  GLU A OE1 1 
ATOM   777  O  OE2 . GLU A 1 101 ? -3.745  2.862   -13.650 1.00 54.73  ? 101  GLU A OE2 1 
ATOM   778  N  N   . GLN A 1 102 ? -7.224  0.691   -9.465  1.00 26.96  ? 102  GLN A N   1 
ATOM   779  C  CA  . GLN A 1 102 ? -8.522  -0.004  -9.409  1.00 25.20  ? 102  GLN A CA  1 
ATOM   780  C  C   . GLN A 1 102 ? -9.234  0.190   -8.067  1.00 23.79  ? 102  GLN A C   1 
ATOM   781  O  O   . GLN A 1 102 ? -10.444 0.375   -8.028  1.00 22.02  ? 102  GLN A O   1 
ATOM   782  C  CB  . GLN A 1 102 ? -8.348  -1.514  -9.683  1.00 25.21  ? 102  GLN A CB  1 
ATOM   783  C  CG  . GLN A 1 102 ? -7.529  -1.791  -10.930 1.00 27.15  ? 102  GLN A CG  1 
ATOM   784  C  CD  . GLN A 1 102 ? -7.306  -3.267  -11.228 1.00 28.78  ? 102  GLN A CD  1 
ATOM   785  O  OE1 . GLN A 1 102 ? -8.201  -3.942  -11.761 1.00 30.89  ? 102  GLN A OE1 1 
ATOM   786  N  NE2 . GLN A 1 102 ? -6.189  -3.838  -10.886 1.00 31.01  ? 102  GLN A NE2 1 
ATOM   787  N  N   . PHE A 1 103 ? -8.471  0.160   -6.977  1.00 23.94  ? 103  PHE A N   1 
ATOM   788  C  CA  . PHE A 1 103 ? -9.054  0.313   -5.649  1.00 23.94  ? 103  PHE A CA  1 
ATOM   789  C  C   . PHE A 1 103 ? -9.280  1.766   -5.158  1.00 24.33  ? 103  PHE A C   1 
ATOM   790  O  O   . PHE A 1 103 ? -10.210 2.009   -4.384  1.00 23.25  ? 103  PHE A O   1 
ATOM   791  C  CB  . PHE A 1 103 ? -8.203  -0.452  -4.627  1.00 24.89  ? 103  PHE A CB  1 
ATOM   792  C  CG  . PHE A 1 103 ? -8.537  -1.915  -4.525  1.00 24.98  ? 103  PHE A CG  1 
ATOM   793  C  CD1 . PHE A 1 103 ? -9.485  -2.362  -3.598  1.00 25.59  ? 103  PHE A CD1 1 
ATOM   794  C  CD2 . PHE A 1 103 ? -7.936  -2.850  -5.378  1.00 26.03  ? 103  PHE A CD2 1 
ATOM   795  C  CE1 . PHE A 1 103 ? -9.843  -3.716  -3.528  1.00 25.36  ? 103  PHE A CE1 1 
ATOM   796  C  CE2 . PHE A 1 103 ? -8.292  -4.212  -5.305  1.00 26.05  ? 103  PHE A CE2 1 
ATOM   797  C  CZ  . PHE A 1 103 ? -9.243  -4.636  -4.381  1.00 26.35  ? 103  PHE A CZ  1 
ATOM   798  N  N   . LEU A 1 104 ? -8.454  2.724   -5.597  1.00 23.29  ? 104  LEU A N   1 
ATOM   799  C  CA  . LEU A 1 104 ? -8.634  4.119   -5.143  1.00 25.21  ? 104  LEU A CA  1 
ATOM   800  C  C   . LEU A 1 104 ? -10.097 4.573   -5.188  1.00 26.53  ? 104  LEU A C   1 
ATOM   801  O  O   . LEU A 1 104 ? -10.584 5.172   -4.246  1.00 22.48  ? 104  LEU A O   1 
ATOM   802  C  CB  . LEU A 1 104 ? -7.779  5.094   -5.953  1.00 27.61  ? 104  LEU A CB  1 
ATOM   803  C  CG  . LEU A 1 104 ? -7.792  6.549   -5.469  1.00 30.18  ? 104  LEU A CG  1 
ATOM   804  C  CD1 . LEU A 1 104 ? -7.376  6.631   -3.998  1.00 32.10  ? 104  LEU A CD1 1 
ATOM   805  C  CD2 . LEU A 1 104 ? -6.846  7.390   -6.331  1.00 32.17  ? 104  LEU A CD2 1 
ATOM   806  N  N   . PRO A 1 105 ? -10.810 4.288   -6.289  1.00 30.78  ? 105  PRO A N   1 
ATOM   807  C  CA  . PRO A 1 105 ? -12.218 4.689   -6.386  1.00 33.86  ? 105  PRO A CA  1 
ATOM   808  C  C   . PRO A 1 105 ? -13.092 4.183   -5.238  1.00 35.92  ? 105  PRO A C   1 
ATOM   809  O  O   . PRO A 1 105 ? -14.092 4.805   -4.911  1.00 37.63  ? 105  PRO A O   1 
ATOM   810  C  CB  . PRO A 1 105 ? -12.671 4.080   -7.709  1.00 34.25  ? 105  PRO A CB  1 
ATOM   811  C  CG  . PRO A 1 105 ? -11.395 3.981   -8.524  1.00 32.67  ? 105  PRO A CG  1 
ATOM   812  C  CD  . PRO A 1 105 ? -10.343 3.625   -7.520  1.00 31.90  ? 105  PRO A CD  1 
ATOM   813  N  N   . LYS A 1 106 ? -12.741 3.055   -4.628  1.00 37.60  ? 106  LYS A N   1 
ATOM   814  C  CA  . LYS A 1 106 ? -13.578 2.545   -3.536  1.00 36.92  ? 106  LYS A CA  1 
ATOM   815  C  C   . LYS A 1 106 ? -13.006 2.860   -2.154  1.00 34.82  ? 106  LYS A C   1 
ATOM   816  O  O   . LYS A 1 106 ? -13.639 2.596   -1.141  1.00 34.35  ? 106  LYS A O   1 
ATOM   817  C  CB  . LYS A 1 106 ? -13.734 1.037   -3.625  1.00 40.58  ? 106  LYS A CB  1 
ATOM   818  C  CG  . LYS A 1 106 ? -13.980 0.501   -5.009  1.00 45.85  ? 106  LYS A CG  1 
ATOM   819  C  CD  . LYS A 1 106 ? -14.565 -0.896  -4.896  1.00 49.63  ? 106  LYS A CD  1 
ATOM   820  C  CE  . LYS A 1 106 ? -14.809 -1.518  -6.253  1.00 51.80  ? 106  LYS A CE  1 
ATOM   821  N  NZ  . LYS A 1 106 ? -16.222 -1.314  -6.702  1.00 53.59  ? 106  LYS A NZ  1 
ATOM   822  N  N   . ALA A 1 107 ? -11.805 3.418   -2.113  1.00 31.04  ? 107  ALA A N   1 
ATOM   823  C  CA  . ALA A 1 107 ? -11.156 3.710   -0.855  1.00 29.11  ? 107  ALA A CA  1 
ATOM   824  C  C   . ALA A 1 107 ? -11.819 4.793   -0.028  1.00 29.09  ? 107  ALA A C   1 
ATOM   825  O  O   . ALA A 1 107 ? -12.268 5.806   -0.570  1.00 26.27  ? 107  ALA A O   1 
ATOM   826  C  CB  . ALA A 1 107 ? -9.705  4.082   -1.104  1.00 32.21  ? 107  ALA A CB  1 
ATOM   827  N  N   . GLN A 1 108 ? -11.851 4.576   1.289   1.00 33.37  ? 108  GLN A N   1 
ATOM   828  C  CA  . GLN A 1 108 ? -12.420 5.538   2.217   1.00 39.57  ? 108  GLN A CA  1 
ATOM   829  C  C   . GLN A 1 108 ? -11.304 6.282   2.957   1.00 34.41  ? 108  GLN A C   1 
ATOM   830  O  O   . GLN A 1 108 ? -11.527 7.321   3.572   1.00 29.95  ? 108  GLN A O   1 
ATOM   831  C  CB  . GLN A 1 108 ? -13.344 4.842   3.220   1.00 57.32  ? 108  GLN A CB  1 
ATOM   832  C  CG  . GLN A 1 108 ? -14.596 4.239   2.611   1.00 81.64  ? 108  GLN A CG  1 
ATOM   833  C  CD  . GLN A 1 108 ? -14.395 2.782   2.203   1.00 93.87  ? 108  GLN A CD  1 
ATOM   834  O  OE1 . GLN A 1 108 ? -13.850 1.999   2.954   1.00 100.39 ? 108  GLN A OE1 1 
ATOM   835  N  NE2 . GLN A 1 108 ? -14.857 2.419   1.024   1.00 100.43 ? 108  GLN A NE2 1 
ATOM   836  N  N   . LYS A 1 109 ? -10.088 5.755   2.886   1.00 30.10  ? 109  LYS A N   1 
ATOM   837  C  CA  . LYS A 1 109 ? -8.955  6.412   3.535   1.00 26.75  ? 109  LYS A CA  1 
ATOM   838  C  C   . LYS A 1 109 ? -7.608  6.047   2.928   1.00 25.34  ? 109  LYS A C   1 
ATOM   839  O  O   . LYS A 1 109 ? -7.411  4.936   2.423   1.00 24.27  ? 109  LYS A O   1 
ATOM   840  C  CB  . LYS A 1 109 ? -8.949  6.110   5.039   1.00 26.72  ? 109  LYS A CB  1 
ATOM   841  C  CG  . LYS A 1 109 ? -8.277  4.815   5.436   1.00 28.94  ? 109  LYS A CG  1 
ATOM   842  C  CD  . LYS A 1 109 ? -8.489  4.546   6.904   1.00 29.56  ? 109  LYS A CD  1 
ATOM   843  C  CE  . LYS A 1 109 ? -7.929  5.681   7.761   1.00 31.37  ? 109  LYS A CE  1 
ATOM   844  N  NZ  . LYS A 1 109 ? -8.542  5.697   9.129   1.00 33.18  ? 109  LYS A NZ  1 
ATOM   845  N  N   . LEU A 1 110 ? -6.687  6.999   2.976   1.00 22.92  ? 110  LEU A N   1 
ATOM   846  C  CA  . LEU A 1 110 ? -5.368  6.748   2.404   1.00 22.26  ? 110  LEU A CA  1 
ATOM   847  C  C   . LEU A 1 110 ? -4.267  6.928   3.464   1.00 23.45  ? 110  LEU A C   1 
ATOM   848  O  O   . LEU A 1 110 ? -4.236  7.948   4.146   1.00 26.36  ? 110  LEU A O   1 
ATOM   849  C  CB  . LEU A 1 110 ? -5.110  7.704   1.227   1.00 19.92  ? 110  LEU A CB  1 
ATOM   850  C  CG  . LEU A 1 110 ? -6.096  7.709   0.065   1.00 16.93  ? 110  LEU A CG  1 
ATOM   851  C  CD1 . LEU A 1 110 ? -5.738  8.801   -0.943  1.00 14.79  ? 110  LEU A CD1 1 
ATOM   852  C  CD2 . LEU A 1 110 ? -6.140  6.359   -0.611  1.00 15.45  ? 110  LEU A CD2 1 
ATOM   853  N  N   . TYR A 1 111 ? -3.380  5.932   3.602   1.00 24.17  ? 111  TYR A N   1 
ATOM   854  C  CA  . TYR A 1 111 ? -2.240  5.998   4.527   1.00 23.37  ? 111  TYR A CA  1 
ATOM   855  C  C   . TYR A 1 111 ? -1.007  6.290   3.661   1.00 23.37  ? 111  TYR A C   1 
ATOM   856  O  O   . TYR A 1 111 ? -0.444  5.383   3.026   1.00 22.38  ? 111  TYR A O   1 
ATOM   857  C  CB  . TYR A 1 111 ? -1.967  4.695   5.249   1.00 23.21  ? 111  TYR A CB  1 
ATOM   858  C  CG  . TYR A 1 111 ? -3.031  4.247   6.217   1.00 23.76  ? 111  TYR A CG  1 
ATOM   859  C  CD1 . TYR A 1 111 ? -4.084  3.442   5.762   1.00 24.57  ? 111  TYR A CD1 1 
ATOM   860  C  CD2 . TYR A 1 111 ? -2.993  4.577   7.568   1.00 22.92  ? 111  TYR A CD2 1 
ATOM   861  C  CE1 . TYR A 1 111 ? -5.072  2.968   6.652   1.00 24.43  ? 111  TYR A CE1 1 
ATOM   862  C  CE2 . TYR A 1 111 ? -3.963  4.118   8.458   1.00 21.72  ? 111  TYR A CE2 1 
ATOM   863  C  CZ  . TYR A 1 111 ? -4.998  3.312   7.990   1.00 23.40  ? 111  TYR A CZ  1 
ATOM   864  O  OH  . TYR A 1 111 ? -5.951  2.865   8.876   1.00 23.27  ? 111  TYR A OH  1 
ATOM   865  N  N   . LEU A 1 112 ? -0.598  7.541   3.646   1.00 22.01  ? 112  LEU A N   1 
ATOM   866  C  CA  . LEU A 1 112 ? 0.505   7.870   2.772   1.00 21.23  ? 112  LEU A CA  1 
ATOM   867  C  C   . LEU A 1 112 ? 1.745   8.253   3.505   1.00 22.81  ? 112  LEU A C   1 
ATOM   868  O  O   . LEU A 1 112 ? 1.705   9.036   4.462   1.00 23.41  ? 112  LEU A O   1 
ATOM   869  C  CB  . LEU A 1 112 ? 0.059   8.984   1.811   1.00 16.03  ? 112  LEU A CB  1 
ATOM   870  C  CG  . LEU A 1 112 ? -1.172  8.640   0.970   1.00 14.11  ? 112  LEU A CG  1 
ATOM   871  C  CD1 . LEU A 1 112 ? -1.688  9.865   0.238   1.00 12.62  ? 112  LEU A CD1 1 
ATOM   872  C  CD2 . LEU A 1 112 ? -0.852  7.520   0.004   1.00 12.04  ? 112  LEU A CD2 1 
ATOM   873  N  N   . THR A 1 113 ? 2.870   7.691   3.074   1.00 22.84  ? 113  THR A N   1 
ATOM   874  C  CA  . THR A 1 113 ? 4.166   8.032   3.645   1.00 24.66  ? 113  THR A CA  1 
ATOM   875  C  C   . THR A 1 113 ? 4.802   8.859   2.533   1.00 24.08  ? 113  THR A C   1 
ATOM   876  O  O   . THR A 1 113 ? 5.152   8.339   1.480   1.00 23.81  ? 113  THR A O   1 
ATOM   877  C  CB  . THR A 1 113 ? 5.012   6.757   3.934   1.00 26.16  ? 113  THR A CB  1 
ATOM   878  O  OG1 . THR A 1 113 ? 4.396   6.020   4.993   1.00 25.94  ? 113  THR A OG1 1 
ATOM   879  C  CG2 . THR A 1 113 ? 6.444   7.126   4.345   1.00 27.96  ? 113  THR A CG2 1 
ATOM   880  N  N   . HIS A 1 114 ? 4.911   10.156  2.741   1.00 23.75  ? 114  HIS A N   1 
ATOM   881  C  CA  . HIS A 1 114 ? 5.509   11.010  1.727   1.00 25.40  ? 114  HIS A CA  1 
ATOM   882  C  C   . HIS A 1 114 ? 6.998   11.099  1.968   1.00 25.22  ? 114  HIS A C   1 
ATOM   883  O  O   . HIS A 1 114 ? 7.405   11.728  2.934   1.00 27.03  ? 114  HIS A O   1 
ATOM   884  C  CB  . HIS A 1 114 ? 4.913   12.409  1.800   1.00 26.11  ? 114  HIS A CB  1 
ATOM   885  C  CG  . HIS A 1 114 ? 3.453   12.462  1.484   1.00 27.70  ? 114  HIS A CG  1 
ATOM   886  N  ND1 . HIS A 1 114 ? 2.980   12.765  0.221   1.00 29.98  ? 114  HIS A ND1 1 
ATOM   887  C  CD2 . HIS A 1 114 ? 2.361   12.220  2.244   1.00 29.31  ? 114  HIS A CD2 1 
ATOM   888  C  CE1 . HIS A 1 114 ? 1.656   12.705  0.228   1.00 29.73  ? 114  HIS A CE1 1 
ATOM   889  N  NE2 . HIS A 1 114 ? 1.257   12.375  1.437   1.00 29.63  ? 114  HIS A NE2 1 
ATOM   890  N  N   . ILE A 1 115 ? 7.803   10.501  1.086   1.00 25.09  ? 115  ILE A N   1 
ATOM   891  C  CA  . ILE A 1 115 ? 9.271   10.511  1.225   1.00 26.82  ? 115  ILE A CA  1 
ATOM   892  C  C   . ILE A 1 115 ? 10.038  11.627  0.488   1.00 26.10  ? 115  ILE A C   1 
ATOM   893  O  O   . ILE A 1 115 ? 9.938   11.787  -0.730  1.00 24.91  ? 115  ILE A O   1 
ATOM   894  C  CB  . ILE A 1 115 ? 9.849   9.162   0.785   1.00 29.29  ? 115  ILE A CB  1 
ATOM   895  C  CG1 . ILE A 1 115 ? 8.916   8.041   1.285   1.00 29.35  ? 115  ILE A CG1 1 
ATOM   896  C  CG2 . ILE A 1 115 ? 11.282  9.035   1.268   1.00 31.14  ? 115  ILE A CG2 1 
ATOM   897  C  CD1 . ILE A 1 115 ? 9.551   6.985   2.157   1.00 30.79  ? 115  ILE A CD1 1 
ATOM   898  N  N   . ASP A 1 116 ? 10.822  12.382  1.241   1.00 28.82  ? 116  ASP A N   1 
ATOM   899  C  CA  . ASP A 1 116 ? 11.608  13.489  0.689   1.00 33.38  ? 116  ASP A CA  1 
ATOM   900  C  C   . ASP A 1 116 ? 12.850  12.991  -0.068  1.00 33.95  ? 116  ASP A C   1 
ATOM   901  O  O   . ASP A 1 116 ? 13.926  13.547  0.094   1.00 32.46  ? 116  ASP A O   1 
ATOM   902  C  CB  . ASP A 1 116 ? 12.048  14.415  1.840   1.00 39.37  ? 116  ASP A CB  1 
ATOM   903  C  CG  . ASP A 1 116 ? 10.882  15.185  2.475   1.00 45.21  ? 116  ASP A CG  1 
ATOM   904  O  OD1 . ASP A 1 116 ? 9.715   14.835  2.224   1.00 49.01  ? 116  ASP A OD1 1 
ATOM   905  O  OD2 . ASP A 1 116 ? 11.126  16.140  3.238   1.00 48.52  ? 116  ASP A OD2 1 
ATOM   906  N  N   . ALA A 1 117 ? 12.701  11.945  -0.874  1.00 37.56  ? 117  ALA A N   1 
ATOM   907  C  CA  . ALA A 1 117 ? 13.797  11.377  -1.648  1.00 41.10  ? 117  ALA A CA  1 
ATOM   908  C  C   . ALA A 1 117 ? 13.397  11.448  -3.117  1.00 44.62  ? 117  ALA A C   1 
ATOM   909  O  O   . ALA A 1 117 ? 12.228  11.289  -3.455  1.00 44.40  ? 117  ALA A O   1 
ATOM   910  C  CB  . ALA A 1 117 ? 14.007  9.940   -1.257  1.00 41.65  ? 117  ALA A CB  1 
ATOM   911  N  N   . GLU A 1 118 ? 14.368  11.701  -3.971  1.00 48.36  ? 118  GLU A N   1 
ATOM   912  C  CA  . GLU A 1 118 ? 14.041  11.786  -5.390  1.00 52.62  ? 118  GLU A CA  1 
ATOM   913  C  C   . GLU A 1 118 ? 14.742  10.748  -6.229  1.00 49.39  ? 118  GLU A C   1 
ATOM   914  O  O   . GLU A 1 118 ? 15.834  10.985  -6.732  1.00 48.19  ? 118  GLU A O   1 
ATOM   915  C  CB  . GLU A 1 118 ? 14.328  13.188  -5.921  1.00 63.98  ? 118  GLU A CB  1 
ATOM   916  C  CG  . GLU A 1 118 ? 15.798  13.541  -5.920  1.00 80.29  ? 118  GLU A CG  1 
ATOM   917  C  CD  . GLU A 1 118 ? 16.018  15.020  -6.046  1.00 88.21  ? 118  GLU A CD  1 
ATOM   918  O  OE1 . GLU A 1 118 ? 17.138  15.410  -6.468  1.00 92.31  ? 118  GLU A OE1 1 
ATOM   919  O  OE2 . GLU A 1 118 ? 15.089  15.801  -5.731  1.00 92.23  ? 118  GLU A OE2 1 
ATOM   920  N  N   . VAL A 1 119 ? 14.103  9.579   -6.365  1.00 48.46  ? 119  VAL A N   1 
ATOM   921  C  CA  . VAL A 1 119 ? 14.594  8.483   -7.172  1.00 47.60  ? 119  VAL A CA  1 
ATOM   922  C  C   . VAL A 1 119 ? 13.689  8.324   -8.372  1.00 49.57  ? 119  VAL A C   1 
ATOM   923  O  O   . VAL A 1 119 ? 12.544  8.766   -8.361  1.00 49.33  ? 119  VAL A O   1 
ATOM   924  C  CB  . VAL A 1 119 ? 14.651  7.161   -6.368  1.00 45.75  ? 119  VAL A CB  1 
ATOM   925  C  CG1 . VAL A 1 119 ? 14.521  7.417   -4.875  1.00 44.14  ? 119  VAL A CG1 1 
ATOM   926  C  CG2 . VAL A 1 119 ? 13.566  6.212   -6.827  1.00 44.72  ? 119  VAL A CG2 1 
ATOM   927  N  N   . GLU A 1 120 ? 14.186  7.712   -9.406  1.00 52.46  ? 120  GLU A N   1 
ATOM   928  C  CA  . GLU A 1 120 ? 13.355  7.484   -10.576 1.00 56.81  ? 120  GLU A CA  1 
ATOM   929  C  C   . GLU A 1 120 ? 12.641  6.131   -10.464 1.00 53.47  ? 120  GLU A C   1 
ATOM   930  O  O   . GLU A 1 120 ? 13.111  5.224   -9.772  1.00 52.39  ? 120  GLU A O   1 
ATOM   931  C  CB  . GLU A 1 120 ? 14.227  7.584   -11.820 1.00 68.49  ? 120  GLU A CB  1 
ATOM   932  C  CG  . GLU A 1 120 ? 15.652  8.049   -11.520 1.00 81.93  ? 120  GLU A CG  1 
ATOM   933  C  CD  . GLU A 1 120 ? 15.769  9.557   -11.440 1.00 88.53  ? 120  GLU A CD  1 
ATOM   934  O  OE1 . GLU A 1 120 ? 16.583  10.061  -10.633 1.00 91.53  ? 120  GLU A OE1 1 
ATOM   935  O  OE2 . GLU A 1 120 ? 15.048  10.238  -12.199 1.00 92.47  ? 120  GLU A OE2 1 
ATOM   936  N  N   . GLY A 1 121 ? 11.498  6.015   -11.122 1.00 48.15  ? 121  GLY A N   1 
ATOM   937  C  CA  . GLY A 1 121 ? 10.752  4.775   -11.053 1.00 46.42  ? 121  GLY A CA  1 
ATOM   938  C  C   . GLY A 1 121 ? 9.942   4.532   -12.305 1.00 45.33  ? 121  GLY A C   1 
ATOM   939  O  O   . GLY A 1 121 ? 9.798   5.430   -13.135 1.00 46.54  ? 121  GLY A O   1 
ATOM   940  N  N   . ASP A 1 122 ? 9.421   3.314   -12.439 1.00 43.68  ? 122  ASP A N   1 
ATOM   941  C  CA  . ASP A 1 122 ? 8.618   2.906   -13.589 1.00 42.92  ? 122  ASP A CA  1 
ATOM   942  C  C   . ASP A 1 122 ? 7.196   2.647   -13.133 1.00 41.73  ? 122  ASP A C   1 
ATOM   943  O  O   . ASP A 1 122 ? 6.354   2.145   -13.893 1.00 41.84  ? 122  ASP A O   1 
ATOM   944  C  CB  . ASP A 1 122 ? 9.179   1.624   -14.189 1.00 44.53  ? 122  ASP A CB  1 
ATOM   945  C  CG  . ASP A 1 122 ? 9.623   0.624   -13.129 1.00 45.36  ? 122  ASP A CG  1 
ATOM   946  O  OD1 . ASP A 1 122 ? 9.237   0.776   -11.939 1.00 45.92  ? 122  ASP A OD1 1 
ATOM   947  O  OD2 . ASP A 1 122 ? 10.358  -0.321  -13.505 1.00 45.18  ? 122  ASP A OD2 1 
ATOM   948  N  N   . THR A 1 123 ? 6.951   2.970   -11.870 1.00 38.56  ? 123  THR A N   1 
ATOM   949  C  CA  . THR A 1 123 ? 5.645   2.781   -11.273 1.00 35.25  ? 123  THR A CA  1 
ATOM   950  C  C   . THR A 1 123 ? 5.278   3.962   -10.384 1.00 33.96  ? 123  THR A C   1 
ATOM   951  O  O   . THR A 1 123 ? 6.057   4.322   -9.510  1.00 32.60  ? 123  THR A O   1 
ATOM   952  C  CB  . THR A 1 123 ? 5.605   1.529   -10.349 1.00 36.25  ? 123  THR A CB  1 
ATOM   953  O  OG1 . THR A 1 123 ? 6.086   0.362   -11.045 1.00 34.58  ? 123  THR A OG1 1 
ATOM   954  C  CG2 . THR A 1 123 ? 4.156   1.325   -9.830  1.00 35.85  ? 123  THR A CG2 1 
ATOM   955  N  N   . HIS A 1 124 ? 4.100   4.551   -10.586 1.00 32.47  ? 124  HIS A N   1 
ATOM   956  C  CA  . HIS A 1 124 ? 3.640   5.662   -9.750  1.00 31.66  ? 124  HIS A CA  1 
ATOM   957  C  C   . HIS A 1 124 ? 2.333   5.347   -9.021  1.00 30.87  ? 124  HIS A C   1 
ATOM   958  O  O   . HIS A 1 124 ? 1.662   4.367   -9.326  1.00 30.97  ? 124  HIS A O   1 
ATOM   959  C  CB  . HIS A 1 124 ? 3.435   6.904   -10.605 1.00 31.14  ? 124  HIS A CB  1 
ATOM   960  C  CG  . HIS A 1 124 ? 4.705   7.484   -11.168 1.00 32.45  ? 124  HIS A CG  1 
ATOM   961  N  ND1 . HIS A 1 124 ? 5.262   8.651   -10.682 1.00 31.74  ? 124  HIS A ND1 1 
ATOM   962  C  CD2 . HIS A 1 124 ? 5.468   7.111   -12.229 1.00 30.60  ? 124  HIS A CD2 1 
ATOM   963  C  CE1 . HIS A 1 124 ? 6.308   8.980   -11.427 1.00 31.65  ? 124  HIS A CE1 1 
ATOM   964  N  NE2 . HIS A 1 124 ? 6.452   8.058   -12.373 1.00 30.51  ? 124  HIS A NE2 1 
ATOM   965  N  N   . PHE A 1 125 ? 1.996   6.187   -8.048  1.00 30.63  ? 125  PHE A N   1 
ATOM   966  C  CA  . PHE A 1 125 ? 0.776   6.059   -7.277  1.00 30.62  ? 125  PHE A CA  1 
ATOM   967  C  C   . PHE A 1 125 ? -0.277  6.824   -8.073  1.00 31.17  ? 125  PHE A C   1 
ATOM   968  O  O   . PHE A 1 125 ? 0.041   7.826   -8.708  1.00 30.58  ? 125  PHE A O   1 
ATOM   969  C  CB  . PHE A 1 125 ? 1.010   6.693   -5.908  1.00 31.00  ? 125  PHE A CB  1 
ATOM   970  C  CG  . PHE A 1 125 ? -0.151  6.580   -4.977  1.00 31.90  ? 125  PHE A CG  1 
ATOM   971  C  CD1 . PHE A 1 125 ? -0.494  5.350   -4.416  1.00 32.38  ? 125  PHE A CD1 1 
ATOM   972  C  CD2 . PHE A 1 125 ? -0.922  7.692   -4.680  1.00 30.85  ? 125  PHE A CD2 1 
ATOM   973  C  CE1 . PHE A 1 125 ? -1.602  5.217   -3.562  1.00 32.57  ? 125  PHE A CE1 1 
ATOM   974  C  CE2 . PHE A 1 125 ? -2.040  7.597   -3.831  1.00 32.34  ? 125  PHE A CE2 1 
ATOM   975  C  CZ  . PHE A 1 125 ? -2.396  6.345   -3.257  1.00 32.36  ? 125  PHE A CZ  1 
ATOM   976  N  N   . PRO A 1 126 ? -1.532  6.357   -8.063  1.00 33.61  ? 126  PRO A N   1 
ATOM   977  C  CA  . PRO A 1 126 ? -2.575  7.051   -8.813  1.00 33.36  ? 126  PRO A CA  1 
ATOM   978  C  C   . PRO A 1 126 ? -2.566  8.518   -8.495  1.00 34.64  ? 126  PRO A C   1 
ATOM   979  O  O   . PRO A 1 126 ? -2.235  8.912   -7.370  1.00 34.87  ? 126  PRO A O   1 
ATOM   980  C  CB  . PRO A 1 126 ? -3.853  6.434   -8.310  1.00 34.62  ? 126  PRO A CB  1 
ATOM   981  C  CG  . PRO A 1 126 ? -3.397  5.052   -7.914  1.00 35.47  ? 126  PRO A CG  1 
ATOM   982  C  CD  . PRO A 1 126 ? -2.117  5.331   -7.194  1.00 34.65  ? 126  PRO A CD  1 
ATOM   983  N  N   . ASP A 1 127 ? -2.954  9.319   -9.493  1.00 36.27  ? 127  ASP A N   1 
ATOM   984  C  CA  . ASP A 1 127 ? -3.021  10.774  -9.408  1.00 36.59  ? 127  ASP A CA  1 
ATOM   985  C  C   . ASP A 1 127 ? -4.389  11.106  -8.815  1.00 36.32  ? 127  ASP A C   1 
ATOM   986  O  O   . ASP A 1 127 ? -5.339  11.321  -9.558  1.00 34.62  ? 127  ASP A O   1 
ATOM   987  C  CB  . ASP A 1 127 ? -2.876  11.352  -10.839 1.00 38.10  ? 127  ASP A CB  1 
ATOM   988  C  CG  . ASP A 1 127 ? -2.648  12.891  -10.878 1.00 39.34  ? 127  ASP A CG  1 
ATOM   989  O  OD1 . ASP A 1 127 ? -2.077  13.456  -9.927  1.00 41.70  ? 127  ASP A OD1 1 
ATOM   990  O  OD2 . ASP A 1 127 ? -3.003  13.549  -11.894 1.00 42.48  ? 127  ASP A OD2 1 
ATOM   991  N  N   . TYR A 1 128 ? -4.474  11.196  -7.481  1.00 37.99  ? 128  TYR A N   1 
ATOM   992  C  CA  . TYR A 1 128 ? -5.736  11.456  -6.791  1.00 41.98  ? 128  TYR A CA  1 
ATOM   993  C  C   . TYR A 1 128 ? -6.082  12.935  -6.580  1.00 46.90  ? 128  TYR A C   1 
ATOM   994  O  O   . TYR A 1 128 ? -5.206  13.784  -6.445  1.00 48.48  ? 128  TYR A O   1 
ATOM   995  C  CB  . TYR A 1 128 ? -5.732  10.777  -5.430  1.00 36.44  ? 128  TYR A CB  1 
ATOM   996  C  CG  . TYR A 1 128 ? -4.822  11.380  -4.395  1.00 32.49  ? 128  TYR A CG  1 
ATOM   997  C  CD1 . TYR A 1 128 ? -3.450  11.120  -4.391  1.00 30.39  ? 128  TYR A CD1 1 
ATOM   998  C  CD2 . TYR A 1 128 ? -5.306  12.207  -3.381  1.00 29.28  ? 128  TYR A CD2 1 
ATOM   999  C  CE1 . TYR A 1 128 ? -2.579  11.651  -3.412  1.00 27.30  ? 128  TYR A CE1 1 
ATOM   1000 C  CE2 . TYR A 1 128 ? -4.471  12.732  -2.407  1.00 25.79  ? 128  TYR A CE2 1 
ATOM   1001 C  CZ  . TYR A 1 128 ? -3.098  12.469  -2.423  1.00 26.23  ? 128  TYR A CZ  1 
ATOM   1002 O  OH  . TYR A 1 128 ? -2.281  13.028  -1.464  1.00 23.99  ? 128  TYR A OH  1 
ATOM   1003 N  N   . GLU A 1 129 ? -7.380  13.225  -6.532  1.00 52.62  ? 129  GLU A N   1 
ATOM   1004 C  CA  . GLU A 1 129 ? -7.871  14.585  -6.313  1.00 55.99  ? 129  GLU A CA  1 
ATOM   1005 C  C   . GLU A 1 129 ? -7.772  14.974  -4.832  1.00 54.02  ? 129  GLU A C   1 
ATOM   1006 O  O   . GLU A 1 129 ? -8.628  14.610  -4.026  1.00 53.49  ? 129  GLU A O   1 
ATOM   1007 C  CB  . GLU A 1 129 ? -9.333  14.695  -6.775  1.00 61.56  ? 129  GLU A CB  1 
ATOM   1008 C  CG  . GLU A 1 129 ? -9.545  15.577  -7.997  1.00 72.97  ? 129  GLU A CG  1 
ATOM   1009 C  CD  . GLU A 1 129 ? -9.093  17.015  -7.767  1.00 79.77  ? 129  GLU A CD  1 
ATOM   1010 O  OE1 . GLU A 1 129 ? -9.154  17.808  -8.734  1.00 85.60  ? 129  GLU A OE1 1 
ATOM   1011 O  OE2 . GLU A 1 129 ? -8.674  17.343  -6.640  1.00 85.14  ? 129  GLU A OE2 1 
ATOM   1012 N  N   . PRO A 1 130 ? -6.754  15.772  -4.474  1.00 51.62  ? 130  PRO A N   1 
ATOM   1013 C  CA  . PRO A 1 130 ? -6.581  16.204  -3.086  1.00 49.87  ? 130  PRO A CA  1 
ATOM   1014 C  C   . PRO A 1 130 ? -7.858  16.886  -2.599  1.00 47.56  ? 130  PRO A C   1 
ATOM   1015 O  O   . PRO A 1 130 ? -8.252  16.746  -1.447  1.00 49.59  ? 130  PRO A O   1 
ATOM   1016 C  CB  . PRO A 1 130 ? -5.414  17.183  -3.174  1.00 50.85  ? 130  PRO A CB  1 
ATOM   1017 C  CG  . PRO A 1 130 ? -4.640  16.695  -4.349  1.00 51.43  ? 130  PRO A CG  1 
ATOM   1018 C  CD  . PRO A 1 130 ? -5.734  16.388  -5.338  1.00 51.43  ? 130  PRO A CD  1 
ATOM   1019 N  N   . ASP A 1 131 ? -8.494  17.626  -3.498  1.00 42.21  ? 131  ASP A N   1 
ATOM   1020 C  CA  . ASP A 1 131 ? -9.731  18.337  -3.195  1.00 40.54  ? 131  ASP A CA  1 
ATOM   1021 C  C   . ASP A 1 131 ? -10.705 17.473  -2.438  1.00 38.82  ? 131  ASP A C   1 
ATOM   1022 O  O   . ASP A 1 131 ? -11.214 17.861  -1.380  1.00 37.22  ? 131  ASP A O   1 
ATOM   1023 C  CB  . ASP A 1 131 ? -10.424 18.791  -4.480  1.00 43.81  ? 131  ASP A CB  1 
ATOM   1024 C  CG  . ASP A 1 131 ? -9.948  20.130  -4.944  1.00 46.68  ? 131  ASP A CG  1 
ATOM   1025 O  OD1 . ASP A 1 131 ? -8.947  20.616  -4.383  1.00 50.03  ? 131  ASP A OD1 1 
ATOM   1026 O  OD2 . ASP A 1 131 ? -10.573 20.691  -5.862  1.00 49.14  ? 131  ASP A OD2 1 
ATOM   1027 N  N   . ASP A 1 132 ? -10.993 16.304  -2.990  1.00 36.85  ? 132  ASP A N   1 
ATOM   1028 C  CA  . ASP A 1 132 ? -11.926 15.455  -2.310  1.00 36.83  ? 132  ASP A CA  1 
ATOM   1029 C  C   . ASP A 1 132 ? -11.288 14.469  -1.335  1.00 33.08  ? 132  ASP A C   1 
ATOM   1030 O  O   . ASP A 1 132 ? -11.588 13.279  -1.337  1.00 32.27  ? 132  ASP A O   1 
ATOM   1031 C  CB  . ASP A 1 132 ? -12.870 14.763  -3.311  1.00 45.80  ? 132  ASP A CB  1 
ATOM   1032 C  CG  . ASP A 1 132 ? -12.146 14.122  -4.474  1.00 51.92  ? 132  ASP A CG  1 
ATOM   1033 O  OD1 . ASP A 1 132 ? -11.128 13.434  -4.239  1.00 57.15  ? 132  ASP A OD1 1 
ATOM   1034 O  OD2 . ASP A 1 132 ? -12.618 14.294  -5.620  1.00 55.84  ? 132  ASP A OD2 1 
ATOM   1035 N  N   . TRP A 1 133 ? -10.419 14.998  -0.479  1.00 29.66  ? 133  TRP A N   1 
ATOM   1036 C  CA  . TRP A 1 133 ? -9.753  14.221  0.581   1.00 27.68  ? 133  TRP A CA  1 
ATOM   1037 C  C   . TRP A 1 133 ? -9.472  15.163  1.762   1.00 28.09  ? 133  TRP A C   1 
ATOM   1038 O  O   . TRP A 1 133 ? -9.168  16.347  1.585   1.00 26.47  ? 133  TRP A O   1 
ATOM   1039 C  CB  . TRP A 1 133 ? -8.433  13.564  0.094   1.00 23.12  ? 133  TRP A CB  1 
ATOM   1040 C  CG  . TRP A 1 133 ? -8.653  12.418  -0.856  1.00 20.04  ? 133  TRP A CG  1 
ATOM   1041 C  CD1 . TRP A 1 133 ? -8.741  12.477  -2.232  1.00 19.57  ? 133  TRP A CD1 1 
ATOM   1042 C  CD2 . TRP A 1 133 ? -8.948  11.063  -0.497  1.00 18.50  ? 133  TRP A CD2 1 
ATOM   1043 N  NE1 . TRP A 1 133 ? -9.085  11.237  -2.742  1.00 19.46  ? 133  TRP A NE1 1 
ATOM   1044 C  CE2 . TRP A 1 133 ? -9.214  10.354  -1.697  1.00 18.37  ? 133  TRP A CE2 1 
ATOM   1045 C  CE3 . TRP A 1 133 ? -9.019  10.376  0.723   1.00 17.86  ? 133  TRP A CE3 1 
ATOM   1046 C  CZ2 . TRP A 1 133 ? -9.545  8.991   -1.701  1.00 16.42  ? 133  TRP A CZ2 1 
ATOM   1047 C  CZ3 . TRP A 1 133 ? -9.347  9.014   0.712   1.00 17.30  ? 133  TRP A CZ3 1 
ATOM   1048 C  CH2 . TRP A 1 133 ? -9.605  8.343   -0.489  1.00 15.35  ? 133  TRP A CH2 1 
ATOM   1049 N  N   . GLU A 1 134 ? -9.591  14.627  2.967   1.00 31.15  ? 134  GLU A N   1 
ATOM   1050 C  CA  . GLU A 1 134 ? -9.387  15.396  4.188   1.00 33.62  ? 134  GLU A CA  1 
ATOM   1051 C  C   . GLU A 1 134 ? -8.145  14.891  4.897   1.00 34.48  ? 134  GLU A C   1 
ATOM   1052 O  O   . GLU A 1 134 ? -7.871  13.692  4.904   1.00 35.82  ? 134  GLU A O   1 
ATOM   1053 C  CB  . GLU A 1 134 ? -10.621 15.222  5.090   1.00 34.63  ? 134  GLU A CB  1 
ATOM   1054 C  CG  . GLU A 1 134 ? -10.495 15.694  6.533   1.00 34.86  ? 134  GLU A CG  1 
ATOM   1055 C  CD  . GLU A 1 134 ? -10.713 17.181  6.692   1.00 36.45  ? 134  GLU A CD  1 
ATOM   1056 O  OE1 . GLU A 1 134 ? -10.752 17.645  7.854   1.00 37.57  ? 134  GLU A OE1 1 
ATOM   1057 O  OE2 . GLU A 1 134 ? -10.840 17.887  5.661   1.00 37.30  ? 134  GLU A OE2 1 
ATOM   1058 N  N   . SER A 1 135 ? -7.385  15.795  5.492   1.00 35.48  ? 135  SER A N   1 
ATOM   1059 C  CA  . SER A 1 135 ? -6.196  15.364  6.201   1.00 36.57  ? 135  SER A CA  1 
ATOM   1060 C  C   . SER A 1 135 ? -6.612  15.213  7.647   1.00 35.11  ? 135  SER A C   1 
ATOM   1061 O  O   . SER A 1 135 ? -7.092  16.158  8.254   1.00 35.59  ? 135  SER A O   1 
ATOM   1062 C  CB  . SER A 1 135 ? -5.073  16.400  6.072   1.00 39.18  ? 135  SER A CB  1 
ATOM   1063 O  OG  . SER A 1 135 ? -3.813  15.849  6.441   1.00 43.04  ? 135  SER A OG  1 
ATOM   1064 N  N   . VAL A 1 136 ? -6.454  14.021  8.197   1.00 33.27  ? 136  VAL A N   1 
ATOM   1065 C  CA  . VAL A 1 136 ? -6.834  13.820  9.581   1.00 33.40  ? 136  VAL A CA  1 
ATOM   1066 C  C   . VAL A 1 136 ? -5.625  13.482  10.430  1.00 32.10  ? 136  VAL A C   1 
ATOM   1067 O  O   . VAL A 1 136 ? -5.686  13.529  11.653  1.00 30.29  ? 136  VAL A O   1 
ATOM   1068 C  CB  . VAL A 1 136 ? -7.874  12.712  9.712   1.00 35.39  ? 136  VAL A CB  1 
ATOM   1069 C  CG1 . VAL A 1 136 ? -9.064  13.030  8.824   1.00 38.34  ? 136  VAL A CG1 1 
ATOM   1070 C  CG2 . VAL A 1 136 ? -7.263  11.380  9.340   1.00 39.35  ? 136  VAL A CG2 1 
ATOM   1071 N  N   . PHE A 1 137 ? -4.519  13.149  9.775   1.00 33.56  ? 137  PHE A N   1 
ATOM   1072 C  CA  . PHE A 1 137 ? -3.292  12.819  10.493  1.00 35.66  ? 137  PHE A CA  1 
ATOM   1073 C  C   . PHE A 1 137 ? -2.107  13.187  9.626   1.00 37.01  ? 137  PHE A C   1 
ATOM   1074 O  O   . PHE A 1 137 ? -2.087  12.889  8.435   1.00 35.72  ? 137  PHE A O   1 
ATOM   1075 C  CB  . PHE A 1 137 ? -3.229  11.324  10.820  1.00 37.63  ? 137  PHE A CB  1 
ATOM   1076 C  CG  . PHE A 1 137 ? -1.961  10.917  11.522  1.00 41.20  ? 137  PHE A CG  1 
ATOM   1077 C  CD1 . PHE A 1 137 ? -1.850  11.021  12.912  1.00 41.65  ? 137  PHE A CD1 1 
ATOM   1078 C  CD2 . PHE A 1 137 ? -0.841  10.500  10.785  1.00 42.90  ? 137  PHE A CD2 1 
ATOM   1079 C  CE1 . PHE A 1 137 ? -0.646  10.720  13.558  1.00 42.27  ? 137  PHE A CE1 1 
ATOM   1080 C  CE2 . PHE A 1 137 ? 0.372   10.197  11.423  1.00 43.11  ? 137  PHE A CE2 1 
ATOM   1081 C  CZ  . PHE A 1 137 ? 0.467   10.309  12.809  1.00 42.93  ? 137  PHE A CZ  1 
ATOM   1082 N  N   . SER A 1 138 ? -1.110  13.828  10.214  1.00 40.58  ? 138  SER A N   1 
ATOM   1083 C  CA  . SER A 1 138 ? 0.057   14.204  9.434   1.00 45.22  ? 138  SER A CA  1 
ATOM   1084 C  C   . SER A 1 138 ? 1.254   14.457  10.346  1.00 43.84  ? 138  SER A C   1 
ATOM   1085 O  O   . SER A 1 138 ? 1.317   15.474  11.047  1.00 44.52  ? 138  SER A O   1 
ATOM   1086 C  CB  . SER A 1 138 ? -0.264  15.452  8.594   1.00 50.29  ? 138  SER A CB  1 
ATOM   1087 O  OG  . SER A 1 138 ? 0.734   15.682  7.612   1.00 57.95  ? 138  SER A OG  1 
ATOM   1088 N  N   . GLU A 1 139 ? 2.201   13.525  10.347  1.00 41.79  ? 139  GLU A N   1 
ATOM   1089 C  CA  . GLU A 1 139 ? 3.373   13.709  11.187  1.00 40.30  ? 139  GLU A CA  1 
ATOM   1090 C  C   . GLU A 1 139 ? 4.696   13.700  10.415  1.00 35.78  ? 139  GLU A C   1 
ATOM   1091 O  O   . GLU A 1 139 ? 5.070   12.726  9.761   1.00 31.61  ? 139  GLU A O   1 
ATOM   1092 C  CB  . GLU A 1 139 ? 3.396   12.681  12.318  1.00 47.56  ? 139  GLU A CB  1 
ATOM   1093 C  CG  . GLU A 1 139 ? 3.983   11.326  11.956  1.00 57.70  ? 139  GLU A CG  1 
ATOM   1094 C  CD  . GLU A 1 139 ? 4.145   10.430  13.170  1.00 62.03  ? 139  GLU A CD  1 
ATOM   1095 O  OE1 . GLU A 1 139 ? 4.319   10.971  14.288  1.00 64.38  ? 139  GLU A OE1 1 
ATOM   1096 O  OE2 . GLU A 1 139 ? 4.115   9.194   13.007  1.00 64.86  ? 139  GLU A OE2 1 
ATOM   1097 N  N   . PHE A 1 140 ? 5.392   14.835  10.500  1.00 34.79  ? 140  PHE A N   1 
ATOM   1098 C  CA  . PHE A 1 140 ? 6.680   15.048  9.847   1.00 33.92  ? 140  PHE A CA  1 
ATOM   1099 C  C   . PHE A 1 140 ? 7.825   14.543  10.708  1.00 32.69  ? 140  PHE A C   1 
ATOM   1100 O  O   . PHE A 1 140 ? 7.779   14.627  11.942  1.00 34.28  ? 140  PHE A O   1 
ATOM   1101 C  CB  . PHE A 1 140 ? 6.907   16.529  9.562   1.00 34.16  ? 140  PHE A CB  1 
ATOM   1102 C  CG  . PHE A 1 140 ? 8.234   16.831  8.914   1.00 34.47  ? 140  PHE A CG  1 
ATOM   1103 C  CD1 . PHE A 1 140 ? 8.454   16.517  7.575   1.00 34.26  ? 140  PHE A CD1 1 
ATOM   1104 C  CD2 . PHE A 1 140 ? 9.267   17.430  9.636   1.00 33.81  ? 140  PHE A CD2 1 
ATOM   1105 C  CE1 . PHE A 1 140 ? 9.690   16.796  6.960   1.00 33.47  ? 140  PHE A CE1 1 
ATOM   1106 C  CE2 . PHE A 1 140 ? 10.507  17.714  9.031   1.00 33.94  ? 140  PHE A CE2 1 
ATOM   1107 C  CZ  . PHE A 1 140 ? 10.714  17.394  7.691   1.00 33.43  ? 140  PHE A CZ  1 
ATOM   1108 N  N   . HIS A 1 141 ? 8.856   14.045  10.033  1.00 29.88  ? 141  HIS A N   1 
ATOM   1109 C  CA  . HIS A 1 141 ? 10.048  13.495  10.680  1.00 29.48  ? 141  HIS A CA  1 
ATOM   1110 C  C   . HIS A 1 141 ? 11.315  13.850  9.908   1.00 27.61  ? 141  HIS A C   1 
ATOM   1111 O  O   . HIS A 1 141 ? 11.413  13.609  8.714   1.00 23.88  ? 141  HIS A O   1 
ATOM   1112 C  CB  . HIS A 1 141 ? 9.983   11.960  10.769  1.00 32.53  ? 141  HIS A CB  1 
ATOM   1113 C  CG  . HIS A 1 141 ? 9.057   11.443  11.823  1.00 35.31  ? 141  HIS A CG  1 
ATOM   1114 N  ND1 . HIS A 1 141 ? 7.766   11.046  11.548  1.00 37.73  ? 141  HIS A ND1 1 
ATOM   1115 C  CD2 . HIS A 1 141 ? 9.234   11.270  13.152  1.00 36.35  ? 141  HIS A CD2 1 
ATOM   1116 C  CE1 . HIS A 1 141 ? 7.188   10.644  12.667  1.00 38.05  ? 141  HIS A CE1 1 
ATOM   1117 N  NE2 . HIS A 1 141 ? 8.054   10.770  13.656  1.00 37.97  ? 141  HIS A NE2 1 
ATOM   1118 N  N   . ASP A 1 142 ? 12.294  14.408  10.608  1.00 30.05  ? 142  ASP A N   1 
ATOM   1119 C  CA  . ASP A 1 142 ? 13.570  14.766  9.998   1.00 32.99  ? 142  ASP A CA  1 
ATOM   1120 C  C   . ASP A 1 142 ? 14.358  13.478  9.824   1.00 33.38  ? 142  ASP A C   1 
ATOM   1121 O  O   . ASP A 1 142 ? 14.092  12.484  10.500  1.00 34.56  ? 142  ASP A O   1 
ATOM   1122 C  CB  . ASP A 1 142 ? 14.385  15.711  10.905  1.00 34.86  ? 142  ASP A CB  1 
ATOM   1123 C  CG  . ASP A 1 142 ? 14.084  17.179  10.662  1.00 36.60  ? 142  ASP A CG  1 
ATOM   1124 O  OD1 . ASP A 1 142 ? 13.594  17.855  11.596  1.00 38.21  ? 142  ASP A OD1 1 
ATOM   1125 O  OD2 . ASP A 1 142 ? 14.346  17.663  9.542   1.00 38.33  ? 142  ASP A OD2 1 
ATOM   1126 N  N   . ALA A 1 143 ? 15.344  13.505  8.937   1.00 33.27  ? 143  ALA A N   1 
ATOM   1127 C  CA  . ALA A 1 143 ? 16.171  12.331  8.694   1.00 33.43  ? 143  ALA A CA  1 
ATOM   1128 C  C   . ALA A 1 143 ? 17.042  12.038  9.912   1.00 33.78  ? 143  ALA A C   1 
ATOM   1129 O  O   . ALA A 1 143 ? 17.390  12.951  10.673  1.00 34.08  ? 143  ALA A O   1 
ATOM   1130 C  CB  . ALA A 1 143 ? 17.045  12.545  7.458   1.00 30.47  ? 143  ALA A CB  1 
ATOM   1131 N  N   . ASP A 1 144 ? 17.381  10.761  10.095  1.00 34.91  ? 144  ASP A N   1 
ATOM   1132 C  CA  . ASP A 1 144 ? 18.227  10.316  11.210  1.00 35.42  ? 144  ASP A CA  1 
ATOM   1133 C  C   . ASP A 1 144 ? 19.206  9.229   10.744  1.00 35.95  ? 144  ASP A C   1 
ATOM   1134 O  O   . ASP A 1 144 ? 19.311  8.938   9.550   1.00 36.13  ? 144  ASP A O   1 
ATOM   1135 C  CB  . ASP A 1 144 ? 17.377  9.761   12.355  1.00 35.57  ? 144  ASP A CB  1 
ATOM   1136 C  CG  . ASP A 1 144 ? 16.520  8.598   11.919  1.00 36.66  ? 144  ASP A CG  1 
ATOM   1137 O  OD1 . ASP A 1 144 ? 16.974  7.806   11.068  1.00 37.48  ? 144  ASP A OD1 1 
ATOM   1138 O  OD2 . ASP A 1 144 ? 15.395  8.470   12.443  1.00 37.29  ? 144  ASP A OD2 1 
ATOM   1139 N  N   . ALA A 1 145 ? 19.899  8.606   11.695  1.00 36.42  ? 145  ALA A N   1 
ATOM   1140 C  CA  . ALA A 1 145 ? 20.888  7.572   11.385  1.00 37.40  ? 145  ALA A CA  1 
ATOM   1141 C  C   . ALA A 1 145 ? 20.293  6.366   10.684  1.00 38.66  ? 145  ALA A C   1 
ATOM   1142 O  O   . ALA A 1 145 ? 20.916  5.772   9.796   1.00 38.95  ? 145  ALA A O   1 
ATOM   1143 C  CB  . ALA A 1 145 ? 21.588  7.120   12.669  1.00 33.62  ? 145  ALA A CB  1 
ATOM   1144 N  N   . GLN A 1 146 ? 19.087  6.003   11.097  1.00 40.66  ? 146  GLN A N   1 
ATOM   1145 C  CA  . GLN A 1 146 ? 18.403  4.853   10.539  1.00 42.20  ? 146  GLN A CA  1 
ATOM   1146 C  C   . GLN A 1 146 ? 17.656  5.170   9.244   1.00 40.55  ? 146  GLN A C   1 
ATOM   1147 O  O   . GLN A 1 146 ? 17.562  4.322   8.352   1.00 39.73  ? 146  GLN A O   1 
ATOM   1148 C  CB  . GLN A 1 146 ? 17.448  4.285   11.585  1.00 48.61  ? 146  GLN A CB  1 
ATOM   1149 C  CG  . GLN A 1 146 ? 18.154  3.570   12.748  1.00 58.09  ? 146  GLN A CG  1 
ATOM   1150 C  CD  . GLN A 1 146 ? 18.616  4.438   13.923  1.00 63.01  ? 146  GLN A CD  1 
ATOM   1151 O  OE1 . GLN A 1 146 ? 19.569  4.053   14.632  1.00 65.53  ? 146  GLN A OE1 1 
ATOM   1152 N  NE2 . GLN A 1 146 ? 17.941  5.566   14.162  1.00 65.16  ? 146  GLN A NE2 1 
ATOM   1153 N  N   . ASN A 1 147 ? 17.155  6.399   9.135   1.00 39.22  ? 147  ASN A N   1 
ATOM   1154 C  CA  . ASN A 1 147 ? 16.398  6.856   7.963   1.00 37.66  ? 147  ASN A CA  1 
ATOM   1155 C  C   . ASN A 1 147 ? 17.102  8.067   7.346   1.00 37.61  ? 147  ASN A C   1 
ATOM   1156 O  O   . ASN A 1 147 ? 17.139  9.153   7.938   1.00 37.27  ? 147  ASN A O   1 
ATOM   1157 C  CB  . ASN A 1 147 ? 14.974  7.230   8.397   1.00 33.46  ? 147  ASN A CB  1 
ATOM   1158 C  CG  . ASN A 1 147 ? 14.352  6.166   9.254   1.00 29.43  ? 147  ASN A CG  1 
ATOM   1159 O  OD1 . ASN A 1 147 ? 13.883  5.137   8.755   1.00 28.59  ? 147  ASN A OD1 1 
ATOM   1160 N  ND2 . ASN A 1 147 ? 14.377  6.381   10.562  1.00 27.57  ? 147  ASN A ND2 1 
ATOM   1161 N  N   . SER A 1 148 ? 17.621  7.889   6.137   1.00 37.34  ? 148  SER A N   1 
ATOM   1162 C  CA  . SER A 1 148 ? 18.364  8.947   5.471   1.00 37.33  ? 148  SER A CA  1 
ATOM   1163 C  C   . SER A 1 148 ? 17.601  10.148  4.901   1.00 37.21  ? 148  SER A C   1 
ATOM   1164 O  O   . SER A 1 148 ? 18.221  11.133  4.488   1.00 35.94  ? 148  SER A O   1 
ATOM   1165 C  CB  . SER A 1 148 ? 19.243  8.341   4.381   1.00 36.27  ? 148  SER A CB  1 
ATOM   1166 O  OG  . SER A 1 148 ? 18.447  7.730   3.390   1.00 37.06  ? 148  SER A OG  1 
ATOM   1167 N  N   . HIS A 1 149 ? 16.275  10.093  4.882   1.00 38.70  ? 149  HIS A N   1 
ATOM   1168 C  CA  . HIS A 1 149 ? 15.514  11.222  4.358   1.00 37.92  ? 149  HIS A CA  1 
ATOM   1169 C  C   . HIS A 1 149 ? 14.501  11.726  5.350   1.00 35.94  ? 149  HIS A C   1 
ATOM   1170 O  O   . HIS A 1 149 ? 14.288  11.127  6.401   1.00 36.11  ? 149  HIS A O   1 
ATOM   1171 C  CB  . HIS A 1 149 ? 14.754  10.822  3.110   1.00 40.86  ? 149  HIS A CB  1 
ATOM   1172 C  CG  . HIS A 1 149 ? 15.621  10.294  2.021   1.00 44.24  ? 149  HIS A CG  1 
ATOM   1173 N  ND1 . HIS A 1 149 ? 16.605  11.052  1.425   1.00 45.75  ? 149  HIS A ND1 1 
ATOM   1174 C  CD2 . HIS A 1 149 ? 15.641  9.088   1.409   1.00 45.01  ? 149  HIS A CD2 1 
ATOM   1175 C  CE1 . HIS A 1 149 ? 17.194  10.332  0.486   1.00 46.80  ? 149  HIS A CE1 1 
ATOM   1176 N  NE2 . HIS A 1 149 ? 16.628  9.137   0.454   1.00 46.46  ? 149  HIS A NE2 1 
ATOM   1177 N  N   . SER A 1 150 ? 13.885  12.853  5.022   1.00 33.91  ? 150  SER A N   1 
ATOM   1178 C  CA  . SER A 1 150 ? 12.832  13.360  5.879   1.00 32.50  ? 150  SER A CA  1 
ATOM   1179 C  C   . SER A 1 150 ? 11.554  12.807  5.262   1.00 32.24  ? 150  SER A C   1 
ATOM   1180 O  O   . SER A 1 150 ? 11.457  12.680  4.046   1.00 33.45  ? 150  SER A O   1 
ATOM   1181 C  CB  . SER A 1 150 ? 12.808  14.885  5.906   1.00 30.66  ? 150  SER A CB  1 
ATOM   1182 O  OG  . SER A 1 150 ? 13.058  15.426  4.626   1.00 30.57  ? 150  SER A OG  1 
ATOM   1183 N  N   . TYR A 1 151 ? 10.586  12.458  6.102   1.00 30.66  ? 151  TYR A N   1 
ATOM   1184 C  CA  . TYR A 1 151 ? 9.343   11.880  5.614   1.00 27.81  ? 151  TYR A CA  1 
ATOM   1185 C  C   . TYR A 1 151 ? 8.177   12.356  6.442   1.00 26.78  ? 151  TYR A C   1 
ATOM   1186 O  O   . TYR A 1 151 ? 8.348   12.917  7.524   1.00 25.72  ? 151  TYR A O   1 
ATOM   1187 C  CB  . TYR A 1 151 ? 9.415   10.367  5.704   1.00 29.06  ? 151  TYR A CB  1 
ATOM   1188 C  CG  . TYR A 1 151 ? 9.891   9.900   7.066   1.00 28.77  ? 151  TYR A CG  1 
ATOM   1189 C  CD1 . TYR A 1 151 ? 11.227  10.021  7.436   1.00 28.81  ? 151  TYR A CD1 1 
ATOM   1190 C  CD2 . TYR A 1 151 ? 9.006   9.340   7.979   1.00 28.34  ? 151  TYR A CD2 1 
ATOM   1191 C  CE1 . TYR A 1 151 ? 11.663  9.590   8.683   1.00 30.53  ? 151  TYR A CE1 1 
ATOM   1192 C  CE2 . TYR A 1 151 ? 9.429   8.910   9.222   1.00 28.10  ? 151  TYR A CE2 1 
ATOM   1193 C  CZ  . TYR A 1 151 ? 10.756  9.035   9.571   1.00 29.15  ? 151  TYR A CZ  1 
ATOM   1194 O  OH  . TYR A 1 151 ? 11.183  8.619   10.813  1.00 30.89  ? 151  TYR A OH  1 
ATOM   1195 N  N   . CYS A 1 152 ? 6.980   12.115  5.925   1.00 26.78  ? 152  CYS A N   1 
ATOM   1196 C  CA  . CYS A 1 152 ? 5.777   12.531  6.599   1.00 26.92  ? 152  CYS A CA  1 
ATOM   1197 C  C   . CYS A 1 152 ? 4.705   11.447  6.509   1.00 26.01  ? 152  CYS A C   1 
ATOM   1198 O  O   . CYS A 1 152 ? 4.344   10.996  5.413   1.00 25.73  ? 152  CYS A O   1 
ATOM   1199 C  CB  . CYS A 1 152 ? 5.236   13.823  5.968   1.00 27.81  ? 152  CYS A CB  1 
ATOM   1200 S  SG  . CYS A 1 152 ? 3.621   14.296  6.658   1.00 32.63  ? 152  CYS A SG  1 
ATOM   1201 N  N   . PHE A 1 153 ? 4.182   11.051  7.666   1.00 23.67  ? 153  PHE A N   1 
ATOM   1202 C  CA  . PHE A 1 153 ? 3.125   10.061  7.708   1.00 22.94  ? 153  PHE A CA  1 
ATOM   1203 C  C   . PHE A 1 153 ? 1.827   10.802  7.580   1.00 25.04  ? 153  PHE A C   1 
ATOM   1204 O  O   . PHE A 1 153 ? 1.529   11.682  8.381   1.00 25.86  ? 153  PHE A O   1 
ATOM   1205 C  CB  . PHE A 1 153 ? 3.151   9.295   9.016   1.00 20.56  ? 153  PHE A CB  1 
ATOM   1206 C  CG  . PHE A 1 153 ? 4.347   8.421   9.155   1.00 17.80  ? 153  PHE A CG  1 
ATOM   1207 C  CD1 . PHE A 1 153 ? 4.689   7.528   8.144   1.00 17.79  ? 153  PHE A CD1 1 
ATOM   1208 C  CD2 . PHE A 1 153 ? 5.115   8.451   10.307  1.00 16.82  ? 153  PHE A CD2 1 
ATOM   1209 C  CE1 . PHE A 1 153 ? 5.795   6.678   8.281   1.00 18.12  ? 153  PHE A CE1 1 
ATOM   1210 C  CE2 . PHE A 1 153 ? 6.220   7.603   10.453  1.00 16.55  ? 153  PHE A CE2 1 
ATOM   1211 C  CZ  . PHE A 1 153 ? 6.558   6.716   9.446   1.00 15.23  ? 153  PHE A CZ  1 
ATOM   1212 N  N   . GLU A 1 154 ? 1.050   10.448  6.568   1.00 26.17  ? 154  GLU A N   1 
ATOM   1213 C  CA  . GLU A 1 154 ? -0.209  11.130  6.355   1.00 28.61  ? 154  GLU A CA  1 
ATOM   1214 C  C   . GLU A 1 154 ? -1.393  10.196  6.207   1.00 29.18  ? 154  GLU A C   1 
ATOM   1215 O  O   . GLU A 1 154 ? -1.310  9.149   5.576   1.00 29.10  ? 154  GLU A O   1 
ATOM   1216 C  CB  . GLU A 1 154 ? -0.112  12.042  5.130   1.00 30.85  ? 154  GLU A CB  1 
ATOM   1217 C  CG  . GLU A 1 154 ? -1.361  12.875  4.906   1.00 33.88  ? 154  GLU A CG  1 
ATOM   1218 C  CD  . GLU A 1 154 ? -1.202  13.851  3.760   1.00 35.40  ? 154  GLU A CD  1 
ATOM   1219 O  OE1 . GLU A 1 154 ? -0.700  13.445  2.684   1.00 36.76  ? 154  GLU A OE1 1 
ATOM   1220 O  OE2 . GLU A 1 154 ? -1.585  15.027  3.931   1.00 36.43  ? 154  GLU A OE2 1 
ATOM   1221 N  N   . ILE A 1 155 ? -2.498  10.575  6.829   1.00 29.84  ? 155  ILE A N   1 
ATOM   1222 C  CA  . ILE A 1 155 ? -3.713  9.781   6.747   1.00 30.53  ? 155  ILE A CA  1 
ATOM   1223 C  C   . ILE A 1 155 ? -4.855  10.647  6.255   1.00 31.72  ? 155  ILE A C   1 
ATOM   1224 O  O   . ILE A 1 155 ? -5.235  11.631  6.894   1.00 32.28  ? 155  ILE A O   1 
ATOM   1225 C  CB  . ILE A 1 155 ? -4.101  9.159   8.107   1.00 30.36  ? 155  ILE A CB  1 
ATOM   1226 C  CG1 . ILE A 1 155 ? -2.844  8.680   8.835   1.00 29.42  ? 155  ILE A CG1 1 
ATOM   1227 C  CG2 . ILE A 1 155 ? -5.037  7.982   7.879   1.00 29.93  ? 155  ILE A CG2 1 
ATOM   1228 C  CD1 . ILE A 1 155 ? -3.136  7.809   10.040  1.00 29.09  ? 155  ILE A CD1 1 
ATOM   1229 N  N   . LEU A 1 156 ? -5.396  10.252  5.104   1.00 32.03  ? 156  LEU A N   1 
ATOM   1230 C  CA  . LEU A 1 156 ? -6.492  10.946  4.455   1.00 31.26  ? 156  LEU A CA  1 
ATOM   1231 C  C   . LEU A 1 156 ? -7.743  10.112  4.471   1.00 30.89  ? 156  LEU A C   1 
ATOM   1232 O  O   . LEU A 1 156 ? -7.699  8.898   4.244   1.00 29.12  ? 156  LEU A O   1 
ATOM   1233 C  CB  . LEU A 1 156 ? -6.160  11.207  3.001   1.00 33.75  ? 156  LEU A CB  1 
ATOM   1234 C  CG  . LEU A 1 156 ? -4.790  11.755  2.649   1.00 35.35  ? 156  LEU A CG  1 
ATOM   1235 C  CD1 . LEU A 1 156 ? -4.686  11.923  1.142   1.00 36.75  ? 156  LEU A CD1 1 
ATOM   1236 C  CD2 . LEU A 1 156 ? -4.580  13.070  3.367   1.00 35.14  ? 156  LEU A CD2 1 
ATOM   1237 N  N   . GLU A 1 157 ? -8.858  10.789  4.724   1.00 30.37  ? 157  GLU A N   1 
ATOM   1238 C  CA  . GLU A 1 157 ? -10.161 10.162  4.741   1.00 29.15  ? 157  GLU A CA  1 
ATOM   1239 C  C   . GLU A 1 157 ? -11.002 10.939  3.726   1.00 27.75  ? 157  GLU A C   1 
ATOM   1240 O  O   . GLU A 1 157 ? -11.129 12.168  3.820   1.00 25.58  ? 157  GLU A O   1 
ATOM   1241 C  CB  . GLU A 1 157 ? -10.740 10.198  6.165   1.00 31.42  ? 157  GLU A CB  1 
ATOM   1242 C  CG  . GLU A 1 157 ? -9.829  9.464   7.148   1.00 35.14  ? 157  GLU A CG  1 
ATOM   1243 C  CD  . GLU A 1 157 ? -10.453 9.248   8.498   1.00 36.38  ? 157  GLU A CD  1 
ATOM   1244 O  OE1 . GLU A 1 157 ? -11.401 9.988   8.829   1.00 37.35  ? 157  GLU A OE1 1 
ATOM   1245 O  OE2 . GLU A 1 157 ? -9.989  8.344   9.229   1.00 37.80  ? 157  GLU A OE2 1 
ATOM   1246 N  N   . ARG A 1 158 ? -11.533 10.203  2.744   1.00 26.86  ? 158  ARG A N   1 
ATOM   1247 C  CA  . ARG A 1 158 ? -12.367 10.729  1.646   1.00 27.49  ? 158  ARG A CA  1 
ATOM   1248 C  C   . ARG A 1 158 ? -13.563 11.516  2.173   1.00 28.18  ? 158  ARG A C   1 
ATOM   1249 O  O   . ARG A 1 158 ? -14.305 11.024  3.007   1.00 28.49  ? 158  ARG A O   1 
ATOM   1250 C  CB  . ARG A 1 158 ? -12.853 9.557   0.760   1.00 26.91  ? 158  ARG A CB  1 
ATOM   1251 C  CG  . ARG A 1 158 ? -13.618 9.945   -0.482  1.00 27.05  ? 158  ARG A CG  1 
ATOM   1252 C  CD  . ARG A 1 158 ? -14.327 8.748   -1.148  1.00 28.39  ? 158  ARG A CD  1 
ATOM   1253 N  NE  . ARG A 1 158 ? -13.432 7.865   -1.911  1.00 29.79  ? 158  ARG A NE  1 
ATOM   1254 C  CZ  . ARG A 1 158 ? -12.847 8.184   -3.066  1.00 29.25  ? 158  ARG A CZ  1 
ATOM   1255 N  NH1 . ARG A 1 158 ? -13.056 9.370   -3.606  1.00 29.55  ? 158  ARG A NH1 1 
ATOM   1256 N  NH2 . ARG A 1 158 ? -12.063 7.312   -3.691  1.00 29.10  ? 158  ARG A NH2 1 
ATOM   1257 N  N   . ARG A 1 159 ? -13.736 12.751  1.704   1.00 30.41  ? 159  ARG A N   1 
ATOM   1258 C  CA  . ARG A 1 159 ? -14.840 13.595  2.157   1.00 32.27  ? 159  ARG A CA  1 
ATOM   1259 C  C   . ARG A 1 159 ? -16.218 13.192  1.672   1.00 33.60  ? 159  ARG A C   1 
ATOM   1260 O  O   . ARG A 1 159 ? -17.081 12.905  2.528   1.00 38.53  ? 159  ARG A O   1 
ATOM   1261 C  CB  . ARG A 1 159 ? -14.555 15.048  1.790   1.00 32.90  ? 159  ARG A CB  1 
ATOM   1262 C  CG  . ARG A 1 159 ? -13.341 15.629  2.510   1.00 35.47  ? 159  ARG A CG  1 
ATOM   1263 C  CD  . ARG A 1 159 ? -13.077 17.039  2.067   1.00 36.49  ? 159  ARG A CD  1 
ATOM   1264 N  NE  . ARG A 1 159 ? -11.904 17.611  2.717   1.00 38.22  ? 159  ARG A NE  1 
ATOM   1265 C  CZ  . ARG A 1 159 ? -11.182 18.600  2.202   1.00 39.33  ? 159  ARG A CZ  1 
ATOM   1266 N  NH1 . ARG A 1 159 ? -11.511 19.126  1.027   1.00 40.02  ? 159  ARG A NH1 1 
ATOM   1267 N  NH2 . ARG A 1 159 ? -10.128 19.060  2.855   1.00 40.68  ? 159  ARG A NH2 1 
ATOM   1268 O  OXT . ARG A 1 159 ? -16.423 13.167  0.441   1.00 38.53  ? 159  ARG A OXT 1 
HETATM 1269 MN MN  . MN  B 2 .   ? -17.729 14.024  4.898   1.00 42.73  ? 300  MN  A MN  1 
HETATM 1270 P  PA  . NDP C 3 .   ? 1.028   -5.088  -8.796  1.00 62.15  ? 164  NDP A PA  1 
HETATM 1271 O  O1A . NDP C 3 .   ? -0.071  -4.213  -8.417  1.00 62.58  ? 164  NDP A O1A 1 
HETATM 1272 O  O2A . NDP C 3 .   ? 1.699   -5.740  -7.631  1.00 60.50  ? 164  NDP A O2A 1 
HETATM 1273 O  O5B . NDP C 3 .   ? 0.556   -6.239  -9.724  1.00 62.75  ? 164  NDP A O5B 1 
HETATM 1274 C  C5B . NDP C 3 .   ? -0.459  -6.006  -10.862 1.00 62.30  ? 164  NDP A C5B 1 
HETATM 1275 C  C4B . NDP C 3 .   ? -0.781  -7.447  -11.379 1.00 63.18  ? 164  NDP A C4B 1 
HETATM 1276 O  O4B . NDP C 3 .   ? -1.850  -8.295  -10.606 1.00 63.19  ? 164  NDP A O4B 1 
HETATM 1277 C  C3B . NDP C 3 .   ? -1.356  -7.442  -12.897 1.00 63.34  ? 164  NDP A C3B 1 
HETATM 1278 O  O3B . NDP C 3 .   ? -0.191  -7.379  -13.803 1.00 63.33  ? 164  NDP A O3B 1 
HETATM 1279 C  C2B . NDP C 3 .   ? -2.131  -8.799  -12.898 1.00 63.26  ? 164  NDP A C2B 1 
HETATM 1280 O  O2B . NDP C 3 .   ? -1.111  -9.886  -12.926 1.00 63.84  ? 164  NDP A O2B 1 
HETATM 1281 C  C1B . NDP C 3 .   ? -2.841  -8.741  -11.547 1.00 63.46  ? 164  NDP A C1B 1 
HETATM 1282 N  N9A . NDP C 3 .   ? -3.989  -7.821  -11.399 1.00 63.34  ? 164  NDP A N9A 1 
HETATM 1283 C  C8A . NDP C 3 .   ? -4.064  -6.485  -11.008 1.00 62.47  ? 164  NDP A C8A 1 
HETATM 1284 N  N7A . NDP C 3 .   ? -5.313  -6.130  -11.051 1.00 62.49  ? 164  NDP A N7A 1 
HETATM 1285 C  C5A . NDP C 3 .   ? -6.106  -7.201  -11.463 1.00 63.09  ? 164  NDP A C5A 1 
HETATM 1286 C  C6A . NDP C 3 .   ? -7.507  -7.436  -11.707 1.00 62.57  ? 164  NDP A C6A 1 
HETATM 1287 N  N6A . NDP C 3 .   ? -8.458  -6.500  -11.549 1.00 61.26  ? 164  NDP A N6A 1 
HETATM 1288 N  N1A . NDP C 3 .   ? -7.906  -8.701  -12.126 1.00 62.58  ? 164  NDP A N1A 1 
HETATM 1289 C  C2A . NDP C 3 .   ? -6.964  -9.675  -12.294 1.00 62.30  ? 164  NDP A C2A 1 
HETATM 1290 N  N3A . NDP C 3 .   ? -5.633  -9.558  -12.101 1.00 62.90  ? 164  NDP A N3A 1 
HETATM 1291 C  C4A . NDP C 3 .   ? -5.278  -8.293  -11.685 1.00 63.21  ? 164  NDP A C4A 1 
HETATM 1292 O  O3  . NDP C 3 .   ? 2.046   -4.302  -9.774  1.00 63.33  ? 164  NDP A O3  1 
HETATM 1293 P  PN  . NDP C 3 .   ? 2.847   -2.993  -10.360 1.00 63.57  ? 164  NDP A PN  1 
HETATM 1294 O  O1N . NDP C 3 .   ? 1.767   -1.926  -10.553 1.00 61.88  ? 164  NDP A O1N 1 
HETATM 1295 O  O2N . NDP C 3 .   ? 3.631   -3.327  -11.375 1.00 63.50  ? 164  NDP A O2N 1 
HETATM 1296 O  O5D . NDP C 3 .   ? 3.721   -2.532  -8.984  1.00 63.22  ? 164  NDP A O5D 1 
HETATM 1297 C  C5D . NDP C 3 .   ? 4.840   -3.277  -8.468  1.00 63.01  ? 164  NDP A C5D 1 
HETATM 1298 C  C4D . NDP C 3 .   ? 5.709   -2.056  -8.004  1.00 63.28  ? 164  NDP A C4D 1 
HETATM 1299 O  O4D . NDP C 3 .   ? 5.098   -1.190  -7.025  1.00 62.99  ? 164  NDP A O4D 1 
HETATM 1300 C  C3D . NDP C 3 .   ? 7.030   -2.624  -7.406  1.00 62.96  ? 164  NDP A C3D 1 
HETATM 1301 O  O3D . NDP C 3 .   ? 8.021   -1.720  -7.921  1.00 62.74  ? 164  NDP A O3D 1 
HETATM 1302 C  C2D . NDP C 3 .   ? 6.780   -2.534  -5.906  1.00 63.13  ? 164  NDP A C2D 1 
HETATM 1303 O  O2D . NDP C 3 .   ? 8.032   -2.542  -5.227  1.00 62.17  ? 164  NDP A O2D 1 
HETATM 1304 C  C1D . NDP C 3 .   ? 6.001   -1.198  -5.788  1.00 63.21  ? 164  NDP A C1D 1 
HETATM 1305 N  N1N . NDP C 3 .   ? 5.033   -1.074  -4.691  1.00 62.90  ? 164  NDP A N1N 1 
HETATM 1306 C  C2N . NDP C 3 .   ? 5.301   0.033   -3.838  1.00 62.99  ? 164  NDP A C2N 1 
HETATM 1307 C  C3N . NDP C 3 .   ? 4.542   0.353   -2.782  1.00 62.68  ? 164  NDP A C3N 1 
HETATM 1308 C  C7N . NDP C 3 .   ? 4.826   1.546   -1.860  1.00 63.05  ? 164  NDP A C7N 1 
HETATM 1309 O  O7N . NDP C 3 .   ? 4.118   1.811   -0.930  1.00 63.25  ? 164  NDP A O7N 1 
HETATM 1310 N  N7N . NDP C 3 .   ? 5.978   2.258   -2.240  1.00 63.40  ? 164  NDP A N7N 1 
HETATM 1311 C  C4N . NDP C 3 .   ? 3.205   -0.483  -2.352  1.00 62.46  ? 164  NDP A C4N 1 
HETATM 1312 C  C5N . NDP C 3 .   ? 3.072   -1.676  -3.382  1.00 61.86  ? 164  NDP A C5N 1 
HETATM 1313 C  C6N . NDP C 3 .   ? 3.882   -1.921  -4.416  1.00 62.09  ? 164  NDP A C6N 1 
HETATM 1314 P  P2B . NDP C 3 .   ? -1.472  -11.147 -13.813 1.00 64.73  ? 164  NDP A P2B 1 
HETATM 1315 O  O1X . NDP C 3 .   ? -0.936  -12.427 -13.157 1.00 62.96  ? 164  NDP A O1X 1 
HETATM 1316 O  O2X . NDP C 3 .   ? -2.927  -11.096 -13.959 1.00 63.03  ? 164  NDP A O2X 1 
HETATM 1317 O  O3X . NDP C 3 .   ? -0.686  -11.000 -15.130 1.00 64.34  ? 164  NDP A O3X 1 
HETATM 1318 N  N1  A 817 D 4 .   ? 5.377   1.403   2.878   0.48 45.88  ? 400  817 A N1  1 
HETATM 1319 N  N1  B 817 D 4 .   ? 5.408   1.433   2.871   0.52 67.73  ? 400  817 A N1  1 
HETATM 1320 C  C2  A 817 D 4 .   ? 3.144   0.332   1.731   0.48 46.56  ? 400  817 A C2  1 
HETATM 1321 C  C2  B 817 D 4 .   ? 3.179   0.316   1.746   0.52 70.06  ? 400  817 A C2  1 
HETATM 1322 N  N2  A 817 D 4 .   ? 4.110   2.810   4.217   0.48 45.82  ? 400  817 A N2  1 
HETATM 1323 N  N2  B 817 D 4 .   ? 4.118   2.787   4.243   0.52 67.33  ? 400  817 A N2  1 
HETATM 1324 N  N3  A 817 D 4 .   ? 3.072   1.415   2.584   0.48 46.29  ? 400  817 A N3  1 
HETATM 1325 N  N3  B 817 D 4 .   ? 3.102   1.415   2.578   0.52 68.97  ? 400  817 A N3  1 
HETATM 1326 C  C4  A 817 D 4 .   ? 5.071   -3.139  0.703   0.48 46.47  ? 400  817 A C4  1 
HETATM 1327 C  C4  B 817 D 4 .   ? 5.072   -3.242  1.049   0.52 71.93  ? 400  817 A C4  1 
HETATM 1328 C  C6  A 817 D 4 .   ? 6.579   -4.722  1.681   0.48 46.52  ? 400  817 A C6  1 
HETATM 1329 C  C6  B 817 D 4 .   ? 6.661   -4.672  -0.030  0.52 71.74  ? 400  817 A C6  1 
HETATM 1330 C  C7  A 817 D 4 .   ? 7.101   -4.996  0.430   0.48 45.85  ? 400  817 A C7  1 
HETATM 1331 C  C7  B 817 D 4 .   ? 7.007   -5.212  1.196   0.52 72.21  ? 400  817 A C7  1 
HETATM 1332 C  C9  A 817 D 4 .   ? 7.178   -4.640  -2.046  0.48 46.78  ? 400  817 A C9  1 
HETATM 1333 C  C9  B 817 D 4 .   ? 6.761   -5.356  3.683   0.52 73.59  ? 400  817 A C9  1 
HETATM 1334 C  C10 A 817 D 4 .   ? 5.592   -3.416  -0.547  0.48 46.37  ? 400  817 A C10 1 
HETATM 1335 C  C10 B 817 D 4 .   ? 5.421   -3.781  2.274   0.52 72.32  ? 400  817 A C10 1 
HETATM 1336 C  C1  A 817 D 4 .   ? 4.210   1.865   3.219   0.48 45.85  ? 400  817 A C1  1 
HETATM 1337 C  C1  B 817 D 4 .   ? 4.233   1.869   3.227   0.52 67.90  ? 400  817 A C1  1 
HETATM 1338 N  N4  A 817 D 4 .   ? 2.124   0.030   0.974   0.48 46.71  ? 400  817 A N4  1 
HETATM 1339 N  N4  B 817 D 4 .   ? 2.154   -0.019  1.014   0.52 70.29  ? 400  817 A N4  1 
HETATM 1340 S  S1  A 817 D 4 .   ? 4.610   -0.645  1.665   0.48 46.12  ? 400  817 A S1  1 
HETATM 1341 S  S1  B 817 D 4 .   ? 4.663   -0.633  1.672   0.52 70.60  ? 400  817 A S1  1 
HETATM 1342 C  C3  A 817 D 4 .   ? 3.967   -2.125  0.853   0.48 46.22  ? 400  817 A C3  1 
HETATM 1343 C  C3  B 817 D 4 .   ? 4.018   -2.169  0.969   0.52 71.28  ? 400  817 A C3  1 
HETATM 1344 C  C5  A 817 D 4 .   ? 5.565   -3.792  1.818   0.48 46.56  ? 400  817 A C5  1 
HETATM 1345 C  C5  B 817 D 4 .   ? 5.694   -3.688  -0.104  0.52 71.87  ? 400  817 A C5  1 
HETATM 1346 C  C8  A 817 D 4 .   ? 6.609   -4.342  -0.683  0.48 46.33  ? 400  817 A C8  1 
HETATM 1347 C  C8  B 817 D 4 .   ? 6.385   -4.769  2.348   0.52 73.10  ? 400  817 A C8  1 
HETATM 1348 F  F1  A 817 D 4 .   ? 8.566   -4.771  -1.952  0.48 47.27  ? 400  817 A F1  1 
HETATM 1349 F  F1  B 817 D 4 .   ? 8.075   -5.831  3.628   0.52 73.80  ? 400  817 A F1  1 
HETATM 1350 F  F2  A 817 D 4 .   ? 6.628   -5.836  -2.529  0.47 47.47  ? 400  817 A F2  1 
HETATM 1351 F  F2  B 817 D 4 .   ? 6.665   -4.367  4.670   0.52 74.26  ? 400  817 A F2  1 
HETATM 1352 F  F3  A 817 D 4 .   ? 6.863   -3.597  -2.921  0.49 45.98  ? 400  817 A F3  1 
HETATM 1353 F  F3  B 817 D 4 .   ? 5.896   -6.407  3.991   0.51 74.37  ? 400  817 A F3  1 
HETATM 1354 O  O   . HOH E 5 .   ? -9.434  10.790  -5.447  1.00 24.59  ? 1000 HOH A O   1 
HETATM 1355 O  O   . HOH E 5 .   ? -17.088 17.432  -4.197  1.00 41.22  ? 1001 HOH A O   1 
HETATM 1356 O  O   . HOH E 5 .   ? -17.688 15.367  7.051   1.00 37.97  ? 1002 HOH A O   1 
HETATM 1357 O  O   . HOH E 5 .   ? -6.381  19.564  -9.185  1.00 36.87  ? 1003 HOH A O   1 
HETATM 1358 O  O   . HOH E 5 .   ? -20.716 -11.237 5.910   1.00 38.59  ? 1004 HOH A O   1 
HETATM 1359 O  O   . HOH E 5 .   ? 1.701   5.131   4.652   1.00 34.79  ? 1005 HOH A O   1 
HETATM 1360 O  O   . HOH E 5 .   ? -13.571 17.145  -6.707  1.00 40.15  ? 1006 HOH A O   1 
HETATM 1361 O  O   . HOH E 5 .   ? -1.696  -19.039 -16.171 1.00 38.38  ? 1007 HOH A O   1 
HETATM 1362 O  O   . HOH E 5 .   ? -7.277  21.070  -6.023  1.00 36.74  ? 1008 HOH A O   1 
HETATM 1363 O  O   . HOH E 5 .   ? -21.609 -10.055 9.173   1.00 40.12  ? 1009 HOH A O   1 
HETATM 1364 O  O   . HOH E 5 .   ? 5.006   12.613  -2.469  1.00 36.33  ? 1010 HOH A O   1 
HETATM 1365 O  O   . HOH E 5 .   ? -6.896  20.907  -1.967  1.00 36.80  ? 1011 HOH A O   1 
HETATM 1366 O  O   . HOH E 5 .   ? 17.859  13.919  12.803  1.00 39.11  ? 1012 HOH A O   1 
HETATM 1367 O  O   . HOH E 5 .   ? -1.287  6.779   14.092  1.00 39.48  ? 1013 HOH A O   1 
HETATM 1368 O  O   . HOH E 5 .   ? -10.149 7.822   -10.076 1.00 39.71  ? 1014 HOH A O   1 
HETATM 1369 O  O   . HOH E 5 .   ? 12.367  -11.311 -5.830  1.00 40.95  ? 1015 HOH A O   1 
HETATM 1370 O  O   . HOH E 5 .   ? -4.907  16.714  11.643  1.00 39.66  ? 1016 HOH A O   1 
HETATM 1371 O  O   . HOH E 5 .   ? 15.414  3.129   13.620  1.00 38.26  ? 1017 HOH A O   1 
HETATM 1372 O  O   . HOH E 5 .   ? -15.021 15.707  -5.611  1.00 37.39  ? 1018 HOH A O   1 
HETATM 1373 O  O   . HOH E 5 .   ? 6.256   -6.807  7.942   1.00 34.51  ? 1019 HOH A O   1 
HETATM 1374 O  O   . HOH E 5 .   ? -6.412  -10.880 9.040   1.00 40.12  ? 1020 HOH A O   1 
HETATM 1375 O  O   . HOH E 5 .   ? 13.717  4.976   13.572  1.00 41.98  ? 1021 HOH A O   1 
HETATM 1376 O  O   . HOH E 5 .   ? -20.933 -8.950  4.796   1.00 39.23  ? 1022 HOH A O   1 
HETATM 1377 O  O   . HOH E 5 .   ? -20.453 -8.801  -5.544  1.00 39.01  ? 1023 HOH A O   1 
HETATM 1378 O  O   . HOH E 5 .   ? -6.615  -19.906 -3.949  1.00 37.46  ? 1024 HOH A O   1 
HETATM 1379 O  O   . HOH E 5 .   ? 21.310  4.966   7.440   1.00 37.48  ? 1025 HOH A O   1 
HETATM 1380 O  O   . HOH E 5 .   ? -2.285  12.963  -7.580  1.00 39.51  ? 1026 HOH A O   1 
HETATM 1381 O  O   . HOH E 5 .   ? -8.491  -13.984 12.477  1.00 38.36  ? 1027 HOH A O   1 
HETATM 1382 O  O   . HOH E 5 .   ? -8.987  9.988   -10.284 1.00 36.23  ? 1028 HOH A O   1 
HETATM 1383 O  O   . HOH E 5 .   ? -0.784  15.976  -10.568 1.00 39.07  ? 1029 HOH A O   1 
HETATM 1384 O  O   . HOH E 5 .   ? 18.946  7.954   -11.793 1.00 36.75  ? 1030 HOH A O   1 
HETATM 1385 O  O   . HOH E 5 .   ? 8.126   -8.454  5.924   1.00 38.84  ? 1031 HOH A O   1 
HETATM 1386 O  O   . HOH E 5 .   ? -4.479  21.503  -3.414  1.00 39.02  ? 1032 HOH A O   1 
HETATM 1387 O  O   . HOH E 5 .   ? 5.386   -17.613 -11.315 1.00 36.49  ? 1033 HOH A O   1 
HETATM 1388 O  O   . HOH E 5 .   ? -2.769  4.375   12.737  1.00 39.19  ? 1034 HOH A O   1 
HETATM 1389 O  O   . HOH E 5 .   ? 2.129   -18.869 -12.569 1.00 37.55  ? 1035 HOH A O   1 
HETATM 1390 O  O   . HOH E 5 .   ? -15.538 -3.835  3.859   1.00 40.22  ? 1036 HOH A O   1 
HETATM 1391 O  O   . HOH E 5 .   ? 6.697   -5.453  15.033  1.00 37.70  ? 1037 HOH A O   1 
HETATM 1392 O  O   . HOH E 5 .   ? 2.672   4.233   -12.972 1.00 38.22  ? 1038 HOH A O   1 
HETATM 1393 O  O   . HOH E 5 .   ? -8.777  -11.181 -13.488 1.00 37.65  ? 1039 HOH A O   1 
HETATM 1394 O  O   . HOH E 5 .   ? -17.938 -7.498  -3.557  1.00 38.02  ? 1040 HOH A O   1 
HETATM 1395 O  O   . HOH E 5 .   ? -17.519 17.315  -7.061  1.00 38.55  ? 1041 HOH A O   1 
HETATM 1396 O  O   . HOH E 5 .   ? 5.249   -0.929  14.833  1.00 35.99  ? 1042 HOH A O   1 
HETATM 1397 O  O   . HOH E 5 .   ? 7.314   4.710   13.113  1.00 36.68  ? 1043 HOH A O   1 
HETATM 1398 O  O   . HOH E 5 .   ? 14.062  17.887  14.440  1.00 39.64  ? 1044 HOH A O   1 
HETATM 1399 O  O   . HOH E 5 .   ? 8.021   -1.834  -15.589 1.00 40.33  ? 1045 HOH A O   1 
HETATM 1400 O  O   . HOH E 5 .   ? -0.600  4.210   16.838  1.00 38.45  ? 1046 HOH A O   1 
HETATM 1401 O  O   . HOH E 5 .   ? -5.674  5.019   12.891  1.00 39.01  ? 1047 HOH A O   1 
HETATM 1402 O  O   . HOH E 5 .   ? -5.585  -13.323 11.094  1.00 39.26  ? 1048 HOH A O   1 
HETATM 1403 O  O   . HOH E 5 .   ? 21.100  9.733   7.660   1.00 39.30  ? 1049 HOH A O   1 
HETATM 1404 O  O   . HOH E 5 .   ? 11.228  -1.546  11.148  1.00 41.35  ? 1050 HOH A O   1 
HETATM 1405 O  O   . HOH E 5 .   ? -6.957  0.225   13.117  1.00 39.03  ? 1051 HOH A O   1 
HETATM 1406 O  O   . HOH E 5 .   ? 4.583   -10.342 -14.196 1.00 41.53  ? 1052 HOH A O   1 
HETATM 1407 O  O   . HOH E 5 .   ? -7.681  -14.588 8.763   1.00 37.98  ? 1053 HOH A O   1 
HETATM 1408 O  O   . HOH E 5 .   ? -16.835 1.841   -6.931  1.00 38.35  ? 1054 HOH A O   1 
HETATM 1409 O  O   . HOH E 5 .   ? -9.102  2.879   11.375  1.00 38.12  ? 1055 HOH A O   1 
HETATM 1410 O  O   . HOH E 5 .   ? 3.880   0.554   17.430  1.00 38.30  ? 1056 HOH A O   1 
HETATM 1411 O  O   . HOH E 5 .   ? -16.154 -1.260  2.599   1.00 40.09  ? 1057 HOH A O   1 
HETATM 1412 O  O   . HOH E 5 .   ? 18.526  3.667   5.534   1.00 38.10  ? 1058 HOH A O   1 
HETATM 1413 O  O   . HOH E 5 .   ? -1.366  -21.202 3.860   1.00 37.97  ? 1059 HOH A O   1 
HETATM 1414 O  O   . HOH E 5 .   ? -11.026 8.314   -7.051  1.00 35.94  ? 1060 HOH A O   1 
HETATM 1415 O  O   . HOH E 5 .   ? 1.197   -21.551 5.668   1.00 41.20  ? 1061 HOH A O   1 
HETATM 1416 O  O   . HOH E 5 .   ? -17.142 9.882   1.131   1.00 38.69  ? 1062 HOH A O   1 
HETATM 1417 O  O   . HOH E 5 .   ? -5.597  22.333  -10.443 1.00 41.07  ? 1063 HOH A O   1 
HETATM 1418 O  O   . HOH E 5 .   ? 19.252  1.127   6.883   1.00 39.85  ? 1064 HOH A O   1 
HETATM 1419 O  O   . HOH E 5 .   ? 3.486   -1.262  -14.178 1.00 40.87  ? 1065 HOH A O   1 
HETATM 1420 O  O   . HOH E 5 .   ? 6.921   16.369  -5.784  1.00 38.44  ? 1066 HOH A O   1 
HETATM 1421 O  O   . HOH E 5 .   ? -5.549  16.979  1.625   1.00 37.91  ? 1067 HOH A O   1 
HETATM 1422 O  O   . HOH E 5 .   ? 11.535  -13.549 -4.195  1.00 38.12  ? 1068 HOH A O   1 
HETATM 1423 O  O   . HOH E 5 .   ? -2.711  -27.658 -1.721  1.00 38.35  ? 1069 HOH A O   1 
HETATM 1424 O  O   . HOH E 5 .   ? 2.183   15.335  5.132   1.00 35.99  ? 1070 HOH A O   1 
HETATM 1425 O  O   . HOH E 5 .   ? 18.296  14.462  3.948   1.00 39.11  ? 1071 HOH A O   1 
HETATM 1426 O  O   . HOH E 5 .   ? -8.862  -7.706  13.207  1.00 36.35  ? 1072 HOH A O   1 
HETATM 1427 O  O   . HOH E 5 .   ? -4.651  -29.671 0.151   1.00 39.03  ? 1073 HOH A O   1 
HETATM 1428 O  O   . HOH E 5 .   ? -11.949 -10.874 -15.213 1.00 39.37  ? 1074 HOH A O   1 
HETATM 1429 O  O   . HOH E 5 .   ? 4.616   15.716  3.071   1.00 39.86  ? 1075 HOH A O   1 
HETATM 1430 O  O   . HOH E 5 .   ? 20.541  12.364  12.919  1.00 38.83  ? 1076 HOH A O   1 
HETATM 1431 O  O   . HOH E 5 .   ? 20.175  14.349  9.466   1.00 38.97  ? 1077 HOH A O   1 
HETATM 1432 O  O   . HOH E 5 .   ? -11.076 -17.551 3.628   1.00 40.94  ? 1078 HOH A O   1 
HETATM 1433 O  O   . HOH E 5 .   ? -16.140 16.097  -9.184  1.00 39.74  ? 1079 HOH A O   1 
HETATM 1434 O  O   . HOH E 5 .   ? 12.084  14.674  13.770  1.00 38.11  ? 1080 HOH A O   1 
HETATM 1435 O  O   . HOH E 5 .   ? -7.910  -17.345 -8.314  1.00 36.24  ? 1081 HOH A O   1 
HETATM 1436 O  O   . HOH E 5 .   ? -1.329  15.538  0.398   1.00 40.82  ? 1082 HOH A O   1 
HETATM 1437 O  O   . HOH E 5 .   ? 13.212  0.678   3.775   1.00 39.42  ? 1083 HOH A O   1 
HETATM 1438 O  O   . HOH E 5 .   ? -3.191  -13.799 10.592  1.00 42.45  ? 1084 HOH A O   1 
HETATM 1439 O  O   . HOH E 5 .   ? -5.596  -16.000 -9.521  1.00 41.97  ? 1085 HOH A O   1 
HETATM 1440 O  O   . HOH E 5 .   ? -18.180 -6.096  10.338  1.00 41.78  ? 1086 HOH A O   1 
HETATM 1441 O  O   . HOH E 5 .   ? -22.769 -12.005 8.358   1.00 41.68  ? 1087 HOH A O   1 
HETATM 1442 O  O   . HOH E 5 .   ? 13.597  9.057   -13.924 1.00 44.64  ? 1088 HOH A O   1 
HETATM 1443 O  O   . HOH E 5 .   ? 18.774  11.836  -12.362 1.00 41.20  ? 1089 HOH A O   1 
HETATM 1444 O  O   . HOH E 5 .   ? 5.384   1.164   -16.472 1.00 45.16  ? 1090 HOH A O   1 
HETATM 1445 O  O   . HOH E 5 .   ? 8.039   17.437  12.067  1.00 41.83  ? 1091 HOH A O   1 
HETATM 1446 O  O   . HOH E 5 .   ? 15.424  -0.924  -7.120  1.00 42.71  ? 1092 HOH A O   1 
HETATM 1447 O  O   . HOH E 5 .   ? 1.614   -17.910 -14.800 1.00 42.17  ? 1093 HOH A O   1 
HETATM 1448 O  O   . HOH E 5 .   ? 8.419   0.056   -16.917 1.00 41.77  ? 1094 HOH A O   1 
HETATM 1449 O  O   . HOH E 5 .   ? -7.986  16.849  11.503  1.00 42.69  ? 1095 HOH A O   1 
HETATM 1450 O  O   . HOH E 5 .   ? -7.522  8.526   -11.429 1.00 42.41  ? 1096 HOH A O   1 
HETATM 1451 O  O   . HOH E 5 .   ? -2.856  16.973  2.087   1.00 51.66  ? 1097 HOH A O   1 
HETATM 1452 O  O   . HOH E 5 .   ? -4.583  5.755   -12.408 1.00 49.79  ? 1098 HOH A O   1 
HETATM 1453 O  O   . HOH E 5 .   ? 9.610   1.628   2.828   1.00 51.86  ? 1099 HOH A O   1 
HETATM 1454 O  O   . HOH E 5 .   ? -12.996 -12.665 -12.672 1.00 56.93  ? 1100 HOH A O   1 
HETATM 1455 O  O   . HOH E 5 .   ? -19.426 17.580  6.164   1.00 87.83  ? 1101 HOH A O   1 
HETATM 1456 O  O   . HOH E 5 .   ? 8.530   -6.959  10.405  1.00 52.44  ? 1102 HOH A O   1 
HETATM 1457 O  O   . HOH E 5 .   ? 13.047  12.634  15.042  1.00 65.47  ? 1103 HOH A O   1 
HETATM 1458 O  O   . HOH E 5 .   ? 14.251  -1.697  5.482   1.00 88.20  ? 1104 HOH A O   1 
HETATM 1459 O  O   . HOH E 5 .   ? 6.022   9.720   16.125  1.00 77.92  ? 1105 HOH A O   1 
HETATM 1460 O  O   . HOH E 5 .   ? 10.052  10.166  16.005  1.00 52.35  ? 1106 HOH A O   1 
HETATM 1461 O  O   . HOH E 5 .   ? 10.357  14.058  16.730  1.00 36.80  ? 1107 HOH A O   1 
HETATM 1462 O  O   . HOH E 5 .   ? 7.490   -19.466 -12.645 1.00 37.09  ? 1108 HOH A O   1 
HETATM 1463 O  O   . HOH E 5 .   ? -5.340  -11.554 12.945  1.00 37.20  ? 1109 HOH A O   1 
HETATM 1464 O  O   . HOH E 5 .   ? 3.484   -17.245 -5.957  1.00 37.18  ? 1110 HOH A O   1 
HETATM 1465 O  O   . HOH E 5 .   ? -8.681  6.872   11.832  1.00 37.90  ? 1111 HOH A O   1 
HETATM 1466 O  O   . HOH E 5 .   ? -11.975 2.146   11.018  1.00 39.46  ? 1112 HOH A O   1 
HETATM 1467 O  O   . HOH E 5 .   ? -0.372  2.518   -15.619 1.00 37.72  ? 1113 HOH A O   1 
HETATM 1468 O  O   . HOH E 5 .   ? -9.630  -3.573  11.080  1.00 37.06  ? 1114 HOH A O   1 
HETATM 1469 O  O   . HOH E 5 .   ? 5.677   -1.390  -13.881 1.00 37.62  ? 1115 HOH A O   1 
HETATM 1470 O  O   . HOH E 5 .   ? 13.550  -9.401  -4.765  1.00 37.62  ? 1116 HOH A O   1 
HETATM 1471 O  O   . HOH E 5 .   ? 15.401  1.592   -8.021  1.00 42.71  ? 1117 HOH A O   1 
# 
